data_9FAS
#
_entry.id   9FAS
#
_cell.length_a   1.00
_cell.length_b   1.00
_cell.length_c   1.00
_cell.angle_alpha   90.00
_cell.angle_beta   90.00
_cell.angle_gamma   90.00
#
_symmetry.space_group_name_H-M   'P 1'
#
loop_
_entity.id
_entity.type
_entity.pdbx_description
1 polymer 'Gamma-aminobutyric acid receptor subunit alpha-1'
2 polymer 'Gamma-aminobutyric acid receptor subunit beta-3'
3 polymer 'Isoform 1 of Gamma-aminobutyric acid receptor subunit gamma-2'
4 branched alpha-D-mannopyranose-(1-2)-alpha-D-mannopyranose-(1-2)-alpha-D-mannopyranose-(1-3)-[alpha-D-mannopyranose-(1-2)-alpha-D-mannopyranose-(1-6)-[alpha-D-mannopyranose-(1-3)]alpha-D-mannopyranose-(1-6)]beta-D-mannopyranose-(1-4)-2-acetamido-2-deoxy-beta-D-glucopyranose-(1-4)-2-acetamido-2-deoxy-beta-D-glucopyranose
5 branched beta-D-mannopyranose-(1-4)-2-acetamido-2-deoxy-beta-D-glucopyranose-(1-4)-2-acetamido-2-deoxy-beta-D-glucopyranose
6 branched alpha-D-mannopyranose-(1-3)-alpha-D-mannopyranose-(1-6)-[alpha-D-mannopyranose-(1-3)]beta-D-mannopyranose-(1-4)-2-acetamido-2-deoxy-beta-D-glucopyranose-(1-4)-2-acetamido-2-deoxy-beta-D-glucopyranose
7 branched alpha-D-mannopyranose-(1-2)-alpha-D-mannopyranose-(1-3)-[alpha-D-mannopyranose-(1-6)]beta-D-mannopyranose-(1-4)-2-acetamido-2-deoxy-beta-D-glucopyranose-(1-4)-2-acetamido-2-deoxy-beta-D-glucopyranose
8 non-polymer HEXANE
9 non-polymer '[(2R)-2-octanoyloxy-3-[oxidanyl-[(1R,2R,3S,4R,5R,6S)-2,3,6-tris(oxidanyl)-4,5-diphosphonooxy-cyclohexyl]oxy-phosphoryl]oxy-propyl] octanoate'
10 non-polymer '(1R)-2-{[(S)-{[(2S)-2,3-dihydroxypropyl]oxy}(hydroxy)phosphoryl]oxy}-1-[(hexadecanoyloxy)methyl]ethyl (9Z)-octadec-9-enoate'
11 non-polymer DECANE
12 non-polymer 'PALMITIC ACID'
13 non-polymer 'CHLORIDE ION'
14 non-polymer 1,2-DILAUROYL-SN-GLYCERO-3-PHOSPHATE
15 non-polymer HEXADECANE
16 non-polymer 'Pregnenolone sulfate'
17 non-polymer 2-acetamido-2-deoxy-beta-D-glucopyranose
18 water water
#
loop_
_entity_poly.entity_id
_entity_poly.type
_entity_poly.pdbx_seq_one_letter_code
_entity_poly.pdbx_strand_id
1 'polypeptide(L)'
;DNTTVFTRILDRLLDGYDNRLRPGLGERVTEVKTDIFVTSFGPVSDHDMEYTIDVFFRQSWKDERLKFKGPMTVLRLNNL
MASKIWTPDTFFHNGKKSVAHNMTMPNKLLRITEDGTLLYTMRLTVRAECPMHLEDFPMDAHACPLKFGSYAYTRAEVVY
EWTREPARSVVVAEDGSRLNQYDLLGQTVDSGIVQSSTGEYVVMTTHFHLKRKIGYFVIQTYLPCIMTVILSQVSFWLNR
ESVPARTVFGVTTVLTMTTLSISARNSLPKVAYATAMDWFIAVCYAFVFSALIEFATVNYFTKRGYAWDGKSVVPEKPKK
VKDPLIKKNNTYAPTATSYTPNLARGDPGLATIAKSATIEPKEVKPETKPPEPKKTFNSVSKIDRLSRIAFPLLFGIFNL
VYWATYLNR
;
A,D
2 'polypeptide(L)'
;GNMSFVKETVDKLLKGYDIRLRPDFGGPPVCVGMNIDIASIDMVSEVNMDYTLTMYFQQYWRDKRLAYSGIPLNLTLDNR
VADQLWVPDTYFLNDKKSFVHGVTVKNRMIRLHPDGTVLYGLRITTTAACMMDLRRYPLDEQNCTLEIESYGYTTDDIEF
YWRGGDKAVTGVERIELPQFSIVEHRLVSRNVVFATGAYPRLSLSFRLKRNIGYFILQTYMPSILITILSWVSFWINYDA
SAARVALGITTVLTMTTINTHLRETLPKIPYVKAIDMYLMGCFVFVFLALLEYAFVNYIFFGRGPQRQKKLAEKTAKAKN
DRSKSESNRVDAHGNILLTSLEVHNEMNEVSGGIGDTRNSAISFDNSGIQYRKQSMPREGHGRFLGDRSLPHKKTHLRRR
SSQLKIKIPDLTDVNAIDRWSRIVFPFTFSLFNLVYWLYYV
;
B,E
3 'polypeptide(L)'
;GDVTVILNNLLEGYDNKLRPDIGVKPTLIHTDMYVNSIGPVNAINMEYTIDIFFAQTWYDRRLKFNSTIKVLRLNSNMVG
KIWIPDTFFRNSKKADAHWITTPNRMLRIWNDGRVLYTLRLTIDAECQLQLHNFPMDEHSCPLEFSSYGYPREEIVYQWK
RSSVEVGDTRSWRLYQFSFVGLRNTTEVVKTTSGDYVVMSVYFDLSRRMGYFTIQTYIPCTLIVVLSWVSFWINKDAVPA
RTSLGITTVLTMTTLSTIARKSLPKVSYVTAMDLFVSVCFIFVFSALVEYGTLHYFVSNRKPSKDKDKKKKNPLLRMFSF
KAPTIDIRPRSATIQMNNATHLQERDEEYGYECLDGKDCASFFCCFEDCRTGAWRHGRIHIRIAKMDSYARIFFPTAFCL
FNLVYWVSYLYL
;
C
#
# COMPACT_ATOMS: atom_id res chain seq x y z
N ASP A 1 -36.44 -28.06 -40.02
CA ASP A 1 -35.67 -28.54 -38.88
C ASP A 1 -36.26 -28.01 -37.58
N ASN A 2 -35.98 -28.72 -36.48
CA ASN A 2 -36.50 -28.29 -35.18
C ASN A 2 -35.88 -26.97 -34.74
N THR A 3 -34.58 -26.79 -34.99
CA THR A 3 -33.83 -25.63 -34.50
C THR A 3 -33.64 -24.56 -35.57
N THR A 4 -34.63 -24.36 -36.45
CA THR A 4 -34.60 -23.32 -37.47
C THR A 4 -35.57 -22.18 -37.20
N VAL A 5 -36.70 -22.46 -36.55
CA VAL A 5 -37.65 -21.39 -36.23
C VAL A 5 -37.02 -20.42 -35.23
N PHE A 6 -36.21 -20.93 -34.30
CA PHE A 6 -35.55 -20.06 -33.33
C PHE A 6 -34.57 -19.13 -34.02
N THR A 7 -33.77 -19.67 -34.96
CA THR A 7 -32.83 -18.83 -35.70
C THR A 7 -33.57 -17.80 -36.54
N ARG A 8 -34.68 -18.21 -37.17
CA ARG A 8 -35.45 -17.26 -37.98
C ARG A 8 -36.00 -16.13 -37.11
N ILE A 9 -36.55 -16.46 -35.94
CA ILE A 9 -37.11 -15.44 -35.06
C ILE A 9 -36.00 -14.50 -34.57
N LEU A 10 -34.85 -15.07 -34.20
CA LEU A 10 -33.74 -14.23 -33.74
C LEU A 10 -33.27 -13.30 -34.85
N ASP A 11 -33.18 -13.80 -36.09
CA ASP A 11 -32.77 -12.96 -37.20
C ASP A 11 -33.77 -11.84 -37.46
N ARG A 12 -35.06 -12.16 -37.43
CA ARG A 12 -36.09 -11.19 -37.77
C ARG A 12 -36.46 -10.26 -36.61
N LEU A 13 -35.95 -10.52 -35.41
CA LEU A 13 -36.31 -9.69 -34.25
C LEU A 13 -35.80 -8.26 -34.42
N LEU A 14 -34.58 -8.11 -34.92
CA LEU A 14 -33.91 -6.80 -34.94
C LEU A 14 -34.13 -6.01 -36.22
N ASP A 15 -34.95 -6.51 -37.16
CA ASP A 15 -35.18 -5.79 -38.40
C ASP A 15 -35.92 -4.49 -38.12
N GLY A 16 -35.31 -3.38 -38.51
CA GLY A 16 -35.90 -2.07 -38.32
C GLY A 16 -35.77 -1.51 -36.93
N TYR A 17 -35.09 -2.20 -36.02
CA TYR A 17 -34.97 -1.75 -34.64
C TYR A 17 -33.89 -0.69 -34.54
N ASP A 18 -34.22 0.42 -33.87
CA ASP A 18 -33.27 1.50 -33.60
C ASP A 18 -33.02 1.54 -32.09
N ASN A 19 -31.81 1.16 -31.69
CA ASN A 19 -31.45 1.13 -30.28
C ASN A 19 -31.09 2.50 -29.72
N ARG A 20 -31.02 3.54 -30.56
CA ARG A 20 -30.77 4.88 -30.06
C ARG A 20 -31.98 5.50 -29.37
N LEU A 21 -33.19 4.98 -29.63
CA LEU A 21 -34.42 5.52 -29.09
C LEU A 21 -34.98 4.58 -28.03
N ARG A 22 -35.39 5.15 -26.90
CA ARG A 22 -35.99 4.35 -25.84
C ARG A 22 -37.37 3.87 -26.27
N PRO A 23 -37.89 2.81 -25.64
CA PRO A 23 -39.26 2.38 -25.95
C PRO A 23 -40.27 3.48 -25.63
N GLY A 24 -41.25 3.64 -26.52
CA GLY A 24 -42.28 4.64 -26.32
C GLY A 24 -41.78 6.06 -26.28
N LEU A 25 -40.76 6.38 -27.07
CA LEU A 25 -40.25 7.74 -27.11
C LEU A 25 -41.28 8.66 -27.75
N GLY A 26 -41.63 9.74 -27.05
CA GLY A 26 -42.63 10.66 -27.56
C GLY A 26 -44.06 10.18 -27.46
N GLU A 27 -44.31 9.06 -26.77
CA GLU A 27 -45.64 8.49 -26.61
C GLU A 27 -45.99 8.22 -25.16
N ARG A 28 -45.02 7.80 -24.35
CA ARG A 28 -45.28 7.47 -22.95
C ARG A 28 -43.95 7.45 -22.21
N VAL A 29 -44.03 7.22 -20.91
CA VAL A 29 -42.86 7.16 -20.03
C VAL A 29 -42.44 5.72 -19.88
N THR A 30 -41.14 5.46 -19.99
CA THR A 30 -40.61 4.11 -19.83
C THR A 30 -40.52 3.78 -18.35
N GLU A 31 -41.20 2.71 -17.93
CA GLU A 31 -41.22 2.26 -16.55
C GLU A 31 -40.28 1.07 -16.39
N VAL A 32 -39.40 1.14 -15.40
CA VAL A 32 -38.43 0.10 -15.11
C VAL A 32 -38.69 -0.39 -13.70
N LYS A 33 -38.94 -1.70 -13.56
CA LYS A 33 -39.11 -2.33 -12.26
C LYS A 33 -37.79 -2.97 -11.86
N THR A 34 -37.32 -2.63 -10.66
CA THR A 34 -35.97 -2.97 -10.22
C THR A 34 -36.02 -3.75 -8.92
N ASP A 35 -35.07 -4.67 -8.76
CA ASP A 35 -34.87 -5.33 -7.47
C ASP A 35 -33.42 -5.75 -7.34
N ILE A 36 -33.01 -5.96 -6.09
CA ILE A 36 -31.61 -6.20 -5.72
C ILE A 36 -31.56 -7.41 -4.80
N PHE A 37 -30.62 -8.32 -5.07
CA PHE A 37 -30.30 -9.43 -4.18
C PHE A 37 -28.86 -9.28 -3.74
N VAL A 38 -28.64 -8.88 -2.49
CA VAL A 38 -27.31 -8.67 -1.95
C VAL A 38 -26.73 -10.03 -1.60
N THR A 39 -25.74 -10.49 -2.37
CA THR A 39 -25.11 -11.77 -2.08
C THR A 39 -24.15 -11.67 -0.91
N SER A 40 -23.57 -10.50 -0.67
CA SER A 40 -22.68 -10.29 0.46
C SER A 40 -22.48 -8.80 0.72
N PHE A 41 -22.62 -8.38 1.98
CA PHE A 41 -22.36 -7.01 2.37
C PHE A 41 -20.89 -6.89 2.74
N GLY A 42 -20.12 -6.21 1.90
CA GLY A 42 -18.69 -6.22 2.01
C GLY A 42 -18.20 -5.47 3.21
N PRO A 43 -16.88 -5.42 3.38
CA PRO A 43 -16.30 -4.72 4.54
C PRO A 43 -16.52 -3.21 4.43
N VAL A 44 -16.50 -2.58 5.60
CA VAL A 44 -16.64 -1.13 5.74
C VAL A 44 -15.28 -0.56 6.08
N SER A 45 -14.87 0.49 5.36
CA SER A 45 -13.60 1.16 5.57
C SER A 45 -13.86 2.50 6.25
N ASP A 46 -13.53 2.58 7.54
CA ASP A 46 -13.72 3.82 8.28
C ASP A 46 -12.81 4.92 7.75
N HIS A 47 -11.57 4.58 7.41
CA HIS A 47 -10.61 5.58 6.98
C HIS A 47 -11.06 6.26 5.68
N ASP A 48 -11.52 5.47 4.72
CA ASP A 48 -11.97 6.00 3.44
C ASP A 48 -13.46 6.39 3.45
N MET A 49 -14.20 6.04 4.49
CA MET A 49 -15.63 6.32 4.58
C MET A 49 -16.37 5.75 3.37
N GLU A 50 -16.30 4.43 3.23
CA GLU A 50 -16.91 3.75 2.10
C GLU A 50 -17.17 2.30 2.50
N TYR A 51 -17.95 1.62 1.66
CA TYR A 51 -18.24 0.21 1.89
C TYR A 51 -18.44 -0.49 0.55
N THR A 52 -18.18 -1.79 0.54
CA THR A 52 -18.32 -2.63 -0.63
C THR A 52 -19.57 -3.48 -0.51
N ILE A 53 -20.21 -3.76 -1.64
CA ILE A 53 -21.42 -4.58 -1.68
C ILE A 53 -21.45 -5.35 -2.99
N ASP A 54 -21.76 -6.65 -2.91
CA ASP A 54 -21.88 -7.52 -4.08
C ASP A 54 -23.35 -7.86 -4.27
N VAL A 55 -23.88 -7.57 -5.46
CA VAL A 55 -25.31 -7.64 -5.70
C VAL A 55 -25.60 -8.34 -7.03
N PHE A 56 -26.77 -8.95 -7.09
CA PHE A 56 -27.45 -9.28 -8.34
C PHE A 56 -28.51 -8.19 -8.57
N PHE A 57 -28.31 -7.43 -9.63
CA PHE A 57 -29.15 -6.29 -9.97
C PHE A 57 -30.08 -6.70 -11.10
N ARG A 58 -31.39 -6.65 -10.85
CA ARG A 58 -32.40 -7.06 -11.81
CA ARG A 58 -32.39 -7.07 -11.81
C ARG A 58 -33.24 -5.87 -12.21
N GLN A 59 -33.41 -5.68 -13.52
CA GLN A 59 -34.27 -4.65 -14.07
C GLN A 59 -35.22 -5.29 -15.08
N SER A 60 -36.42 -4.73 -15.19
CA SER A 60 -37.43 -5.26 -16.10
C SER A 60 -38.19 -4.10 -16.71
N TRP A 61 -38.48 -4.20 -18.00
CA TRP A 61 -39.25 -3.16 -18.67
C TRP A 61 -39.96 -3.76 -19.88
N LYS A 62 -40.63 -2.89 -20.64
CA LYS A 62 -41.49 -3.30 -21.74
C LYS A 62 -40.98 -2.66 -23.02
N ASP A 63 -40.88 -3.45 -24.08
CA ASP A 63 -40.47 -2.96 -25.40
C ASP A 63 -41.39 -3.62 -26.42
N GLU A 64 -42.39 -2.88 -26.89
CA GLU A 64 -43.34 -3.42 -27.85
C GLU A 64 -42.71 -3.72 -29.20
N ARG A 65 -41.55 -3.15 -29.50
CA ARG A 65 -40.88 -3.45 -30.76
C ARG A 65 -40.35 -4.88 -30.83
N LEU A 66 -40.19 -5.55 -29.69
CA LEU A 66 -39.52 -6.84 -29.62
C LEU A 66 -40.48 -7.98 -29.29
N LYS A 67 -41.78 -7.79 -29.48
CA LYS A 67 -42.72 -8.89 -29.29
C LYS A 67 -42.67 -9.83 -30.48
N PHE A 68 -42.97 -11.11 -30.23
CA PHE A 68 -42.85 -12.14 -31.26
C PHE A 68 -43.89 -13.21 -30.99
N LYS A 69 -44.05 -14.10 -31.98
CA LYS A 69 -44.91 -15.27 -31.88
C LYS A 69 -44.16 -16.48 -32.38
N GLY A 70 -44.25 -17.58 -31.63
CA GLY A 70 -43.57 -18.80 -31.99
C GLY A 70 -43.87 -19.92 -31.02
N PRO A 71 -43.29 -21.10 -31.25
CA PRO A 71 -43.48 -22.22 -30.30
C PRO A 71 -43.02 -21.90 -28.90
N MET A 72 -41.95 -21.13 -28.76
CA MET A 72 -41.39 -20.81 -27.45
C MET A 72 -42.15 -19.64 -26.83
N THR A 73 -42.11 -19.58 -25.51
CA THR A 73 -42.71 -18.49 -24.75
C THR A 73 -41.70 -17.45 -24.27
N VAL A 74 -40.42 -17.81 -24.22
CA VAL A 74 -39.38 -16.90 -23.75
C VAL A 74 -38.09 -17.22 -24.52
N LEU A 75 -37.37 -16.16 -24.89
CA LEU A 75 -36.11 -16.26 -25.61
C LEU A 75 -34.99 -15.69 -24.74
N ARG A 76 -33.79 -16.22 -24.96
CA ARG A 76 -32.58 -15.76 -24.29
C ARG A 76 -31.67 -15.11 -25.33
N LEU A 77 -31.11 -13.95 -24.99
CA LEU A 77 -30.22 -13.22 -25.89
C LEU A 77 -28.79 -13.27 -25.37
N ASN A 78 -27.86 -13.54 -26.28
CA ASN A 78 -26.45 -13.56 -25.94
C ASN A 78 -25.93 -12.13 -25.79
N ASN A 79 -24.65 -12.00 -25.43
CA ASN A 79 -24.10 -10.69 -25.11
C ASN A 79 -24.10 -9.78 -26.33
N LEU A 80 -23.81 -10.32 -27.52
CA LEU A 80 -23.80 -9.48 -28.72
C LEU A 80 -25.19 -8.94 -29.01
N MET A 81 -26.19 -9.81 -29.09
CA MET A 81 -27.55 -9.36 -29.37
C MET A 81 -28.09 -8.48 -28.26
N ALA A 82 -27.68 -8.75 -27.01
CA ALA A 82 -28.08 -7.88 -25.91
C ALA A 82 -27.53 -6.47 -26.09
N SER A 83 -26.37 -6.34 -26.73
CA SER A 83 -25.79 -5.02 -26.98
C SER A 83 -26.44 -4.29 -28.14
N LYS A 84 -27.30 -4.96 -28.91
CA LYS A 84 -27.92 -4.36 -30.08
C LYS A 84 -29.27 -3.72 -29.80
N ILE A 85 -29.76 -3.78 -28.56
CA ILE A 85 -31.06 -3.22 -28.20
C ILE A 85 -30.87 -2.13 -27.15
N TRP A 86 -31.94 -1.41 -26.86
CA TRP A 86 -31.93 -0.38 -25.84
C TRP A 86 -32.06 -0.99 -24.45
N THR A 87 -31.26 -0.49 -23.51
CA THR A 87 -31.34 -0.87 -22.12
C THR A 87 -31.21 0.41 -21.28
N PRO A 88 -31.71 0.40 -20.04
CA PRO A 88 -31.58 1.60 -19.21
C PRO A 88 -30.13 1.89 -18.89
N ASP A 89 -29.82 3.19 -18.78
CA ASP A 89 -28.49 3.66 -18.41
C ASP A 89 -28.40 3.91 -16.91
N THR A 90 -28.73 2.89 -16.12
CA THR A 90 -28.74 3.02 -14.67
C THR A 90 -27.33 3.20 -14.14
N PHE A 91 -27.19 4.04 -13.10
CA PHE A 91 -25.90 4.26 -12.46
C PHE A 91 -26.15 4.59 -10.99
N PHE A 92 -25.11 4.39 -10.19
CA PHE A 92 -25.17 4.59 -8.75
C PHE A 92 -24.65 5.99 -8.43
N HIS A 93 -25.49 6.78 -7.75
CA HIS A 93 -25.16 8.19 -7.51
C HIS A 93 -23.93 8.35 -6.64
N ASN A 94 -23.81 7.53 -5.59
CA ASN A 94 -22.70 7.62 -4.64
C ASN A 94 -21.66 6.52 -4.85
N GLY A 95 -21.65 5.88 -6.01
CA GLY A 95 -20.64 4.87 -6.29
C GLY A 95 -19.29 5.49 -6.55
N LYS A 96 -18.24 4.83 -6.07
CA LYS A 96 -16.86 5.29 -6.23
C LYS A 96 -16.16 4.58 -7.38
N LYS A 97 -16.14 3.25 -7.35
CA LYS A 97 -15.53 2.48 -8.44
C LYS A 97 -16.18 1.10 -8.42
N SER A 98 -17.12 0.87 -9.34
CA SER A 98 -17.84 -0.38 -9.44
C SER A 98 -17.22 -1.27 -10.51
N VAL A 99 -17.53 -2.56 -10.44
CA VAL A 99 -17.00 -3.57 -11.34
C VAL A 99 -18.13 -4.46 -11.80
N ALA A 100 -18.12 -4.79 -13.10
CA ALA A 100 -19.04 -5.77 -13.68
C ALA A 100 -18.24 -7.02 -13.99
N HIS A 101 -18.55 -8.11 -13.28
CA HIS A 101 -17.78 -9.34 -13.42
C HIS A 101 -18.01 -9.97 -14.79
N ASN A 102 -16.94 -10.49 -15.38
CA ASN A 102 -17.02 -11.14 -16.68
C ASN A 102 -16.12 -12.38 -16.77
N MET A 103 -15.96 -13.10 -15.66
CA MET A 103 -15.26 -14.38 -15.63
C MET A 103 -16.28 -15.50 -15.45
N THR A 104 -16.26 -16.54 -16.30
CA THR A 104 -15.45 -16.70 -17.52
C THR A 104 -16.02 -15.88 -18.66
N MET A 105 -17.34 -15.77 -18.70
CA MET A 105 -18.09 -14.98 -19.66
C MET A 105 -18.70 -13.77 -18.96
N PRO A 106 -19.24 -12.81 -19.72
CA PRO A 106 -19.94 -11.68 -19.08
C PRO A 106 -21.10 -12.16 -18.22
N ASN A 107 -21.08 -11.76 -16.94
CA ASN A 107 -22.10 -12.18 -15.98
C ASN A 107 -23.35 -11.31 -16.16
N LYS A 108 -23.98 -11.50 -17.32
CA LYS A 108 -25.20 -10.79 -17.67
C LYS A 108 -26.18 -11.80 -18.25
N LEU A 109 -27.46 -11.47 -18.16
CA LEU A 109 -28.50 -12.29 -18.76
C LEU A 109 -29.64 -11.40 -19.22
N LEU A 110 -30.11 -11.67 -20.45
CA LEU A 110 -31.22 -10.94 -21.05
C LEU A 110 -32.24 -11.93 -21.57
N ARG A 111 -33.48 -11.79 -21.10
CA ARG A 111 -34.59 -12.64 -21.49
C ARG A 111 -35.73 -11.79 -22.03
N ILE A 112 -36.36 -12.26 -23.10
CA ILE A 112 -37.46 -11.57 -23.74
C ILE A 112 -38.67 -12.50 -23.72
N THR A 113 -39.79 -11.99 -23.21
CA THR A 113 -41.05 -12.71 -23.23
C THR A 113 -41.81 -12.40 -24.52
N GLU A 114 -42.75 -13.28 -24.87
CA GLU A 114 -43.46 -13.16 -26.14
C GLU A 114 -44.26 -11.86 -26.22
N ASP A 115 -44.75 -11.35 -25.09
CA ASP A 115 -45.48 -10.09 -25.09
C ASP A 115 -44.57 -8.88 -25.24
N GLY A 116 -43.25 -9.05 -25.19
CA GLY A 116 -42.31 -7.96 -25.31
C GLY A 116 -41.73 -7.45 -24.00
N THR A 117 -41.80 -8.24 -22.93
CA THR A 117 -41.23 -7.86 -21.65
C THR A 117 -39.77 -8.31 -21.58
N LEU A 118 -38.89 -7.37 -21.27
CA LEU A 118 -37.46 -7.62 -21.17
C LEU A 118 -37.07 -7.70 -19.71
N LEU A 119 -36.32 -8.75 -19.37
CA LEU A 119 -35.72 -8.93 -18.05
C LEU A 119 -34.20 -8.97 -18.22
N TYR A 120 -33.50 -8.17 -17.42
CA TYR A 120 -32.07 -7.96 -17.57
C TYR A 120 -31.42 -8.04 -16.19
N THR A 121 -30.58 -9.06 -16.00
CA THR A 121 -29.93 -9.29 -14.72
C THR A 121 -28.41 -9.20 -14.87
N MET A 122 -27.76 -8.60 -13.88
CA MET A 122 -26.32 -8.41 -13.88
C MET A 122 -25.78 -8.73 -12.50
N ARG A 123 -24.49 -9.08 -12.43
CA ARG A 123 -23.77 -9.29 -11.19
C ARG A 123 -22.75 -8.18 -11.04
N LEU A 124 -22.81 -7.46 -9.91
CA LEU A 124 -22.02 -6.25 -9.72
C LEU A 124 -21.35 -6.25 -8.37
N THR A 125 -20.22 -5.55 -8.30
CA THR A 125 -19.55 -5.18 -7.06
C THR A 125 -19.42 -3.67 -7.04
N VAL A 126 -19.97 -3.03 -6.01
CA VAL A 126 -20.06 -1.58 -5.92
C VAL A 126 -19.36 -1.12 -4.66
N ARG A 127 -18.44 -0.16 -4.80
CA ARG A 127 -17.89 0.60 -3.69
C ARG A 127 -18.64 1.92 -3.61
N ALA A 128 -19.26 2.18 -2.46
CA ALA A 128 -20.14 3.33 -2.29
C ALA A 128 -19.72 4.14 -1.07
N GLU A 129 -19.96 5.44 -1.15
CA GLU A 129 -19.60 6.36 -0.09
C GLU A 129 -20.59 6.26 1.06
N CYS A 130 -20.07 6.18 2.29
CA CYS A 130 -20.87 6.14 3.51
C CYS A 130 -20.29 7.18 4.48
N PRO A 131 -20.68 8.45 4.36
CA PRO A 131 -20.17 9.45 5.30
C PRO A 131 -20.58 9.12 6.73
N MET A 132 -19.64 9.29 7.66
CA MET A 132 -19.79 8.87 9.05
C MET A 132 -19.54 10.04 9.98
N HIS A 133 -20.35 10.10 11.04
CA HIS A 133 -20.13 11.00 12.17
C HIS A 133 -19.65 10.17 13.34
N LEU A 134 -18.44 10.47 13.82
CA LEU A 134 -17.72 9.62 14.77
C LEU A 134 -17.62 10.25 16.16
N GLU A 135 -18.60 11.06 16.54
CA GLU A 135 -18.58 11.65 17.87
C GLU A 135 -18.72 10.59 18.96
N ASP A 136 -19.56 9.58 18.73
CA ASP A 136 -19.81 8.50 19.68
C ASP A 136 -18.91 7.29 19.46
N PHE A 137 -17.84 7.43 18.67
CA PHE A 137 -16.94 6.32 18.43
C PHE A 137 -16.31 5.88 19.76
N PRO A 138 -16.18 4.56 20.01
CA PRO A 138 -16.49 3.36 19.22
C PRO A 138 -17.89 2.78 19.47
N MET A 139 -18.80 3.57 20.04
CA MET A 139 -20.17 3.16 20.32
C MET A 139 -21.15 3.87 19.39
N ASP A 140 -20.78 4.00 18.13
CA ASP A 140 -21.53 4.75 17.13
C ASP A 140 -22.25 3.81 16.18
N ALA A 141 -23.28 4.35 15.52
CA ALA A 141 -24.08 3.62 14.53
C ALA A 141 -24.24 4.50 13.30
N HIS A 142 -24.38 3.85 12.14
CA HIS A 142 -24.41 4.54 10.86
C HIS A 142 -25.53 3.99 10.00
N ALA A 143 -25.91 4.77 8.99
CA ALA A 143 -26.89 4.39 7.97
C ALA A 143 -26.26 4.66 6.62
N CYS A 144 -25.63 3.65 6.05
CA CYS A 144 -24.91 3.82 4.79
C CYS A 144 -25.88 3.79 3.62
N PRO A 145 -25.87 4.78 2.71
CA PRO A 145 -26.84 4.78 1.62
C PRO A 145 -26.33 4.09 0.36
N LEU A 146 -27.28 3.68 -0.47
CA LEU A 146 -27.03 3.18 -1.81
C LEU A 146 -28.12 3.77 -2.70
N LYS A 147 -27.72 4.68 -3.59
CA LYS A 147 -28.65 5.45 -4.42
C LYS A 147 -28.36 5.16 -5.89
N PHE A 148 -29.41 5.00 -6.68
CA PHE A 148 -29.21 4.77 -8.11
C PHE A 148 -30.36 5.34 -8.92
N GLY A 149 -30.10 5.52 -10.21
CA GLY A 149 -31.10 6.05 -11.12
C GLY A 149 -30.53 6.22 -12.50
N SER A 150 -31.34 6.77 -13.40
CA SER A 150 -30.92 6.99 -14.77
C SER A 150 -29.97 8.18 -14.85
N TYR A 151 -28.96 8.07 -15.72
CA TYR A 151 -28.00 9.14 -15.89
C TYR A 151 -28.50 10.23 -16.83
N ALA A 152 -29.22 9.86 -17.88
CA ALA A 152 -29.56 10.76 -18.97
C ALA A 152 -31.04 11.12 -19.04
N TYR A 153 -31.93 10.21 -18.66
CA TYR A 153 -33.36 10.41 -18.86
C TYR A 153 -33.99 11.00 -17.61
N THR A 154 -34.73 12.09 -17.78
CA THR A 154 -35.41 12.74 -16.67
C THR A 154 -36.66 11.95 -16.28
N ARG A 155 -37.37 12.43 -15.26
CA ARG A 155 -38.56 11.75 -14.79
C ARG A 155 -39.65 11.70 -15.85
N ALA A 156 -39.66 12.68 -16.76
CA ALA A 156 -40.63 12.69 -17.85
C ALA A 156 -40.34 11.63 -18.91
N GLU A 157 -39.18 10.96 -18.85
CA GLU A 157 -38.78 9.97 -19.84
C GLU A 157 -38.63 8.58 -19.25
N VAL A 158 -37.96 8.44 -18.12
CA VAL A 158 -37.74 7.15 -17.47
C VAL A 158 -38.06 7.29 -15.99
N VAL A 159 -38.82 6.34 -15.45
CA VAL A 159 -39.14 6.26 -14.03
C VAL A 159 -38.84 4.85 -13.54
N TYR A 160 -38.33 4.76 -12.32
CA TYR A 160 -37.98 3.49 -11.70
C TYR A 160 -39.00 3.14 -10.62
N GLU A 161 -39.23 1.84 -10.46
CA GLU A 161 -40.14 1.32 -9.43
C GLU A 161 -39.56 0.03 -8.88
N TRP A 162 -40.03 -0.34 -7.69
CA TRP A 162 -39.64 -1.60 -7.07
C TRP A 162 -40.59 -2.70 -7.53
N THR A 163 -40.04 -3.88 -7.78
CA THR A 163 -40.83 -4.98 -8.34
C THR A 163 -41.92 -5.41 -7.37
N ARG A 164 -41.65 -5.35 -6.08
CA ARG A 164 -42.56 -5.72 -5.00
C ARG A 164 -42.66 -4.53 -4.06
N GLU A 165 -43.20 -4.76 -2.86
CA GLU A 165 -43.19 -3.73 -1.84
C GLU A 165 -41.74 -3.31 -1.59
N PRO A 166 -41.49 -2.01 -1.30
CA PRO A 166 -40.08 -1.56 -1.20
C PRO A 166 -39.26 -2.31 -0.16
N ALA A 167 -39.88 -2.71 0.96
CA ALA A 167 -39.14 -3.46 1.97
C ALA A 167 -38.70 -4.82 1.44
N ARG A 168 -39.56 -5.46 0.64
CA ARG A 168 -39.32 -6.81 0.16
C ARG A 168 -38.60 -6.86 -1.19
N SER A 169 -38.26 -5.72 -1.78
CA SER A 169 -37.61 -5.68 -3.08
C SER A 169 -36.08 -5.67 -2.98
N VAL A 170 -35.52 -5.54 -1.78
CA VAL A 170 -34.09 -5.67 -1.55
C VAL A 170 -33.93 -6.83 -0.57
N VAL A 171 -33.29 -7.90 -1.02
CA VAL A 171 -33.19 -9.14 -0.26
C VAL A 171 -31.72 -9.41 0.04
N VAL A 172 -31.39 -9.55 1.31
CA VAL A 172 -30.02 -9.81 1.76
C VAL A 172 -29.90 -11.28 2.11
N ALA A 173 -28.90 -11.95 1.56
CA ALA A 173 -28.69 -13.37 1.84
C ALA A 173 -28.28 -13.57 3.29
N GLU A 174 -28.71 -14.71 3.85
CA GLU A 174 -28.42 -15.00 5.25
C GLU A 174 -26.92 -15.19 5.47
N ASP A 175 -26.25 -15.90 4.57
CA ASP A 175 -24.82 -16.14 4.69
C ASP A 175 -23.97 -14.99 4.14
N GLY A 176 -24.57 -13.99 3.51
CA GLY A 176 -23.83 -12.92 2.88
C GLY A 176 -23.41 -11.83 3.84
N SER A 177 -22.40 -12.09 4.66
CA SER A 177 -21.88 -11.12 5.62
C SER A 177 -20.37 -11.21 5.62
N ARG A 178 -19.71 -10.13 5.22
CA ARG A 178 -18.25 -10.01 5.25
C ARG A 178 -17.82 -8.87 6.18
N LEU A 179 -18.64 -8.59 7.20
CA LEU A 179 -18.33 -7.55 8.17
C LEU A 179 -17.58 -8.14 9.34
N ASN A 180 -16.54 -7.43 9.79
CA ASN A 180 -15.70 -7.85 10.90
C ASN A 180 -15.97 -7.10 12.19
N GLN A 181 -16.25 -5.80 12.12
CA GLN A 181 -16.49 -4.97 13.30
C GLN A 181 -17.83 -4.24 13.21
N TYR A 182 -18.80 -4.83 12.52
CA TYR A 182 -20.11 -4.22 12.37
C TYR A 182 -21.17 -5.31 12.35
N ASP A 183 -22.38 -4.91 12.73
CA ASP A 183 -23.58 -5.75 12.65
C ASP A 183 -24.59 -5.06 11.75
N LEU A 184 -25.11 -5.80 10.76
CA LEU A 184 -26.14 -5.28 9.88
C LEU A 184 -27.49 -5.48 10.55
N LEU A 185 -28.04 -4.40 11.10
CA LEU A 185 -29.31 -4.50 11.80
C LEU A 185 -30.47 -4.67 10.82
N GLY A 186 -30.45 -3.95 9.71
CA GLY A 186 -31.51 -4.03 8.74
C GLY A 186 -31.31 -2.99 7.66
N GLN A 187 -32.35 -2.79 6.86
CA GLN A 187 -32.33 -1.81 5.79
C GLN A 187 -33.70 -1.18 5.63
N THR A 188 -33.70 0.03 5.06
CA THR A 188 -34.92 0.75 4.71
C THR A 188 -34.82 1.24 3.28
N VAL A 189 -35.92 1.09 2.53
CA VAL A 189 -35.95 1.28 1.09
C VAL A 189 -36.92 2.41 0.77
N ASP A 190 -36.56 3.27 -0.18
CA ASP A 190 -37.38 4.41 -0.51
C ASP A 190 -37.04 4.89 -1.92
N SER A 191 -37.80 5.88 -2.39
CA SER A 191 -37.55 6.50 -3.68
C SER A 191 -37.95 7.97 -3.61
N GLY A 192 -37.42 8.74 -4.55
CA GLY A 192 -37.69 10.17 -4.55
C GLY A 192 -37.23 10.81 -5.84
N ILE A 193 -37.24 12.15 -5.83
CA ILE A 193 -36.89 12.96 -6.98
C ILE A 193 -35.76 13.89 -6.57
N VAL A 194 -34.80 14.11 -7.47
CA VAL A 194 -33.68 15.00 -7.24
C VAL A 194 -33.60 16.00 -8.39
N GLN A 195 -33.41 17.27 -8.02
CA GLN A 195 -33.21 18.33 -8.99
C GLN A 195 -31.73 18.45 -9.34
N SER A 196 -31.46 18.87 -10.57
CA SER A 196 -30.10 19.13 -11.00
C SER A 196 -30.16 20.08 -12.18
N SER A 197 -28.98 20.56 -12.60
CA SER A 197 -28.90 21.56 -13.65
C SER A 197 -29.50 21.10 -14.96
N THR A 198 -29.61 19.78 -15.18
CA THR A 198 -30.19 19.22 -16.39
C THR A 198 -31.67 18.85 -16.24
N GLY A 199 -32.20 18.75 -15.03
CA GLY A 199 -33.61 18.49 -14.84
C GLY A 199 -33.86 17.68 -13.57
N GLU A 200 -35.03 17.07 -13.52
CA GLU A 200 -35.47 16.26 -12.40
C GLU A 200 -35.30 14.77 -12.73
N TYR A 201 -34.75 14.02 -11.78
CA TYR A 201 -34.46 12.60 -11.98
C TYR A 201 -35.00 11.78 -10.83
N VAL A 202 -35.51 10.60 -11.15
CA VAL A 202 -35.95 9.65 -10.14
C VAL A 202 -34.73 8.97 -9.53
N VAL A 203 -34.71 8.84 -8.21
CA VAL A 203 -33.63 8.20 -7.48
C VAL A 203 -34.23 7.15 -6.56
N MET A 204 -33.62 5.98 -6.53
CA MET A 204 -34.05 4.87 -5.69
C MET A 204 -32.96 4.64 -4.65
N THR A 205 -33.35 4.63 -3.37
CA THR A 205 -32.42 4.68 -2.26
C THR A 205 -32.64 3.50 -1.32
N THR A 206 -31.54 2.99 -0.78
CA THR A 206 -31.58 1.94 0.24
C THR A 206 -30.54 2.28 1.30
N HIS A 207 -30.98 2.46 2.54
CA HIS A 207 -30.08 2.72 3.66
C HIS A 207 -29.90 1.44 4.45
N PHE A 208 -28.65 1.03 4.65
CA PHE A 208 -28.30 -0.11 5.47
C PHE A 208 -27.82 0.36 6.82
N HIS A 209 -28.44 -0.13 7.89
CA HIS A 209 -28.14 0.32 9.24
C HIS A 209 -27.08 -0.59 9.86
N LEU A 210 -25.99 0.01 10.32
CA LEU A 210 -24.84 -0.71 10.87
C LEU A 210 -24.55 -0.22 12.28
N LYS A 211 -24.15 -1.14 13.15
CA LYS A 211 -23.74 -0.82 14.51
C LYS A 211 -22.36 -1.41 14.77
N ARG A 212 -21.46 -0.59 15.27
CA ARG A 212 -20.09 -1.03 15.51
C ARG A 212 -20.03 -1.97 16.71
N LYS A 213 -19.14 -2.96 16.62
CA LYS A 213 -18.86 -3.87 17.72
C LYS A 213 -17.72 -3.30 18.56
N ILE A 214 -17.92 -3.26 19.88
CA ILE A 214 -16.96 -2.64 20.78
C ILE A 214 -15.90 -3.60 21.29
N GLY A 215 -15.97 -4.89 20.93
CA GLY A 215 -15.08 -5.87 21.53
C GLY A 215 -13.62 -5.63 21.23
N TYR A 216 -13.31 -5.26 19.99
CA TYR A 216 -11.91 -5.05 19.61
C TYR A 216 -11.30 -3.90 20.40
N PHE A 217 -12.01 -2.77 20.49
CA PHE A 217 -11.44 -1.59 21.12
C PHE A 217 -11.35 -1.74 22.63
N VAL A 218 -12.24 -2.53 23.23
CA VAL A 218 -12.15 -2.78 24.66
C VAL A 218 -10.82 -3.44 25.00
N ILE A 219 -10.42 -4.44 24.21
CA ILE A 219 -9.14 -5.09 24.44
C ILE A 219 -7.99 -4.16 24.04
N GLN A 220 -8.16 -3.42 22.94
CA GLN A 220 -7.03 -2.68 22.38
C GLN A 220 -6.66 -1.46 23.21
N THR A 221 -7.64 -0.68 23.66
CA THR A 221 -7.41 0.63 24.26
C THR A 221 -7.91 0.74 25.69
N TYR A 222 -9.15 0.31 25.95
CA TYR A 222 -9.75 0.59 27.26
C TYR A 222 -9.06 -0.18 28.38
N LEU A 223 -8.84 -1.47 28.20
CA LEU A 223 -8.21 -2.26 29.26
C LEU A 223 -6.78 -1.82 29.54
N PRO A 224 -5.91 -1.57 28.55
CA PRO A 224 -4.60 -1.00 28.88
C PRO A 224 -4.66 0.30 29.65
N CYS A 225 -5.59 1.19 29.31
CA CYS A 225 -5.71 2.45 30.05
C CYS A 225 -6.14 2.22 31.49
N ILE A 226 -7.10 1.32 31.71
CA ILE A 226 -7.56 1.04 33.06
C ILE A 226 -6.43 0.40 33.88
N MET A 227 -5.69 -0.52 33.27
CA MET A 227 -4.57 -1.13 33.97
C MET A 227 -3.49 -0.12 34.29
N THR A 228 -3.23 0.81 33.38
CA THR A 228 -2.26 1.87 33.66
C THR A 228 -2.71 2.74 34.82
N VAL A 229 -3.99 3.10 34.85
CA VAL A 229 -4.51 3.92 35.95
C VAL A 229 -4.40 3.17 37.27
N ILE A 230 -4.75 1.88 37.28
CA ILE A 230 -4.62 1.09 38.50
C ILE A 230 -3.16 0.99 38.92
N LEU A 231 -2.26 0.85 37.95
CA LEU A 231 -0.83 0.76 38.24
C LEU A 231 -0.32 2.03 38.89
N SER A 232 -0.78 3.19 38.41
CA SER A 232 -0.29 4.45 38.97
C SER A 232 -0.70 4.62 40.42
N GLN A 233 -1.81 4.01 40.85
CA GLN A 233 -2.25 4.15 42.23
C GLN A 233 -1.48 3.25 43.19
N VAL A 234 -0.82 2.21 42.69
CA VAL A 234 -0.07 1.30 43.56
C VAL A 234 1.03 2.04 44.31
N SER A 235 1.53 3.14 43.75
CA SER A 235 2.57 3.92 44.42
C SER A 235 2.09 4.50 45.75
N PHE A 236 0.78 4.64 45.94
CA PHE A 236 0.31 5.19 47.22
C PHE A 236 0.64 4.28 48.40
N TRP A 237 0.89 3.00 48.15
CA TRP A 237 1.13 2.03 49.22
C TRP A 237 2.60 1.85 49.56
N LEU A 238 3.51 2.49 48.84
CA LEU A 238 4.93 2.42 49.13
C LEU A 238 5.33 3.56 50.09
N ASN A 239 6.37 3.31 50.87
CA ASN A 239 6.79 4.28 51.88
C ASN A 239 7.32 5.54 51.20
N ARG A 240 7.13 6.67 51.88
CA ARG A 240 7.43 7.97 51.28
C ARG A 240 8.92 8.20 51.07
N GLU A 241 9.79 7.42 51.72
CA GLU A 241 11.22 7.60 51.58
C GLU A 241 11.77 6.99 50.29
N SER A 242 11.01 6.15 49.60
CA SER A 242 11.45 5.55 48.33
C SER A 242 11.17 6.55 47.20
N VAL A 243 11.95 7.63 47.22
CA VAL A 243 11.75 8.70 46.24
C VAL A 243 11.97 8.23 44.81
N PRO A 244 13.05 7.51 44.47
CA PRO A 244 13.20 7.08 43.07
C PRO A 244 12.09 6.16 42.59
N ALA A 245 11.60 5.25 43.43
CA ALA A 245 10.62 4.27 42.97
C ALA A 245 9.29 4.91 42.60
N ARG A 246 8.81 5.83 43.42
CA ARG A 246 7.53 6.47 43.14
C ARG A 246 7.65 7.44 41.96
N THR A 247 8.81 8.07 41.79
CA THR A 247 9.06 8.85 40.59
C THR A 247 9.02 7.96 39.35
N VAL A 248 9.58 6.75 39.46
CA VAL A 248 9.53 5.80 38.35
C VAL A 248 8.09 5.44 38.02
N PHE A 249 7.28 5.16 39.05
CA PHE A 249 5.86 4.93 38.85
C PHE A 249 5.21 6.07 38.06
N GLY A 250 5.41 7.30 38.52
CA GLY A 250 4.76 8.43 37.89
C GLY A 250 5.18 8.60 36.43
N VAL A 251 6.49 8.60 36.18
CA VAL A 251 6.95 8.87 34.82
C VAL A 251 6.56 7.74 33.88
N THR A 252 6.66 6.48 34.33
CA THR A 252 6.34 5.37 33.43
C THR A 252 4.85 5.35 33.11
N THR A 253 3.99 5.62 34.10
CA THR A 253 2.56 5.64 33.81
C THR A 253 2.22 6.81 32.88
N VAL A 254 2.87 7.96 33.06
CA VAL A 254 2.64 9.08 32.16
C VAL A 254 3.05 8.72 30.73
N LEU A 255 4.21 8.09 30.57
CA LEU A 255 4.66 7.72 29.23
C LEU A 255 3.71 6.71 28.60
N THR A 256 3.24 5.74 29.39
CA THR A 256 2.32 4.75 28.85
C THR A 256 1.02 5.40 28.41
N MET A 257 0.49 6.33 29.19
CA MET A 257 -0.74 7.00 28.80
C MET A 257 -0.53 7.83 27.54
N THR A 258 0.62 8.50 27.43
CA THR A 258 0.90 9.29 26.22
C THR A 258 0.98 8.38 25.00
N THR A 259 1.67 7.24 25.11
CA THR A 259 1.76 6.32 23.99
C THR A 259 0.40 5.78 23.60
N LEU A 260 -0.42 5.41 24.59
CA LEU A 260 -1.76 4.90 24.29
C LEU A 260 -2.61 5.96 23.61
N SER A 261 -2.52 7.21 24.07
CA SER A 261 -3.27 8.29 23.44
C SER A 261 -2.83 8.49 22.00
N ILE A 262 -1.53 8.43 21.75
CA ILE A 262 -1.04 8.62 20.38
C ILE A 262 -1.51 7.48 19.49
N SER A 263 -1.44 6.24 19.97
CA SER A 263 -1.76 5.09 19.14
C SER A 263 -3.26 4.81 19.03
N ALA A 264 -4.10 5.43 19.86
CA ALA A 264 -5.53 5.14 19.81
C ALA A 264 -6.15 5.57 18.48
N ARG A 265 -5.75 6.72 17.96
CA ARG A 265 -6.36 7.31 16.77
C ARG A 265 -5.75 6.78 15.47
N ASN A 266 -4.92 5.74 15.53
CA ASN A 266 -4.22 5.27 14.34
C ASN A 266 -5.18 4.76 13.28
N SER A 267 -6.26 4.08 13.68
CA SER A 267 -7.20 3.43 12.77
C SER A 267 -8.47 4.24 12.59
N LEU A 268 -8.37 5.56 12.55
CA LEU A 268 -9.51 6.47 12.44
C LEU A 268 -9.15 7.57 11.46
N PRO A 269 -10.13 8.16 10.76
CA PRO A 269 -9.83 9.35 9.96
C PRO A 269 -9.50 10.55 10.84
N LYS A 270 -8.81 11.51 10.24
CA LYS A 270 -8.31 12.68 10.96
C LYS A 270 -9.44 13.70 11.15
N VAL A 271 -10.42 13.31 11.96
CA VAL A 271 -11.54 14.20 12.25
C VAL A 271 -11.07 15.29 13.21
N ALA A 272 -11.74 16.44 13.15
CA ALA A 272 -11.35 17.63 13.90
C ALA A 272 -12.04 17.75 15.26
N TYR A 273 -12.80 16.74 15.68
CA TYR A 273 -13.53 16.77 16.94
C TYR A 273 -13.12 15.58 17.79
N ALA A 274 -13.48 15.63 19.08
CA ALA A 274 -13.13 14.60 20.03
C ALA A 274 -14.21 13.53 20.06
N THR A 275 -13.78 12.26 20.02
CA THR A 275 -14.68 11.14 20.10
C THR A 275 -14.90 10.75 21.56
N ALA A 276 -15.69 9.70 21.79
CA ALA A 276 -15.94 9.25 23.14
C ALA A 276 -14.70 8.60 23.76
N MET A 277 -13.88 7.93 22.95
CA MET A 277 -12.66 7.33 23.45
C MET A 277 -11.67 8.39 23.92
N ASP A 278 -11.65 9.54 23.24
CA ASP A 278 -10.74 10.61 23.61
C ASP A 278 -11.03 11.12 25.02
N TRP A 279 -12.30 11.25 25.38
CA TRP A 279 -12.64 11.71 26.72
C TRP A 279 -12.19 10.72 27.78
N PHE A 280 -12.37 9.42 27.52
CA PHE A 280 -11.91 8.39 28.45
C PHE A 280 -10.41 8.46 28.64
N ILE A 281 -9.67 8.57 27.53
CA ILE A 281 -8.22 8.64 27.61
C ILE A 281 -7.79 9.89 28.37
N ALA A 282 -8.46 11.01 28.11
CA ALA A 282 -8.11 12.26 28.79
C ALA A 282 -8.34 12.16 30.29
N VAL A 283 -9.45 11.54 30.70
CA VAL A 283 -9.72 11.40 32.13
C VAL A 283 -8.68 10.50 32.79
N CYS A 284 -8.31 9.39 32.14
CA CYS A 284 -7.26 8.53 32.69
C CYS A 284 -5.93 9.27 32.78
N TYR A 285 -5.64 10.09 31.77
CA TYR A 285 -4.42 10.89 31.74
C TYR A 285 -4.39 11.86 32.92
N ALA A 286 -5.53 12.50 33.19
CA ALA A 286 -5.65 13.40 34.34
C ALA A 286 -5.48 12.64 35.65
N PHE A 287 -6.01 11.42 35.74
CA PHE A 287 -5.83 10.63 36.96
C PHE A 287 -4.35 10.32 37.20
N VAL A 288 -3.62 10.00 36.13
CA VAL A 288 -2.20 9.64 36.29
C VAL A 288 -1.39 10.85 36.78
N PHE A 289 -1.58 12.03 36.17
CA PHE A 289 -0.93 13.22 36.73
C PHE A 289 -1.43 13.57 38.12
N SER A 290 -2.68 13.28 38.44
CA SER A 290 -3.12 13.51 39.82
C SER A 290 -2.31 12.67 40.79
N ALA A 291 -2.05 11.41 40.42
CA ALA A 291 -1.24 10.54 41.27
C ALA A 291 0.19 11.06 41.40
N LEU A 292 0.79 11.48 40.28
CA LEU A 292 2.17 11.96 40.34
C LEU A 292 2.28 13.26 41.15
N ILE A 293 1.32 14.17 40.98
CA ILE A 293 1.33 15.42 41.74
C ILE A 293 1.10 15.12 43.22
N GLU A 294 0.28 14.12 43.52
CA GLU A 294 0.11 13.69 44.90
C GLU A 294 1.43 13.23 45.50
N PHE A 295 2.19 12.44 44.74
CA PHE A 295 3.50 12.01 45.24
C PHE A 295 4.44 13.20 45.46
N ALA A 296 4.42 14.16 44.53
CA ALA A 296 5.27 15.34 44.70
C ALA A 296 4.90 16.10 45.96
N THR A 297 3.61 16.28 46.21
CA THR A 297 3.15 16.97 47.41
C THR A 297 3.57 16.20 48.67
N VAL A 298 3.46 14.87 48.64
CA VAL A 298 3.87 14.07 49.78
C VAL A 298 5.37 14.24 50.03
N ASN A 299 6.17 14.21 48.96
CA ASN A 299 7.61 14.35 49.10
C ASN A 299 7.99 15.73 49.62
N TYR A 300 7.19 16.76 49.32
CA TYR A 300 7.52 18.10 49.77
C TYR A 300 7.52 18.20 51.30
N PHE A 301 6.72 17.38 51.97
CA PHE A 301 6.57 17.43 53.43
C PHE A 301 7.33 16.32 54.15
N THR A 302 8.25 15.64 53.47
CA THR A 302 9.09 14.62 54.10
C THR A 302 10.31 15.30 54.70
N LYS A 303 10.56 15.04 55.99
CA LYS A 303 11.65 15.69 56.71
C LYS A 303 12.94 14.87 56.61
N ARG A 304 12.92 13.64 57.09
CA ARG A 304 14.12 12.81 57.17
C ARG A 304 14.30 12.02 55.88
N GLY A 305 15.56 11.84 55.49
CA GLY A 305 15.92 11.14 54.28
C GLY A 305 16.11 9.65 54.41
N TYR A 306 15.79 9.06 55.56
CA TYR A 306 16.01 7.64 55.82
C TYR A 306 14.69 7.00 56.26
N ALA A 307 14.49 5.75 55.84
CA ALA A 307 13.29 5.01 56.18
C ALA A 307 13.43 4.40 57.58
N TRP A 308 12.34 3.77 58.04
CA TRP A 308 12.30 3.21 59.38
C TRP A 308 13.04 1.87 59.40
N ASP A 309 14.12 1.79 60.16
CA ASP A 309 14.84 0.54 60.33
C ASP A 309 13.99 -0.47 61.07
N GLY A 310 14.21 -1.75 60.77
CA GLY A 310 13.36 -2.80 61.30
C GLY A 310 13.42 -3.00 62.79
N LYS A 311 14.45 -2.48 63.45
CA LYS A 311 14.71 -2.77 64.86
C LYS A 311 14.21 -1.68 65.80
N SER A 312 14.21 -0.42 65.38
CA SER A 312 13.93 0.68 66.29
C SER A 312 12.45 0.71 66.67
N VAL A 313 12.09 1.71 67.48
CA VAL A 313 10.72 1.90 67.96
C VAL A 313 10.34 3.34 67.68
N VAL A 314 9.11 3.54 67.18
CA VAL A 314 8.61 4.86 66.83
C VAL A 314 7.77 5.35 68.01
N PRO A 315 8.20 6.38 68.76
CA PRO A 315 7.36 6.88 69.84
C PRO A 315 6.10 7.54 69.32
N GLU A 316 5.05 7.48 70.14
CA GLU A 316 3.79 8.11 69.78
C GLU A 316 3.92 9.63 69.89
N LYS A 317 3.17 10.33 69.03
CA LYS A 317 3.18 11.78 69.03
C LYS A 317 2.64 12.33 70.34
N LYS A 375 16.46 8.65 68.28
CA LYS A 375 16.28 8.73 66.84
C LYS A 375 14.79 8.75 66.47
N THR A 376 14.40 9.75 65.68
CA THR A 376 13.04 9.91 65.21
C THR A 376 12.92 9.40 63.77
N PHE A 377 11.69 9.12 63.37
CA PHE A 377 11.39 8.61 62.04
C PHE A 377 10.17 9.31 61.48
N ASN A 378 10.09 9.34 60.15
CA ASN A 378 8.93 9.92 59.49
C ASN A 378 7.69 9.08 59.77
N SER A 379 6.56 9.75 59.93
CA SER A 379 5.27 9.09 60.04
C SER A 379 4.67 8.89 58.65
N VAL A 380 3.73 7.95 58.58
CA VAL A 380 3.03 7.69 57.32
C VAL A 380 2.21 8.92 56.95
N SER A 381 2.36 9.37 55.71
CA SER A 381 1.66 10.58 55.27
C SER A 381 0.15 10.36 55.27
N LYS A 382 -0.58 11.35 55.80
CA LYS A 382 -2.03 11.29 55.78
C LYS A 382 -2.58 11.59 54.40
N ILE A 383 -1.80 12.23 53.52
CA ILE A 383 -2.22 12.37 52.13
C ILE A 383 -2.28 11.00 51.47
N ASP A 384 -1.29 10.14 51.76
CA ASP A 384 -1.29 8.79 51.21
C ASP A 384 -2.49 8.00 51.71
N ARG A 385 -2.82 8.13 53.00
CA ARG A 385 -3.90 7.34 53.56
C ARG A 385 -5.24 7.71 52.93
N LEU A 386 -5.46 9.00 52.69
CA LEU A 386 -6.71 9.42 52.04
C LEU A 386 -6.69 9.09 50.55
N SER A 387 -5.54 9.24 49.90
CA SER A 387 -5.45 8.95 48.47
C SER A 387 -5.65 7.47 48.16
N ARG A 388 -5.44 6.59 49.14
CA ARG A 388 -5.58 5.16 48.88
C ARG A 388 -7.01 4.77 48.56
N ILE A 389 -7.99 5.56 49.00
CA ILE A 389 -9.41 5.28 48.78
C ILE A 389 -10.03 6.27 47.81
N ALA A 390 -9.63 7.54 47.87
CA ALA A 390 -10.26 8.56 47.06
C ALA A 390 -10.04 8.33 45.57
N PHE A 391 -8.81 8.00 45.19
CA PHE A 391 -8.52 7.79 43.76
C PHE A 391 -9.28 6.59 43.20
N PRO A 392 -9.22 5.39 43.80
CA PRO A 392 -10.06 4.29 43.28
C PRO A 392 -11.55 4.60 43.29
N LEU A 393 -12.05 5.27 44.33
CA LEU A 393 -13.47 5.57 44.40
C LEU A 393 -13.89 6.50 43.26
N LEU A 394 -13.12 7.55 43.03
CA LEU A 394 -13.44 8.48 41.95
C LEU A 394 -13.33 7.81 40.59
N PHE A 395 -12.32 6.96 40.40
CA PHE A 395 -12.19 6.27 39.11
C PHE A 395 -13.36 5.34 38.87
N GLY A 396 -13.80 4.61 39.91
CA GLY A 396 -14.96 3.75 39.75
C GLY A 396 -16.22 4.53 39.44
N ILE A 397 -16.42 5.66 40.11
CA ILE A 397 -17.60 6.48 39.86
C ILE A 397 -17.56 7.02 38.43
N PHE A 398 -16.39 7.46 37.97
CA PHE A 398 -16.28 7.96 36.61
C PHE A 398 -16.59 6.87 35.59
N ASN A 399 -16.08 5.66 35.82
CA ASN A 399 -16.37 4.56 34.91
C ASN A 399 -17.86 4.23 34.90
N LEU A 400 -18.50 4.23 36.06
CA LEU A 400 -19.93 3.98 36.11
C LEU A 400 -20.70 5.01 35.30
N VAL A 401 -20.38 6.29 35.49
CA VAL A 401 -21.08 7.34 34.77
C VAL A 401 -20.84 7.24 33.27
N TYR A 402 -19.58 6.99 32.87
CA TYR A 402 -19.24 6.92 31.45
C TYR A 402 -19.95 5.77 30.77
N TRP A 403 -19.83 4.56 31.32
CA TRP A 403 -20.44 3.41 30.69
C TRP A 403 -21.96 3.44 30.80
N ALA A 404 -22.53 4.16 31.77
CA ALA A 404 -23.98 4.31 31.81
C ALA A 404 -24.47 5.29 30.74
N THR A 405 -23.76 6.40 30.56
CA THR A 405 -24.24 7.43 29.64
C THR A 405 -23.88 7.15 28.19
N TYR A 406 -22.97 6.21 27.90
CA TYR A 406 -22.60 5.91 26.52
C TYR A 406 -23.14 4.60 25.99
N LEU A 407 -23.46 3.62 26.84
CA LEU A 407 -23.93 2.33 26.34
C LEU A 407 -25.41 2.31 26.01
N ASN A 408 -26.15 3.38 26.31
CA ASN A 408 -27.58 3.47 25.98
C ASN A 408 -27.90 4.84 25.39
N ARG A 409 -27.00 5.35 24.56
CA ARG A 409 -27.20 6.65 23.91
C ARG A 409 -28.09 6.49 22.68
N ASN B 2 -2.44 -33.06 -45.26
CA ASN B 2 -2.54 -31.99 -46.24
C ASN B 2 -3.29 -30.79 -45.65
N MET B 3 -2.68 -29.61 -45.78
CA MET B 3 -3.28 -28.41 -45.20
C MET B 3 -4.53 -27.99 -45.95
N SER B 4 -4.58 -28.21 -47.26
CA SER B 4 -5.74 -27.80 -48.04
C SER B 4 -7.00 -28.52 -47.60
N PHE B 5 -6.90 -29.83 -47.36
CA PHE B 5 -8.06 -30.58 -46.89
C PHE B 5 -8.47 -30.14 -45.49
N VAL B 6 -7.48 -29.93 -44.61
CA VAL B 6 -7.78 -29.48 -43.25
C VAL B 6 -8.43 -28.10 -43.28
N LYS B 7 -7.92 -27.21 -44.12
CA LYS B 7 -8.52 -25.88 -44.24
C LYS B 7 -9.94 -25.97 -44.75
N GLU B 8 -10.19 -26.82 -45.73
CA GLU B 8 -11.55 -26.99 -46.25
C GLU B 8 -12.48 -27.52 -45.17
N THR B 9 -12.01 -28.51 -44.40
CA THR B 9 -12.85 -29.07 -43.33
C THR B 9 -13.16 -28.01 -42.28
N VAL B 10 -12.16 -27.23 -41.88
CA VAL B 10 -12.37 -26.22 -40.84
C VAL B 10 -13.31 -25.14 -41.34
N ASP B 11 -13.20 -24.76 -42.61
CA ASP B 11 -14.14 -23.80 -43.18
C ASP B 11 -15.55 -24.38 -43.21
N LYS B 12 -15.68 -25.66 -43.53
CA LYS B 12 -17.00 -26.29 -43.55
C LYS B 12 -17.64 -26.29 -42.17
N LEU B 13 -16.84 -26.57 -41.13
CA LEU B 13 -17.39 -26.65 -39.78
C LEU B 13 -17.98 -25.32 -39.33
N LEU B 14 -17.27 -24.22 -39.60
CA LEU B 14 -17.70 -22.91 -39.11
C LEU B 14 -18.76 -22.25 -39.99
N LYS B 15 -19.04 -22.79 -41.17
CA LYS B 15 -20.06 -22.21 -42.05
C LYS B 15 -21.43 -22.68 -41.60
N GLY B 16 -22.33 -21.73 -41.37
CA GLY B 16 -23.66 -22.03 -40.87
C GLY B 16 -23.75 -22.27 -39.38
N TYR B 17 -22.62 -22.19 -38.67
CA TYR B 17 -22.65 -22.39 -37.22
C TYR B 17 -23.34 -21.22 -36.54
N ASP B 18 -24.23 -21.53 -35.59
CA ASP B 18 -24.97 -20.54 -34.84
C ASP B 18 -24.42 -20.48 -33.43
N ILE B 19 -23.74 -19.38 -33.10
CA ILE B 19 -23.14 -19.24 -31.78
C ILE B 19 -24.17 -18.99 -30.70
N ARG B 20 -25.39 -18.60 -31.06
CA ARG B 20 -26.41 -18.23 -30.08
C ARG B 20 -27.18 -19.43 -29.52
N LEU B 21 -26.97 -20.63 -30.06
CA LEU B 21 -27.68 -21.84 -29.64
C LEU B 21 -26.69 -22.83 -29.05
N ARG B 22 -27.12 -23.50 -27.98
CA ARG B 22 -26.28 -24.50 -27.33
C ARG B 22 -26.27 -25.78 -28.17
N PRO B 23 -25.35 -26.71 -27.90
CA PRO B 23 -25.18 -27.88 -28.79
C PRO B 23 -26.44 -28.69 -29.07
N ASP B 24 -27.29 -28.93 -28.08
CA ASP B 24 -28.57 -29.64 -28.28
C ASP B 24 -29.66 -28.71 -27.77
N PHE B 25 -30.11 -27.79 -28.64
CA PHE B 25 -30.98 -26.71 -28.19
C PHE B 25 -32.32 -27.24 -27.71
N GLY B 26 -32.98 -28.08 -28.51
CA GLY B 26 -34.23 -28.70 -28.13
C GLY B 26 -34.09 -30.06 -27.48
N GLY B 27 -32.86 -30.52 -27.24
CA GLY B 27 -32.62 -31.87 -26.77
C GLY B 27 -32.30 -31.90 -25.29
N PRO B 28 -31.73 -33.02 -24.81
CA PRO B 28 -31.38 -33.12 -23.39
C PRO B 28 -30.26 -32.15 -23.03
N PRO B 29 -30.02 -31.91 -21.75
CA PRO B 29 -29.01 -30.94 -21.36
C PRO B 29 -27.61 -31.39 -21.74
N VAL B 30 -26.76 -30.39 -21.98
CA VAL B 30 -25.36 -30.66 -22.33
C VAL B 30 -24.59 -30.98 -21.06
N CYS B 31 -23.90 -32.11 -21.07
CA CYS B 31 -23.08 -32.54 -19.94
C CYS B 31 -21.69 -31.94 -20.11
N VAL B 32 -21.33 -31.01 -19.24
CA VAL B 32 -20.04 -30.32 -19.28
C VAL B 32 -19.17 -30.89 -18.17
N GLY B 33 -18.12 -31.62 -18.54
CA GLY B 33 -17.14 -32.07 -17.57
C GLY B 33 -16.11 -31.00 -17.32
N MET B 34 -15.55 -31.01 -16.11
CA MET B 34 -14.57 -30.00 -15.71
C MET B 34 -13.41 -30.66 -14.97
N ASN B 35 -12.23 -30.11 -15.15
CA ASN B 35 -11.11 -30.44 -14.27
C ASN B 35 -10.24 -29.22 -14.09
N ILE B 36 -9.46 -29.25 -13.01
CA ILE B 36 -8.61 -28.14 -12.59
C ILE B 36 -7.22 -28.68 -12.31
N ASP B 37 -6.20 -27.89 -12.65
CA ASP B 37 -4.83 -28.15 -12.25
C ASP B 37 -4.32 -26.92 -11.51
N ILE B 38 -4.05 -27.06 -10.21
CA ILE B 38 -3.67 -25.93 -9.37
C ILE B 38 -2.20 -25.64 -9.59
N ALA B 39 -1.89 -24.45 -10.12
CA ALA B 39 -0.50 -24.08 -10.33
C ALA B 39 0.13 -23.52 -9.07
N SER B 40 -0.58 -22.66 -8.35
CA SER B 40 -0.05 -22.05 -7.14
C SER B 40 -1.21 -21.51 -6.31
N ILE B 41 -0.97 -21.42 -5.00
CA ILE B 41 -1.85 -20.73 -4.07
C ILE B 41 -1.03 -19.62 -3.42
N ASP B 42 -1.29 -18.39 -3.81
CA ASP B 42 -0.57 -17.24 -3.27
C ASP B 42 -1.16 -16.88 -1.92
N MET B 43 -0.85 -15.67 -1.42
CA MET B 43 -1.06 -15.33 -0.02
C MET B 43 -2.51 -15.54 0.42
N VAL B 44 -2.67 -16.19 1.57
CA VAL B 44 -3.95 -16.34 2.23
C VAL B 44 -4.05 -15.23 3.26
N SER B 45 -4.91 -14.25 3.01
CA SER B 45 -4.95 -13.01 3.79
C SER B 45 -6.03 -13.09 4.85
N GLU B 46 -5.62 -12.94 6.11
CA GLU B 46 -6.59 -12.80 7.19
C GLU B 46 -7.20 -11.41 7.22
N VAL B 47 -6.44 -10.39 6.84
CA VAL B 47 -6.94 -9.02 6.85
C VAL B 47 -8.07 -8.87 5.85
N ASN B 48 -7.88 -9.40 4.64
CA ASN B 48 -8.88 -9.31 3.58
C ASN B 48 -9.85 -10.48 3.55
N MET B 49 -9.58 -11.54 4.30
CA MET B 49 -10.45 -12.73 4.35
C MET B 49 -10.67 -13.31 2.96
N ASP B 50 -9.57 -13.59 2.27
CA ASP B 50 -9.63 -14.17 0.94
C ASP B 50 -8.32 -14.87 0.64
N TYR B 51 -8.30 -15.61 -0.47
CA TYR B 51 -7.12 -16.29 -0.94
C TYR B 51 -7.06 -16.22 -2.46
N THR B 52 -5.85 -16.19 -3.00
CA THR B 52 -5.61 -16.11 -4.43
C THR B 52 -5.17 -17.45 -4.96
N LEU B 53 -5.67 -17.82 -6.14
CA LEU B 53 -5.53 -19.15 -6.71
C LEU B 53 -5.24 -19.03 -8.20
N THR B 54 -4.17 -19.65 -8.65
CA THR B 54 -3.84 -19.75 -10.07
C THR B 54 -4.05 -21.19 -10.52
N MET B 55 -4.74 -21.35 -11.65
CA MET B 55 -5.14 -22.68 -12.08
C MET B 55 -5.29 -22.76 -13.58
N TYR B 56 -5.17 -24.00 -14.08
CA TYR B 56 -5.58 -24.36 -15.43
C TYR B 56 -6.96 -24.98 -15.33
N PHE B 57 -7.97 -24.29 -15.86
CA PHE B 57 -9.37 -24.67 -15.76
C PHE B 57 -9.81 -25.18 -17.12
N GLN B 58 -10.17 -26.46 -17.20
CA GLN B 58 -10.50 -27.11 -18.46
C GLN B 58 -11.94 -27.61 -18.43
N GLN B 59 -12.66 -27.36 -19.52
CA GLN B 59 -14.04 -27.80 -19.70
C GLN B 59 -14.13 -28.68 -20.94
N TYR B 60 -15.01 -29.67 -20.87
CA TYR B 60 -15.14 -30.71 -21.88
CA TYR B 60 -15.13 -30.72 -21.86
C TYR B 60 -16.60 -30.89 -22.22
N TRP B 61 -16.92 -30.86 -23.51
CA TRP B 61 -18.32 -31.08 -23.88
C TRP B 61 -18.41 -31.48 -25.35
N ARG B 62 -19.48 -32.18 -25.69
CA ARG B 62 -19.70 -32.67 -27.05
C ARG B 62 -20.60 -31.73 -27.82
N ASP B 63 -20.24 -31.47 -29.08
CA ASP B 63 -21.03 -30.65 -29.98
C ASP B 63 -21.09 -31.35 -31.33
N LYS B 64 -22.28 -31.80 -31.71
CA LYS B 64 -22.43 -32.57 -32.95
C LYS B 64 -22.10 -31.73 -34.18
N ARG B 65 -22.34 -30.42 -34.11
CA ARG B 65 -22.11 -29.56 -35.27
C ARG B 65 -20.64 -29.49 -35.65
N LEU B 66 -19.73 -29.73 -34.71
CA LEU B 66 -18.30 -29.62 -34.94
C LEU B 66 -17.63 -30.95 -35.29
N ALA B 67 -18.41 -32.01 -35.47
CA ALA B 67 -17.83 -33.30 -35.85
C ALA B 67 -17.29 -33.24 -37.28
N TYR B 68 -16.16 -33.89 -37.49
CA TYR B 68 -15.54 -33.97 -38.81
C TYR B 68 -14.99 -35.38 -39.01
N SER B 69 -14.77 -35.73 -40.27
CA SER B 69 -14.31 -37.06 -40.66
C SER B 69 -13.23 -36.95 -41.70
N GLY B 70 -12.42 -38.00 -41.80
CA GLY B 70 -11.34 -38.06 -42.75
C GLY B 70 -10.00 -37.51 -42.26
N ILE B 71 -9.96 -36.94 -41.06
CA ILE B 71 -8.75 -36.37 -40.49
C ILE B 71 -8.50 -37.05 -39.15
N PRO B 72 -7.69 -38.12 -39.07
CA PRO B 72 -7.47 -38.77 -37.76
C PRO B 72 -6.50 -37.98 -36.89
N LEU B 73 -6.95 -36.80 -36.45
CA LEU B 73 -6.13 -35.92 -35.64
C LEU B 73 -7.03 -35.09 -34.74
N ASN B 74 -6.49 -34.69 -33.59
CA ASN B 74 -7.12 -33.72 -32.72
C ASN B 74 -6.69 -32.33 -33.18
N LEU B 75 -7.63 -31.55 -33.70
CA LEU B 75 -7.31 -30.24 -34.26
C LEU B 75 -7.22 -29.23 -33.13
N THR B 76 -6.00 -28.86 -32.75
CA THR B 76 -5.76 -27.78 -31.80
C THR B 76 -5.75 -26.47 -32.59
N LEU B 77 -6.80 -25.68 -32.43
CA LEU B 77 -6.96 -24.47 -33.23
C LEU B 77 -6.43 -23.26 -32.49
N ASP B 78 -6.20 -22.19 -33.25
CA ASP B 78 -5.77 -20.93 -32.66
C ASP B 78 -6.84 -20.43 -31.69
N ASN B 79 -6.39 -19.86 -30.57
CA ASN B 79 -7.31 -19.52 -29.48
C ASN B 79 -8.34 -18.48 -29.89
N ARG B 80 -8.08 -17.71 -30.95
CA ARG B 80 -9.04 -16.69 -31.37
C ARG B 80 -10.34 -17.28 -31.89
N VAL B 81 -10.35 -18.55 -32.32
CA VAL B 81 -11.56 -19.15 -32.85
C VAL B 81 -12.58 -19.47 -31.76
N ALA B 82 -12.18 -19.41 -30.49
CA ALA B 82 -13.13 -19.63 -29.40
C ALA B 82 -14.25 -18.60 -29.40
N ASP B 83 -13.97 -17.39 -29.92
CA ASP B 83 -15.01 -16.38 -30.05
C ASP B 83 -16.08 -16.77 -31.06
N GLN B 84 -15.80 -17.72 -31.96
CA GLN B 84 -16.74 -18.16 -32.98
C GLN B 84 -17.52 -19.41 -32.59
N LEU B 85 -17.38 -19.88 -31.34
CA LEU B 85 -18.03 -21.10 -30.89
C LEU B 85 -18.77 -20.84 -29.59
N TRP B 86 -19.84 -21.60 -29.39
CA TRP B 86 -20.55 -21.59 -28.12
C TRP B 86 -19.66 -22.19 -27.03
N VAL B 87 -19.67 -21.58 -25.86
CA VAL B 87 -19.00 -22.12 -24.68
C VAL B 87 -19.89 -21.94 -23.47
N PRO B 88 -19.69 -22.74 -22.41
CA PRO B 88 -20.53 -22.58 -21.22
C PRO B 88 -20.30 -21.24 -20.54
N ASP B 89 -21.36 -20.74 -19.91
CA ASP B 89 -21.32 -19.47 -19.18
C ASP B 89 -20.97 -19.71 -17.70
N THR B 90 -19.84 -20.39 -17.50
CA THR B 90 -19.41 -20.74 -16.15
C THR B 90 -18.90 -19.50 -15.42
N TYR B 91 -19.15 -19.45 -14.11
CA TYR B 91 -18.63 -18.38 -13.28
C TYR B 91 -18.49 -18.88 -11.85
N PHE B 92 -17.86 -18.05 -11.02
CA PHE B 92 -17.55 -18.37 -9.64
C PHE B 92 -18.33 -17.46 -8.70
N LEU B 93 -19.03 -18.06 -7.73
CA LEU B 93 -19.90 -17.28 -6.85
C LEU B 93 -19.09 -16.38 -5.93
N ASN B 94 -18.08 -16.93 -5.27
CA ASN B 94 -17.35 -16.21 -4.23
C ASN B 94 -16.13 -15.48 -4.76
N ASP B 95 -15.94 -15.44 -6.07
CA ASP B 95 -14.84 -14.67 -6.66
C ASP B 95 -15.04 -13.18 -6.45
N LYS B 96 -13.95 -12.49 -6.08
CA LYS B 96 -13.92 -11.04 -5.94
C LYS B 96 -13.23 -10.36 -7.11
N LYS B 97 -12.17 -10.96 -7.62
CA LYS B 97 -11.41 -10.39 -8.73
C LYS B 97 -10.66 -11.52 -9.42
N SER B 98 -10.79 -11.60 -10.74
CA SER B 98 -10.13 -12.64 -11.51
C SER B 98 -9.84 -12.14 -12.92
N PHE B 99 -8.88 -12.80 -13.57
CA PHE B 99 -8.49 -12.43 -14.92
C PHE B 99 -7.83 -13.62 -15.59
N VAL B 100 -7.82 -13.58 -16.92
CA VAL B 100 -7.10 -14.56 -17.75
C VAL B 100 -5.78 -13.94 -18.17
N HIS B 101 -4.70 -14.70 -17.99
CA HIS B 101 -3.38 -14.22 -18.38
C HIS B 101 -3.30 -14.02 -19.88
N GLY B 102 -2.60 -12.98 -20.31
CA GLY B 102 -2.60 -12.55 -21.69
C GLY B 102 -1.23 -12.28 -22.31
N VAL B 103 -0.22 -13.05 -21.91
CA VAL B 103 1.14 -12.95 -22.44
C VAL B 103 1.61 -14.37 -22.75
N THR B 104 2.19 -14.60 -23.95
CA THR B 104 2.37 -13.67 -25.07
C THR B 104 1.04 -13.39 -25.78
N VAL B 105 0.17 -14.40 -25.78
CA VAL B 105 -1.20 -14.26 -26.28
C VAL B 105 -2.14 -14.64 -25.14
N LYS B 106 -3.45 -14.61 -25.40
CA LYS B 106 -4.42 -15.03 -24.41
C LYS B 106 -4.22 -16.51 -24.08
N ASN B 107 -3.99 -16.81 -22.80
CA ASN B 107 -3.71 -18.17 -22.38
C ASN B 107 -5.01 -18.96 -22.43
N ARG B 108 -5.34 -19.39 -23.64
CA ARG B 108 -6.61 -20.04 -23.94
C ARG B 108 -6.37 -21.12 -24.97
N MET B 109 -6.98 -22.29 -24.74
CA MET B 109 -6.84 -23.45 -25.61
C MET B 109 -8.21 -23.87 -26.09
N ILE B 110 -8.29 -24.21 -27.38
CA ILE B 110 -9.48 -24.82 -27.97
C ILE B 110 -9.01 -25.97 -28.86
N ARG B 111 -9.52 -27.17 -28.59
CA ARG B 111 -9.15 -28.38 -29.30
C ARG B 111 -10.40 -29.17 -29.67
N LEU B 112 -10.52 -29.49 -30.96
CA LEU B 112 -11.62 -30.28 -31.47
C LEU B 112 -11.16 -31.71 -31.74
N HIS B 113 -12.10 -32.64 -31.68
CA HIS B 113 -11.89 -34.05 -31.93
C HIS B 113 -12.82 -34.49 -33.06
N PRO B 114 -12.56 -35.63 -33.71
CA PRO B 114 -13.40 -36.02 -34.85
C PRO B 114 -14.88 -36.21 -34.52
N ASP B 115 -15.20 -36.63 -33.30
CA ASP B 115 -16.57 -36.91 -32.91
C ASP B 115 -17.33 -35.67 -32.43
N GLY B 116 -16.78 -34.48 -32.63
CA GLY B 116 -17.42 -33.25 -32.19
C GLY B 116 -17.09 -32.83 -30.77
N THR B 117 -16.27 -33.58 -30.05
CA THR B 117 -15.88 -33.20 -28.71
C THR B 117 -15.03 -31.93 -28.74
N VAL B 118 -15.20 -31.10 -27.73
CA VAL B 118 -14.51 -29.83 -27.58
C VAL B 118 -13.87 -29.79 -26.22
N LEU B 119 -12.57 -29.46 -26.19
CA LEU B 119 -11.80 -29.21 -24.98
C LEU B 119 -11.44 -27.73 -24.96
N TYR B 120 -11.82 -27.03 -23.90
CA TYR B 120 -11.67 -25.59 -23.78
C TYR B 120 -10.94 -25.28 -22.48
N GLY B 121 -9.74 -24.75 -22.58
CA GLY B 121 -8.88 -24.52 -21.41
C GLY B 121 -8.56 -23.06 -21.23
N LEU B 122 -8.49 -22.63 -19.97
CA LEU B 122 -8.12 -21.27 -19.61
C LEU B 122 -7.11 -21.32 -18.46
N ARG B 123 -6.28 -20.29 -18.39
CA ARG B 123 -5.34 -20.10 -17.28
C ARG B 123 -5.81 -18.89 -16.49
N ILE B 124 -6.34 -19.14 -15.28
CA ILE B 124 -7.07 -18.14 -14.52
C ILE B 124 -6.37 -17.92 -13.18
N THR B 125 -6.18 -16.65 -12.82
CA THR B 125 -5.83 -16.25 -11.47
C THR B 125 -7.03 -15.55 -10.87
N THR B 126 -7.51 -16.05 -9.73
CA THR B 126 -8.74 -15.57 -9.10
C THR B 126 -8.53 -15.39 -7.61
N THR B 127 -9.02 -14.27 -7.09
CA THR B 127 -9.11 -14.03 -5.65
C THR B 127 -10.52 -14.41 -5.20
N ALA B 128 -10.61 -15.23 -4.17
CA ALA B 128 -11.88 -15.77 -3.69
C ALA B 128 -12.02 -15.51 -2.20
N ALA B 129 -13.23 -15.13 -1.80
CA ALA B 129 -13.50 -14.82 -0.40
C ALA B 129 -13.45 -16.09 0.45
N CYS B 130 -12.92 -15.95 1.66
CA CYS B 130 -12.87 -17.06 2.62
C CYS B 130 -12.96 -16.46 4.01
N MET B 131 -14.16 -16.43 4.57
CA MET B 131 -14.34 -15.93 5.93
C MET B 131 -13.78 -16.93 6.92
N MET B 132 -12.96 -16.45 7.85
CA MET B 132 -12.20 -17.28 8.76
C MET B 132 -12.66 -17.06 10.19
N ASP B 133 -12.72 -18.15 10.95
CA ASP B 133 -13.02 -18.10 12.38
C ASP B 133 -11.69 -18.15 13.12
N LEU B 134 -11.30 -17.03 13.73
CA LEU B 134 -9.98 -16.87 14.34
C LEU B 134 -10.02 -16.99 15.86
N ARG B 135 -11.01 -17.71 16.40
CA ARG B 135 -11.11 -17.85 17.85
C ARG B 135 -9.95 -18.67 18.41
N ARG B 136 -9.52 -19.69 17.66
CA ARG B 136 -8.40 -20.55 18.05
C ARG B 136 -7.09 -20.12 17.40
N TYR B 137 -7.02 -18.91 16.89
CA TYR B 137 -5.80 -18.44 16.25
C TYR B 137 -4.67 -18.36 17.26
N PRO B 138 -3.44 -18.77 16.91
CA PRO B 138 -2.91 -19.33 15.65
C PRO B 138 -2.94 -20.85 15.60
N LEU B 139 -3.73 -21.49 16.48
CA LEU B 139 -3.87 -22.94 16.52
C LEU B 139 -5.14 -23.40 15.84
N ASP B 140 -5.52 -22.72 14.75
CA ASP B 140 -6.80 -22.89 14.08
C ASP B 140 -6.64 -23.60 12.75
N GLU B 141 -7.76 -24.10 12.24
CA GLU B 141 -7.87 -24.65 10.90
C GLU B 141 -8.97 -23.91 10.15
N GLN B 142 -8.74 -23.69 8.86
CA GLN B 142 -9.68 -22.98 8.00
C GLN B 142 -10.14 -23.88 6.86
N ASN B 143 -11.34 -23.62 6.36
CA ASN B 143 -11.93 -24.32 5.24
C ASN B 143 -12.27 -23.28 4.18
N CYS B 144 -11.52 -23.29 3.08
CA CYS B 144 -11.68 -22.30 2.00
C CYS B 144 -12.18 -23.01 0.75
N THR B 145 -13.21 -22.45 0.14
CA THR B 145 -13.93 -23.10 -0.94
C THR B 145 -13.94 -22.22 -2.19
N LEU B 146 -14.11 -22.89 -3.33
CA LEU B 146 -14.36 -22.26 -4.62
C LEU B 146 -15.62 -22.89 -5.21
N GLU B 147 -16.62 -22.07 -5.48
CA GLU B 147 -17.89 -22.52 -6.02
C GLU B 147 -17.94 -22.20 -7.51
N ILE B 148 -18.51 -23.12 -8.28
CA ILE B 148 -18.58 -23.03 -9.74
C ILE B 148 -20.03 -23.25 -10.13
N GLU B 149 -20.58 -22.32 -10.91
CA GLU B 149 -22.00 -22.34 -11.24
C GLU B 149 -22.19 -21.81 -12.66
N SER B 150 -23.39 -22.03 -13.19
CA SER B 150 -23.82 -21.51 -14.49
C SER B 150 -24.70 -20.29 -14.26
N TYR B 151 -24.39 -19.19 -14.97
CA TYR B 151 -25.12 -17.96 -14.72
C TYR B 151 -26.55 -18.05 -15.22
N GLY B 152 -26.76 -18.52 -16.46
CA GLY B 152 -28.05 -18.46 -17.09
C GLY B 152 -28.81 -19.77 -17.17
N TYR B 153 -28.12 -20.86 -17.49
CA TYR B 153 -28.79 -22.12 -17.74
C TYR B 153 -29.13 -22.84 -16.44
N THR B 154 -30.14 -23.70 -16.52
CA THR B 154 -30.58 -24.55 -15.42
C THR B 154 -30.27 -26.00 -15.76
N THR B 155 -30.65 -26.91 -14.85
CA THR B 155 -30.33 -28.32 -15.03
C THR B 155 -31.02 -28.91 -16.25
N ASP B 156 -32.12 -28.32 -16.71
CA ASP B 156 -32.78 -28.78 -17.92
C ASP B 156 -32.01 -28.43 -19.19
N ASP B 157 -30.97 -27.57 -19.10
CA ASP B 157 -30.17 -27.16 -20.23
C ASP B 157 -28.70 -27.52 -20.12
N ILE B 158 -28.14 -27.57 -18.92
CA ILE B 158 -26.72 -27.84 -18.73
C ILE B 158 -26.53 -28.65 -17.46
N GLU B 159 -25.54 -29.54 -17.48
CA GLU B 159 -25.19 -30.36 -16.33
C GLU B 159 -23.69 -30.35 -16.14
N PHE B 160 -23.25 -30.20 -14.90
CA PHE B 160 -21.83 -30.19 -14.55
C PHE B 160 -21.47 -31.48 -13.83
N TYR B 161 -20.24 -31.92 -14.04
CA TYR B 161 -19.68 -33.04 -13.31
C TYR B 161 -18.16 -32.92 -13.30
N TRP B 162 -17.54 -33.59 -12.34
CA TRP B 162 -16.09 -33.61 -12.24
C TRP B 162 -15.53 -34.68 -13.16
N ARG B 163 -14.68 -34.28 -14.10
CA ARG B 163 -14.11 -35.21 -15.07
C ARG B 163 -12.95 -35.95 -14.41
N GLY B 164 -13.11 -37.25 -14.21
CA GLY B 164 -12.15 -38.06 -13.49
C GLY B 164 -12.50 -38.33 -12.05
N GLY B 165 -13.70 -37.96 -11.60
CA GLY B 165 -14.10 -38.26 -10.24
C GLY B 165 -13.23 -37.55 -9.23
N ASP B 166 -12.72 -38.31 -8.25
CA ASP B 166 -11.89 -37.74 -7.20
C ASP B 166 -10.54 -37.27 -7.72
N LYS B 167 -10.14 -37.70 -8.91
CA LYS B 167 -8.86 -37.29 -9.52
C LYS B 167 -9.02 -36.07 -10.41
N ALA B 168 -10.15 -35.36 -10.35
CA ALA B 168 -10.38 -34.23 -11.23
C ALA B 168 -9.39 -33.10 -10.96
N VAL B 169 -9.10 -32.84 -9.69
CA VAL B 169 -8.23 -31.74 -9.29
C VAL B 169 -6.86 -32.32 -8.92
N THR B 170 -5.82 -31.80 -9.56
CA THR B 170 -4.45 -32.26 -9.38
C THR B 170 -3.55 -31.08 -9.04
N GLY B 171 -2.35 -31.39 -8.59
CA GLY B 171 -1.36 -30.39 -8.25
C GLY B 171 -1.45 -29.85 -6.83
N VAL B 172 -2.40 -30.33 -6.03
CA VAL B 172 -2.55 -29.80 -4.68
C VAL B 172 -1.39 -30.23 -3.79
N GLU B 173 -0.92 -31.47 -3.95
CA GLU B 173 0.16 -31.97 -3.11
C GLU B 173 1.46 -31.23 -3.36
N ARG B 174 1.64 -30.66 -4.55
CA ARG B 174 2.84 -29.90 -4.87
C ARG B 174 2.81 -28.48 -4.31
N ILE B 175 1.69 -28.04 -3.76
CA ILE B 175 1.61 -26.67 -3.23
C ILE B 175 2.33 -26.61 -1.90
N GLU B 176 3.04 -25.50 -1.67
CA GLU B 176 3.65 -25.21 -0.38
C GLU B 176 3.39 -23.75 -0.05
N LEU B 177 2.97 -23.51 1.20
CA LEU B 177 2.76 -22.17 1.74
C LEU B 177 3.69 -21.97 2.93
N PRO B 178 4.29 -20.78 3.11
CA PRO B 178 5.13 -20.58 4.31
C PRO B 178 4.37 -20.72 5.61
N GLN B 179 3.10 -20.33 5.65
CA GLN B 179 2.35 -20.23 6.89
C GLN B 179 1.33 -21.34 7.09
N PHE B 180 0.90 -22.02 6.03
CA PHE B 180 -0.18 -23.00 6.09
C PHE B 180 0.30 -24.34 5.54
N SER B 181 -0.44 -25.38 5.89
CA SER B 181 -0.23 -26.72 5.37
C SER B 181 -1.58 -27.27 4.92
N ILE B 182 -1.64 -27.74 3.68
CA ILE B 182 -2.88 -28.30 3.14
C ILE B 182 -2.98 -29.75 3.59
N VAL B 183 -4.02 -30.06 4.37
CA VAL B 183 -4.18 -31.39 4.96
C VAL B 183 -5.17 -32.21 4.13
N GLU B 184 -6.11 -31.54 3.48
CA GLU B 184 -7.14 -32.26 2.72
C GLU B 184 -7.77 -31.33 1.71
N HIS B 185 -8.24 -31.93 0.61
CA HIS B 185 -9.07 -31.23 -0.37
C HIS B 185 -10.21 -32.15 -0.78
N ARG B 186 -11.34 -31.53 -1.13
CA ARG B 186 -12.58 -32.25 -1.37
C ARG B 186 -13.30 -31.68 -2.58
N LEU B 187 -13.99 -32.55 -3.31
CA LEU B 187 -14.82 -32.20 -4.46
C LEU B 187 -16.26 -32.54 -4.14
N VAL B 188 -17.17 -31.63 -4.49
CA VAL B 188 -18.60 -31.85 -4.31
C VAL B 188 -19.32 -31.39 -5.57
N SER B 189 -20.37 -32.11 -5.93
CA SER B 189 -21.24 -31.75 -7.05
C SER B 189 -22.68 -31.89 -6.59
N ARG B 190 -23.50 -30.88 -6.86
CA ARG B 190 -24.90 -30.93 -6.45
C ARG B 190 -25.72 -30.02 -7.37
N ASN B 191 -27.00 -29.89 -7.04
CA ASN B 191 -27.94 -29.04 -7.77
C ASN B 191 -28.65 -28.16 -6.76
N VAL B 192 -28.34 -26.87 -6.77
CA VAL B 192 -28.98 -25.92 -5.85
C VAL B 192 -30.36 -25.58 -6.40
N VAL B 193 -31.38 -25.76 -5.57
CA VAL B 193 -32.77 -25.61 -5.99
C VAL B 193 -33.18 -24.17 -5.67
N PHE B 194 -32.98 -23.28 -6.63
CA PHE B 194 -33.43 -21.91 -6.51
C PHE B 194 -34.94 -21.89 -6.76
N ALA B 195 -35.56 -20.72 -6.59
CA ALA B 195 -37.00 -20.62 -6.85
C ALA B 195 -37.32 -20.97 -8.30
N THR B 196 -36.49 -20.51 -9.24
CA THR B 196 -36.66 -20.81 -10.66
C THR B 196 -35.81 -22.01 -11.04
N GLY B 197 -36.23 -23.18 -10.56
CA GLY B 197 -35.61 -24.43 -10.96
C GLY B 197 -34.31 -24.72 -10.23
N ALA B 198 -33.64 -25.76 -10.71
CA ALA B 198 -32.39 -26.24 -10.16
C ALA B 198 -31.23 -25.81 -11.05
N TYR B 199 -30.12 -25.41 -10.42
CA TYR B 199 -28.91 -24.98 -11.09
C TYR B 199 -27.74 -25.89 -10.69
N PRO B 200 -26.92 -26.35 -11.64
CA PRO B 200 -25.79 -27.20 -11.24
C PRO B 200 -24.74 -26.42 -10.47
N ARG B 201 -24.04 -27.12 -9.59
CA ARG B 201 -23.03 -26.50 -8.74
C ARG B 201 -21.90 -27.49 -8.51
N LEU B 202 -20.67 -27.01 -8.65
CA LEU B 202 -19.49 -27.75 -8.26
C LEU B 202 -18.75 -26.96 -7.18
N SER B 203 -18.08 -27.67 -6.29
CA SER B 203 -17.40 -27.04 -5.16
C SER B 203 -16.07 -27.72 -4.89
N LEU B 204 -15.02 -26.91 -4.80
CA LEU B 204 -13.66 -27.35 -4.46
C LEU B 204 -13.30 -26.76 -3.11
N SER B 205 -13.14 -27.59 -2.10
CA SER B 205 -12.81 -27.14 -0.75
C SER B 205 -11.41 -27.60 -0.37
N PHE B 206 -10.68 -26.74 0.34
CA PHE B 206 -9.39 -27.08 0.93
C PHE B 206 -9.46 -26.82 2.43
N ARG B 207 -8.75 -27.67 3.19
CA ARG B 207 -8.61 -27.51 4.63
C ARG B 207 -7.16 -27.13 4.93
N LEU B 208 -6.97 -25.96 5.53
CA LEU B 208 -5.66 -25.42 5.82
C LEU B 208 -5.42 -25.46 7.32
N LYS B 209 -4.25 -25.92 7.72
CA LYS B 209 -3.81 -25.94 9.12
C LYS B 209 -2.63 -25.01 9.29
N ARG B 210 -2.73 -24.07 10.22
CA ARG B 210 -1.69 -23.07 10.41
C ARG B 210 -0.48 -23.68 11.10
N ASN B 211 0.71 -23.24 10.70
CA ASN B 211 1.96 -23.66 11.30
C ASN B 211 2.26 -22.82 12.53
N ILE B 212 2.59 -23.47 13.65
CA ILE B 212 2.78 -22.79 14.92
C ILE B 212 4.23 -22.33 15.13
N GLY B 213 5.18 -22.79 14.30
CA GLY B 213 6.58 -22.53 14.58
C GLY B 213 6.94 -21.06 14.56
N TYR B 214 6.35 -20.30 13.63
CA TYR B 214 6.64 -18.87 13.56
C TYR B 214 6.20 -18.14 14.83
N PHE B 215 5.01 -18.46 15.31
CA PHE B 215 4.48 -17.76 16.48
C PHE B 215 5.24 -18.14 17.75
N ILE B 216 5.78 -19.36 17.81
CA ILE B 216 6.57 -19.77 18.97
C ILE B 216 7.78 -18.84 19.13
N LEU B 217 8.46 -18.54 18.02
CA LEU B 217 9.59 -17.62 18.08
C LEU B 217 9.15 -16.17 18.21
N GLN B 218 7.97 -15.82 17.68
CA GLN B 218 7.60 -14.41 17.62
C GLN B 218 6.99 -13.90 18.91
N THR B 219 6.07 -14.66 19.51
CA THR B 219 5.28 -14.20 20.66
C THR B 219 5.51 -15.03 21.91
N TYR B 220 5.41 -16.36 21.81
CA TYR B 220 5.35 -17.18 23.03
C TYR B 220 6.66 -17.12 23.81
N MET B 221 7.79 -17.31 23.12
CA MET B 221 9.07 -17.31 23.84
C MET B 221 9.39 -15.96 24.45
N PRO B 222 9.22 -14.82 23.76
CA PRO B 222 9.40 -13.52 24.45
C PRO B 222 8.52 -13.35 25.68
N SER B 223 7.25 -13.78 25.61
CA SER B 223 6.37 -13.64 26.76
C SER B 223 6.85 -14.50 27.93
N ILE B 224 7.24 -15.74 27.66
CA ILE B 224 7.73 -16.62 28.72
C ILE B 224 9.01 -16.04 29.33
N LEU B 225 9.90 -15.52 28.49
CA LEU B 225 11.16 -14.98 29.00
C LEU B 225 10.91 -13.74 29.85
N ILE B 226 9.98 -12.87 29.44
CA ILE B 226 9.67 -11.70 30.25
C ILE B 226 9.04 -12.12 31.58
N THR B 227 8.15 -13.12 31.55
CA THR B 227 7.54 -13.58 32.79
C THR B 227 8.59 -14.17 33.73
N ILE B 228 9.56 -14.91 33.19
CA ILE B 228 10.63 -15.43 34.03
C ILE B 228 11.49 -14.30 34.56
N LEU B 229 11.72 -13.26 33.75
CA LEU B 229 12.46 -12.09 34.20
C LEU B 229 11.75 -11.42 35.37
N SER B 230 10.42 -11.45 35.39
CA SER B 230 9.69 -10.81 36.48
C SER B 230 9.97 -11.48 37.83
N TRP B 231 10.30 -12.78 37.82
CA TRP B 231 10.50 -13.50 39.07
C TRP B 231 11.84 -13.19 39.73
N VAL B 232 12.78 -12.61 38.99
CA VAL B 232 14.09 -12.29 39.57
C VAL B 232 13.95 -11.31 40.72
N SER B 233 12.89 -10.51 40.73
CA SER B 233 12.65 -9.58 41.84
C SER B 233 12.49 -10.30 43.16
N PHE B 234 12.02 -11.55 43.15
CA PHE B 234 11.81 -12.25 44.41
C PHE B 234 13.12 -12.55 45.14
N TRP B 235 14.24 -12.59 44.43
CA TRP B 235 15.54 -12.85 45.03
C TRP B 235 16.29 -11.58 45.44
N ILE B 236 15.74 -10.40 45.15
CA ILE B 236 16.35 -9.14 45.55
C ILE B 236 15.92 -8.83 46.97
N ASN B 237 16.76 -8.08 47.68
CA ASN B 237 16.47 -7.72 49.06
C ASN B 237 15.27 -6.78 49.11
N TYR B 238 14.48 -6.91 50.19
CA TYR B 238 13.22 -6.17 50.27
C TYR B 238 13.44 -4.66 50.32
N ASP B 239 14.56 -4.21 50.88
CA ASP B 239 14.80 -2.78 51.03
C ASP B 239 15.31 -2.12 49.76
N ALA B 240 15.69 -2.88 48.74
CA ALA B 240 16.11 -2.33 47.46
C ALA B 240 14.87 -2.04 46.62
N SER B 241 14.16 -0.98 47.01
CA SER B 241 12.86 -0.69 46.41
C SER B 241 12.99 -0.24 44.96
N ALA B 242 14.04 0.52 44.64
CA ALA B 242 14.18 1.04 43.29
C ALA B 242 14.35 -0.10 42.27
N ALA B 243 15.18 -1.09 42.61
CA ALA B 243 15.46 -2.17 41.66
C ALA B 243 14.23 -3.04 41.42
N ARG B 244 13.56 -3.45 42.49
CA ARG B 244 12.39 -4.32 42.34
C ARG B 244 11.25 -3.60 41.63
N VAL B 245 11.04 -2.33 41.97
CA VAL B 245 10.01 -1.55 41.30
C VAL B 245 10.33 -1.38 39.83
N ALA B 246 11.61 -1.14 39.51
CA ALA B 246 12.01 -1.03 38.11
C ALA B 246 11.74 -2.33 37.36
N LEU B 247 12.08 -3.47 37.96
CA LEU B 247 11.79 -4.76 37.35
C LEU B 247 10.30 -4.93 37.07
N GLY B 248 9.47 -4.68 38.09
CA GLY B 248 8.04 -4.90 37.92
C GLY B 248 7.43 -3.99 36.88
N ILE B 249 7.74 -2.69 36.95
CA ILE B 249 7.17 -1.73 36.01
C ILE B 249 7.63 -2.06 34.60
N THR B 250 8.91 -2.37 34.42
CA THR B 250 9.43 -2.69 33.10
C THR B 250 8.75 -3.91 32.52
N THR B 251 8.59 -4.97 33.31
CA THR B 251 7.96 -6.17 32.80
C THR B 251 6.49 -5.93 32.44
N VAL B 252 5.77 -5.18 33.28
CA VAL B 252 4.36 -4.93 33.01
C VAL B 252 4.19 -4.14 31.71
N LEU B 253 4.97 -3.07 31.56
CA LEU B 253 4.84 -2.24 30.36
C LEU B 253 5.29 -3.00 29.13
N THR B 254 6.31 -3.86 29.25
CA THR B 254 6.73 -4.67 28.11
C THR B 254 5.63 -5.63 27.69
N MET B 255 4.94 -6.25 28.65
CA MET B 255 3.84 -7.14 28.30
C MET B 255 2.72 -6.39 27.57
N THR B 256 2.38 -5.19 28.07
CA THR B 256 1.36 -4.40 27.39
C THR B 256 1.78 -4.05 25.97
N THR B 257 3.05 -3.64 25.80
CA THR B 257 3.55 -3.29 24.48
C THR B 257 3.50 -4.47 23.53
N ILE B 258 3.91 -5.66 24.01
CA ILE B 258 3.90 -6.85 23.16
C ILE B 258 2.47 -7.17 22.73
N ASN B 259 1.52 -7.12 23.67
CA ASN B 259 0.14 -7.42 23.32
C ASN B 259 -0.40 -6.44 22.28
N THR B 260 -0.13 -5.14 22.48
CA THR B 260 -0.63 -4.14 21.54
C THR B 260 -0.04 -4.34 20.15
N HIS B 261 1.28 -4.52 20.08
CA HIS B 261 1.93 -4.66 18.78
C HIS B 261 1.51 -5.94 18.07
N LEU B 262 1.26 -7.00 18.83
CA LEU B 262 0.72 -8.20 18.21
C LEU B 262 -0.67 -7.95 17.64
N ARG B 263 -1.51 -7.20 18.37
CA ARG B 263 -2.86 -6.97 17.91
C ARG B 263 -2.96 -5.86 16.85
N GLU B 264 -1.86 -5.17 16.55
CA GLU B 264 -1.91 -4.16 15.48
C GLU B 264 -2.30 -4.78 14.14
N THR B 265 -1.74 -5.94 13.81
CA THR B 265 -2.07 -6.63 12.57
C THR B 265 -3.45 -7.28 12.71
N LEU B 266 -3.82 -8.09 11.72
CA LEU B 266 -5.08 -8.84 11.67
C LEU B 266 -6.29 -7.91 11.62
N PRO B 267 -7.47 -8.40 11.21
CA PRO B 267 -8.65 -7.53 11.18
C PRO B 267 -9.16 -7.26 12.59
N LYS B 268 -10.01 -6.24 12.69
CA LYS B 268 -10.54 -5.80 13.97
C LYS B 268 -11.74 -6.66 14.39
N ILE B 269 -11.46 -7.94 14.61
CA ILE B 269 -12.49 -8.88 15.07
C ILE B 269 -12.84 -8.52 16.51
N PRO B 270 -14.07 -8.76 16.97
CA PRO B 270 -14.46 -8.36 18.33
C PRO B 270 -14.16 -9.36 19.43
N TYR B 271 -13.84 -10.61 19.09
CA TYR B 271 -13.71 -11.68 20.06
C TYR B 271 -12.24 -11.91 20.42
N VAL B 272 -12.04 -12.71 21.46
CA VAL B 272 -10.71 -12.97 22.01
C VAL B 272 -10.11 -14.18 21.31
N LYS B 273 -8.89 -14.02 20.81
CA LYS B 273 -8.16 -15.11 20.19
C LYS B 273 -7.43 -15.93 21.26
N ALA B 274 -6.91 -17.08 20.85
CA ALA B 274 -6.17 -17.92 21.79
C ALA B 274 -4.87 -17.26 22.22
N ILE B 275 -4.22 -16.52 21.33
CA ILE B 275 -2.99 -15.81 21.67
C ILE B 275 -3.30 -14.73 22.71
N ASP B 276 -4.46 -14.09 22.61
CA ASP B 276 -4.85 -13.07 23.57
C ASP B 276 -4.98 -13.66 24.97
N MET B 277 -5.49 -14.88 25.08
CA MET B 277 -5.60 -15.54 26.37
C MET B 277 -4.22 -15.73 27.01
N TYR B 278 -3.25 -16.20 26.22
CA TYR B 278 -1.91 -16.39 26.75
C TYR B 278 -1.28 -15.07 27.16
N LEU B 279 -1.44 -14.04 26.34
CA LEU B 279 -0.86 -12.74 26.68
C LEU B 279 -1.49 -12.16 27.94
N MET B 280 -2.81 -12.33 28.08
CA MET B 280 -3.48 -11.85 29.29
C MET B 280 -3.03 -12.61 30.52
N GLY B 281 -2.83 -13.93 30.39
CA GLY B 281 -2.31 -14.68 31.52
C GLY B 281 -0.92 -14.23 31.92
N CYS B 282 -0.04 -13.99 30.95
CA CYS B 282 1.29 -13.51 31.25
C CYS B 282 1.23 -12.13 31.91
N PHE B 283 0.34 -11.26 31.43
CA PHE B 283 0.17 -9.95 32.04
C PHE B 283 -0.28 -10.08 33.49
N VAL B 284 -1.22 -10.99 33.75
CA VAL B 284 -1.69 -11.19 35.12
C VAL B 284 -0.55 -11.66 36.00
N PHE B 285 0.29 -12.56 35.48
CA PHE B 285 1.40 -13.07 36.28
C PHE B 285 2.39 -11.97 36.64
N VAL B 286 2.78 -11.15 35.66
CA VAL B 286 3.75 -10.09 35.97
C VAL B 286 3.13 -9.02 36.87
N PHE B 287 1.84 -8.72 36.68
CA PHE B 287 1.17 -7.76 37.55
C PHE B 287 1.12 -8.27 38.99
N LEU B 288 0.84 -9.56 39.17
CA LEU B 288 0.86 -10.14 40.51
C LEU B 288 2.27 -10.11 41.09
N ALA B 289 3.28 -10.30 40.26
CA ALA B 289 4.66 -10.22 40.74
C ALA B 289 4.97 -8.83 41.28
N LEU B 290 4.54 -7.78 40.58
CA LEU B 290 4.76 -6.42 41.08
C LEU B 290 3.94 -6.15 42.34
N LEU B 291 2.69 -6.59 42.36
CA LEU B 291 1.86 -6.40 43.55
C LEU B 291 2.42 -7.15 44.74
N GLU B 292 3.15 -8.23 44.52
CA GLU B 292 3.79 -8.94 45.61
C GLU B 292 4.78 -8.05 46.34
N TYR B 293 5.65 -7.36 45.59
CA TYR B 293 6.59 -6.47 46.27
C TYR B 293 5.88 -5.27 46.86
N ALA B 294 4.83 -4.77 46.21
CA ALA B 294 4.07 -3.68 46.82
C ALA B 294 3.50 -4.11 48.17
N PHE B 295 2.96 -5.32 48.24
CA PHE B 295 2.44 -5.84 49.50
C PHE B 295 3.54 -6.03 50.53
N VAL B 296 4.70 -6.52 50.11
CA VAL B 296 5.81 -6.73 51.04
C VAL B 296 6.26 -5.41 51.64
N ASN B 297 6.45 -4.40 50.77
CA ASN B 297 6.89 -3.09 51.23
C ASN B 297 5.85 -2.47 52.17
N TYR B 298 4.56 -2.57 51.82
CA TYR B 298 3.54 -2.02 52.70
C TYR B 298 3.53 -2.75 54.04
N ILE B 299 3.63 -4.08 54.03
CA ILE B 299 3.63 -4.84 55.27
C ILE B 299 4.76 -4.39 56.16
N PHE B 300 5.98 -4.33 55.62
CA PHE B 300 7.13 -3.89 56.40
C PHE B 300 6.93 -2.48 56.94
N PHE B 301 6.86 -1.49 56.05
CA PHE B 301 6.88 -0.09 56.46
C PHE B 301 5.53 0.42 56.93
N GLY B 302 4.54 -0.44 57.16
CA GLY B 302 3.29 -0.01 57.74
C GLY B 302 2.79 -0.89 58.87
N ARG B 303 3.47 -2.02 59.14
CA ARG B 303 3.13 -2.89 60.26
C ARG B 303 4.29 -3.10 61.22
N GLY B 304 5.54 -2.88 60.82
CA GLY B 304 6.65 -3.04 61.71
C GLY B 304 6.59 -2.14 62.93
N PRO B 305 6.33 -0.84 62.73
CA PRO B 305 6.15 0.05 63.89
C PRO B 305 5.01 -0.37 64.81
N GLN B 306 3.90 -0.86 64.24
CA GLN B 306 2.78 -1.29 65.07
C GLN B 306 3.08 -2.61 65.77
N ARG B 307 3.67 -3.57 65.06
CA ARG B 307 4.00 -4.85 65.67
C ARG B 307 5.03 -4.67 66.79
N GLN B 308 6.06 -3.86 66.56
CA GLN B 308 7.08 -3.65 67.58
C GLN B 308 6.50 -2.95 68.80
N LYS B 309 5.64 -1.96 68.59
CA LYS B 309 5.03 -1.24 69.72
C LYS B 309 4.13 -2.16 70.54
N LYS B 310 3.35 -3.02 69.86
CA LYS B 310 2.45 -3.92 70.57
C LYS B 310 3.22 -4.91 71.42
N LEU B 311 4.33 -5.43 70.90
CA LEU B 311 5.14 -6.40 71.62
C LEU B 311 6.00 -5.70 72.68
N ILE B 408 -0.48 -21.47 52.83
CA ILE B 408 -0.10 -20.08 52.66
C ILE B 408 0.87 -19.66 53.77
N PRO B 409 1.69 -18.63 53.55
CA PRO B 409 2.67 -18.23 54.55
C PRO B 409 2.07 -17.26 55.57
N ASP B 410 2.85 -17.01 56.62
CA ASP B 410 2.46 -16.01 57.59
C ASP B 410 2.57 -14.62 56.96
N LEU B 411 1.60 -13.76 57.28
CA LEU B 411 1.49 -12.45 56.66
C LEU B 411 2.32 -11.38 57.36
N THR B 412 3.22 -11.78 58.27
CA THR B 412 4.03 -10.86 59.06
C THR B 412 5.51 -11.21 58.96
N ASP B 413 5.96 -11.63 57.78
CA ASP B 413 7.37 -11.96 57.57
C ASP B 413 7.67 -11.78 56.09
N VAL B 414 8.38 -10.71 55.75
CA VAL B 414 8.67 -10.41 54.35
C VAL B 414 9.53 -11.50 53.73
N ASN B 415 10.47 -12.07 54.49
CA ASN B 415 11.28 -13.16 53.98
C ASN B 415 10.42 -14.38 53.67
N ALA B 416 9.47 -14.69 54.55
CA ALA B 416 8.58 -15.81 54.29
C ALA B 416 7.74 -15.58 53.05
N ILE B 417 7.24 -14.35 52.87
CA ILE B 417 6.45 -14.05 51.69
C ILE B 417 7.30 -14.20 50.43
N ASP B 418 8.54 -13.73 50.47
CA ASP B 418 9.41 -13.84 49.29
C ASP B 418 9.71 -15.30 48.97
N ARG B 419 9.99 -16.11 49.99
CA ARG B 419 10.27 -17.53 49.75
C ARG B 419 9.04 -18.24 49.19
N TRP B 420 7.86 -17.93 49.73
CA TRP B 420 6.64 -18.53 49.22
C TRP B 420 6.41 -18.13 47.76
N SER B 421 6.66 -16.87 47.42
CA SER B 421 6.54 -16.44 46.03
C SER B 421 7.52 -17.18 45.13
N ARG B 422 8.76 -17.34 45.60
CA ARG B 422 9.77 -18.07 44.84
C ARG B 422 9.30 -19.48 44.53
N ILE B 423 8.71 -20.15 45.51
CA ILE B 423 8.25 -21.51 45.27
C ILE B 423 7.03 -21.52 44.35
N VAL B 424 6.11 -20.59 44.53
CA VAL B 424 4.76 -20.74 43.99
C VAL B 424 4.64 -20.17 42.58
N PHE B 425 5.31 -19.06 42.27
CA PHE B 425 5.11 -18.45 40.95
C PHE B 425 5.53 -19.37 39.80
N PRO B 426 6.73 -19.97 39.82
CA PRO B 426 7.07 -20.91 38.72
C PRO B 426 6.12 -22.09 38.62
N PHE B 427 5.68 -22.65 39.74
CA PHE B 427 4.78 -23.80 39.69
C PHE B 427 3.44 -23.41 39.08
N THR B 428 2.88 -22.27 39.49
CA THR B 428 1.61 -21.83 38.94
C THR B 428 1.74 -21.51 37.46
N PHE B 429 2.85 -20.88 37.05
CA PHE B 429 3.04 -20.59 35.63
C PHE B 429 3.15 -21.87 34.82
N SER B 430 3.86 -22.87 35.33
CA SER B 430 3.96 -24.14 34.63
C SER B 430 2.60 -24.82 34.51
N LEU B 431 1.80 -24.77 35.59
CA LEU B 431 0.47 -25.36 35.54
C LEU B 431 -0.41 -24.64 34.52
N PHE B 432 -0.33 -23.30 34.48
CA PHE B 432 -1.09 -22.54 33.51
C PHE B 432 -0.69 -22.90 32.09
N ASN B 433 0.62 -23.04 31.85
CA ASN B 433 1.08 -23.43 30.51
C ASN B 433 0.58 -24.82 30.14
N LEU B 434 0.63 -25.75 31.08
CA LEU B 434 0.17 -27.11 30.80
C LEU B 434 -1.32 -27.11 30.46
N VAL B 435 -2.12 -26.39 31.24
CA VAL B 435 -3.56 -26.33 30.97
C VAL B 435 -3.83 -25.67 29.63
N TYR B 436 -3.11 -24.59 29.31
CA TYR B 436 -3.33 -23.89 28.06
C TYR B 436 -2.97 -24.77 26.87
N TRP B 437 -1.80 -25.41 26.91
CA TRP B 437 -1.33 -26.17 25.76
C TRP B 437 -2.07 -27.49 25.60
N LEU B 438 -2.62 -28.06 26.69
CA LEU B 438 -3.45 -29.24 26.52
C LEU B 438 -4.82 -28.90 25.95
N TYR B 439 -5.33 -27.71 26.26
CA TYR B 439 -6.67 -27.35 25.80
C TYR B 439 -6.70 -27.07 24.30
N TYR B 440 -5.72 -26.33 23.80
CA TYR B 440 -5.71 -25.89 22.41
C TYR B 440 -4.98 -26.84 21.48
N VAL B 441 -4.47 -27.96 21.98
CA VAL B 441 -3.81 -28.97 21.15
C VAL B 441 -4.32 -30.35 21.54
N GLY C 1 3.27 -0.56 -55.85
CA GLY C 1 4.55 -0.86 -55.24
C GLY C 1 4.84 -2.34 -55.21
N ASP C 2 6.12 -2.70 -55.34
CA ASP C 2 6.51 -4.10 -55.31
C ASP C 2 6.21 -4.74 -53.95
N VAL C 3 6.48 -4.01 -52.87
CA VAL C 3 6.27 -4.57 -51.54
C VAL C 3 4.78 -4.74 -51.26
N THR C 4 3.96 -3.80 -51.73
CA THR C 4 2.53 -3.88 -51.49
C THR C 4 1.92 -5.12 -52.14
N VAL C 5 2.27 -5.39 -53.41
CA VAL C 5 1.70 -6.54 -54.10
C VAL C 5 2.19 -7.83 -53.46
N ILE C 6 3.44 -7.86 -53.00
CA ILE C 6 3.96 -9.06 -52.34
C ILE C 6 3.18 -9.33 -51.07
N LEU C 7 2.97 -8.29 -50.25
CA LEU C 7 2.23 -8.47 -49.01
C LEU C 7 0.80 -8.90 -49.27
N ASN C 8 0.16 -8.31 -50.29
CA ASN C 8 -1.20 -8.71 -50.62
C ASN C 8 -1.26 -10.16 -51.07
N ASN C 9 -0.30 -10.58 -51.90
CA ASN C 9 -0.30 -11.95 -52.40
C ASN C 9 -0.06 -12.95 -51.27
N LEU C 10 0.79 -12.59 -50.30
CA LEU C 10 1.08 -13.51 -49.21
C LEU C 10 -0.17 -13.80 -48.39
N LEU C 11 -1.01 -12.78 -48.16
CA LEU C 11 -2.19 -12.95 -47.32
C LEU C 11 -3.38 -13.56 -48.05
N GLU C 12 -3.34 -13.67 -49.39
CA GLU C 12 -4.42 -14.31 -50.11
C GLU C 12 -4.46 -15.79 -49.79
N GLY C 13 -5.58 -16.25 -49.26
CA GLY C 13 -5.76 -17.64 -48.91
C GLY C 13 -5.11 -18.07 -47.61
N TYR C 14 -4.44 -17.14 -46.91
CA TYR C 14 -3.82 -17.48 -45.64
C TYR C 14 -4.87 -17.71 -44.57
N ASP C 15 -4.65 -18.75 -43.75
CA ASP C 15 -5.52 -19.08 -42.62
C ASP C 15 -4.65 -19.11 -41.37
N ASN C 16 -4.72 -18.05 -40.57
CA ASN C 16 -3.91 -17.97 -39.35
C ASN C 16 -4.41 -18.89 -38.25
N LYS C 17 -5.57 -19.54 -38.43
CA LYS C 17 -6.05 -20.49 -37.44
C LYS C 17 -5.23 -21.78 -37.44
N LEU C 18 -4.46 -22.05 -38.48
CA LEU C 18 -3.73 -23.30 -38.65
C LEU C 18 -2.23 -23.05 -38.56
N ARG C 19 -1.52 -24.04 -38.02
CA ARG C 19 -0.06 -23.97 -37.96
C ARG C 19 0.52 -24.07 -39.37
N PRO C 20 1.78 -23.68 -39.55
CA PRO C 20 2.53 -24.19 -40.71
C PRO C 20 2.83 -25.68 -40.50
N ASP C 21 2.58 -26.46 -41.54
CA ASP C 21 2.73 -27.92 -41.48
C ASP C 21 1.78 -28.51 -40.42
N ILE C 22 0.48 -28.29 -40.65
CA ILE C 22 -0.53 -28.64 -39.65
C ILE C 22 -0.56 -30.15 -39.43
N GLY C 23 -0.38 -30.93 -40.49
CA GLY C 23 -0.46 -32.39 -40.40
C GLY C 23 0.69 -33.10 -41.06
N VAL C 24 1.88 -32.51 -40.99
CA VAL C 24 3.08 -33.07 -41.64
C VAL C 24 4.15 -33.33 -40.59
N LYS C 25 4.54 -32.29 -39.85
CA LYS C 25 5.60 -32.41 -38.87
C LYS C 25 5.41 -31.33 -37.82
N PRO C 26 6.05 -31.46 -36.65
CA PRO C 26 5.98 -30.38 -35.66
C PRO C 26 6.63 -29.11 -36.16
N THR C 27 6.12 -27.98 -35.69
CA THR C 27 6.69 -26.68 -36.00
C THR C 27 7.84 -26.40 -35.03
N LEU C 28 9.02 -26.14 -35.56
CA LEU C 28 10.22 -25.94 -34.75
C LEU C 28 10.43 -24.45 -34.52
N ILE C 29 10.47 -24.05 -33.25
CA ILE C 29 10.64 -22.66 -32.84
C ILE C 29 12.01 -22.51 -32.21
N HIS C 30 12.74 -21.48 -32.63
CA HIS C 30 14.05 -21.15 -32.08
C HIS C 30 13.92 -19.88 -31.26
N THR C 31 14.26 -19.96 -29.97
CA THR C 31 14.00 -18.89 -29.02
C THR C 31 15.30 -18.18 -28.63
N ASP C 32 15.15 -16.91 -28.26
CA ASP C 32 16.28 -16.06 -27.91
C ASP C 32 15.81 -15.01 -26.93
N MET C 33 16.70 -14.63 -26.01
CA MET C 33 16.33 -13.76 -24.89
C MET C 33 17.46 -12.80 -24.57
N TYR C 34 17.12 -11.50 -24.52
CA TYR C 34 18.02 -10.46 -24.03
C TYR C 34 17.43 -9.90 -22.74
N VAL C 35 18.20 -9.96 -21.66
CA VAL C 35 17.72 -9.54 -20.35
C VAL C 35 18.12 -8.09 -20.13
N ASN C 36 17.14 -7.19 -20.16
CA ASN C 36 17.42 -5.78 -19.87
C ASN C 36 17.78 -5.60 -18.39
N SER C 37 17.01 -6.21 -17.51
CA SER C 37 17.27 -6.09 -16.08
C SER C 37 16.46 -7.14 -15.34
N ILE C 38 16.99 -7.57 -14.20
CA ILE C 38 16.26 -8.41 -13.25
C ILE C 38 15.89 -7.50 -12.09
N GLY C 39 14.60 -7.26 -11.93
CA GLY C 39 14.09 -6.33 -10.95
C GLY C 39 14.29 -6.82 -9.53
N PRO C 40 13.62 -6.19 -8.56
CA PRO C 40 13.83 -6.58 -7.17
C PRO C 40 13.31 -7.99 -6.90
N VAL C 41 13.97 -8.67 -5.97
CA VAL C 41 13.56 -9.98 -5.50
C VAL C 41 12.71 -9.77 -4.25
N ASN C 42 11.41 -10.01 -4.37
CA ASN C 42 10.47 -9.83 -3.27
C ASN C 42 10.41 -11.13 -2.48
N ALA C 43 11.16 -11.19 -1.37
CA ALA C 43 11.19 -12.42 -0.58
C ALA C 43 9.88 -12.67 0.13
N ILE C 44 9.11 -11.62 0.42
CA ILE C 44 7.84 -11.80 1.12
C ILE C 44 6.85 -12.53 0.23
N ASN C 45 6.75 -12.13 -1.03
CA ASN C 45 5.81 -12.73 -1.97
C ASN C 45 6.41 -13.89 -2.77
N MET C 46 7.69 -14.21 -2.58
CA MET C 46 8.36 -15.30 -3.28
C MET C 46 8.28 -15.10 -4.79
N GLU C 47 8.72 -13.92 -5.24
CA GLU C 47 8.67 -13.58 -6.65
C GLU C 47 9.77 -12.58 -6.98
N TYR C 48 10.07 -12.48 -8.26
CA TYR C 48 11.03 -11.51 -8.77
C TYR C 48 10.56 -10.97 -10.11
N THR C 49 10.98 -9.75 -10.41
CA THR C 49 10.62 -9.07 -11.65
C THR C 49 11.77 -9.14 -12.64
N ILE C 50 11.43 -9.26 -13.92
CA ILE C 50 12.42 -9.35 -14.99
C ILE C 50 11.89 -8.64 -16.22
N ASP C 51 12.77 -7.98 -16.96
CA ASP C 51 12.44 -7.28 -18.19
C ASP C 51 13.29 -7.86 -19.31
N ILE C 52 12.64 -8.28 -20.40
CA ILE C 52 13.32 -9.00 -21.47
C ILE C 52 12.85 -8.52 -22.84
N PHE C 53 13.72 -8.72 -23.82
CA PHE C 53 13.34 -8.81 -25.22
C PHE C 53 13.32 -10.29 -25.58
N PHE C 54 12.16 -10.78 -25.98
CA PHE C 54 11.93 -12.19 -26.26
C PHE C 54 11.69 -12.34 -27.76
N ALA C 55 12.48 -13.21 -28.40
CA ALA C 55 12.47 -13.38 -29.84
C ALA C 55 12.24 -14.85 -30.19
N GLN C 56 11.42 -15.09 -31.21
CA GLN C 56 11.10 -16.42 -31.69
C GLN C 56 11.23 -16.45 -33.20
N THR C 57 11.80 -17.54 -33.70
CA THR C 57 12.03 -17.74 -35.14
C THR C 57 11.44 -19.07 -35.56
N TRP C 58 10.80 -19.08 -36.73
CA TRP C 58 10.25 -20.34 -37.26
C TRP C 58 10.12 -20.20 -38.77
N TYR C 59 9.56 -21.24 -39.39
CA TYR C 59 9.41 -21.32 -40.84
C TYR C 59 7.94 -21.49 -41.19
N ASP C 60 7.50 -20.74 -42.20
CA ASP C 60 6.14 -20.82 -42.72
C ASP C 60 6.23 -20.88 -44.24
N ARG C 61 5.92 -22.04 -44.81
CA ARG C 61 6.01 -22.20 -46.25
C ARG C 61 5.00 -21.31 -46.98
N ARG C 62 3.90 -20.97 -46.33
CA ARG C 62 2.90 -20.11 -46.96
C ARG C 62 3.43 -18.71 -47.23
N LEU C 63 4.47 -18.27 -46.51
CA LEU C 63 5.00 -16.92 -46.63
C LEU C 63 6.23 -16.84 -47.53
N LYS C 64 6.50 -17.87 -48.33
CA LYS C 64 7.57 -17.78 -49.31
C LYS C 64 7.20 -16.80 -50.41
N PHE C 65 8.21 -16.08 -50.91
CA PHE C 65 8.00 -15.19 -52.04
C PHE C 65 9.31 -15.07 -52.81
N ASN C 66 9.19 -14.87 -54.12
CA ASN C 66 10.32 -14.67 -55.02
C ASN C 66 10.34 -13.22 -55.46
N SER C 67 11.45 -12.54 -55.20
CA SER C 67 11.58 -11.14 -55.58
C SER C 67 13.02 -10.71 -55.34
N THR C 68 13.36 -9.53 -55.85
CA THR C 68 14.68 -8.97 -55.59
C THR C 68 14.86 -8.61 -54.12
N ILE C 69 13.77 -8.29 -53.42
CA ILE C 69 13.85 -8.02 -51.99
C ILE C 69 14.06 -9.33 -51.26
N LYS C 70 15.07 -9.37 -50.38
CA LYS C 70 15.41 -10.59 -49.67
C LYS C 70 14.73 -10.68 -48.31
N VAL C 71 14.32 -9.57 -47.72
CA VAL C 71 13.68 -9.57 -46.41
C VAL C 71 12.76 -8.38 -46.31
N LEU C 72 11.60 -8.59 -45.70
CA LEU C 72 10.64 -7.55 -45.37
C LEU C 72 10.72 -7.28 -43.87
N ARG C 73 10.98 -6.03 -43.51
CA ARG C 73 11.05 -5.58 -42.12
C ARG C 73 9.77 -4.82 -41.81
N LEU C 74 9.04 -5.26 -40.79
CA LEU C 74 7.70 -4.75 -40.52
C LEU C 74 7.53 -4.49 -39.03
N ASN C 75 6.70 -3.50 -38.73
CA ASN C 75 6.33 -3.17 -37.36
C ASN C 75 5.23 -4.15 -36.91
N SER C 76 4.55 -3.83 -35.81
CA SER C 76 3.53 -4.70 -35.22
C SER C 76 2.24 -4.77 -36.03
N ASN C 77 2.15 -4.11 -37.18
CA ASN C 77 0.89 -4.04 -37.91
C ASN C 77 0.43 -5.42 -38.38
N MET C 78 1.35 -6.24 -38.87
CA MET C 78 1.03 -7.53 -39.48
C MET C 78 1.08 -8.69 -38.50
N VAL C 79 1.34 -8.44 -37.21
CA VAL C 79 1.50 -9.53 -36.26
C VAL C 79 0.20 -10.31 -36.11
N GLY C 80 -0.93 -9.59 -36.06
CA GLY C 80 -2.22 -10.24 -35.89
C GLY C 80 -2.78 -10.90 -37.13
N LYS C 81 -2.10 -10.80 -38.28
CA LYS C 81 -2.60 -11.34 -39.52
C LYS C 81 -2.11 -12.76 -39.80
N ILE C 82 -0.92 -13.11 -39.29
CA ILE C 82 -0.30 -14.40 -39.56
C ILE C 82 -0.38 -15.27 -38.30
N TRP C 83 -0.06 -16.54 -38.46
CA TRP C 83 0.01 -17.46 -37.32
C TRP C 83 1.21 -17.11 -36.45
N ILE C 84 1.00 -17.12 -35.14
CA ILE C 84 2.03 -16.80 -34.15
C ILE C 84 1.98 -17.92 -33.10
N PRO C 85 3.11 -18.37 -32.55
CA PRO C 85 3.02 -19.38 -31.47
C PRO C 85 2.37 -18.80 -30.22
N ASP C 86 1.65 -19.66 -29.52
CA ASP C 86 0.97 -19.29 -28.28
C ASP C 86 1.86 -19.53 -27.06
N THR C 87 3.08 -19.01 -27.10
CA THR C 87 4.02 -19.19 -26.01
C THR C 87 3.53 -18.46 -24.76
N PHE C 88 3.71 -19.09 -23.61
CA PHE C 88 3.35 -18.50 -22.34
C PHE C 88 4.32 -18.99 -21.28
N PHE C 89 4.44 -18.21 -20.21
CA PHE C 89 5.38 -18.47 -19.12
C PHE C 89 4.65 -19.20 -18.00
N ARG C 90 5.11 -20.41 -17.69
CA ARG C 90 4.38 -21.28 -16.78
C ARG C 90 4.40 -20.76 -15.36
N ASN C 91 5.55 -20.29 -14.89
CA ASN C 91 5.71 -19.83 -13.51
C ASN C 91 5.48 -18.32 -13.37
N SER C 92 4.73 -17.71 -14.28
CA SER C 92 4.48 -16.28 -14.25
C SER C 92 3.24 -15.98 -13.43
N LYS C 93 3.39 -15.08 -12.46
CA LYS C 93 2.25 -14.58 -11.70
C LYS C 93 1.59 -13.38 -12.36
N LYS C 94 2.37 -12.57 -13.08
CA LYS C 94 1.85 -11.38 -13.74
C LYS C 94 2.85 -10.95 -14.80
N ALA C 95 2.37 -10.81 -16.04
CA ALA C 95 3.20 -10.40 -17.16
C ALA C 95 2.44 -9.38 -17.99
N ASP C 96 3.18 -8.55 -18.71
CA ASP C 96 2.57 -7.51 -19.52
C ASP C 96 3.53 -7.11 -20.63
N ALA C 97 2.96 -6.77 -21.78
CA ALA C 97 3.70 -6.19 -22.89
C ALA C 97 3.71 -4.68 -22.76
N HIS C 98 4.44 -4.02 -23.66
CA HIS C 98 4.60 -2.57 -23.65
C HIS C 98 3.93 -1.98 -24.88
N TRP C 99 3.21 -0.87 -24.67
CA TRP C 99 2.35 -0.28 -25.69
C TRP C 99 2.59 1.21 -25.91
N ILE C 100 3.69 1.77 -25.39
CA ILE C 100 3.99 3.19 -25.51
C ILE C 100 5.29 3.32 -26.30
N THR C 101 5.32 4.16 -27.35
CA THR C 101 4.21 4.93 -27.93
C THR C 101 3.29 4.03 -28.75
N THR C 102 3.85 2.97 -29.31
CA THR C 102 3.14 1.97 -30.10
C THR C 102 3.47 0.61 -29.51
N PRO C 103 2.81 -0.46 -29.97
CA PRO C 103 3.16 -1.79 -29.45
C PRO C 103 4.61 -2.14 -29.76
N ASN C 104 5.34 -2.56 -28.73
CA ASN C 104 6.76 -2.87 -28.85
C ASN C 104 6.93 -4.29 -29.40
N ARG C 105 6.66 -4.43 -30.68
CA ARG C 105 6.82 -5.69 -31.39
C ARG C 105 7.47 -5.43 -32.75
N MET C 106 8.13 -6.46 -33.26
CA MET C 106 8.81 -6.38 -34.55
C MET C 106 8.67 -7.71 -35.27
N LEU C 107 8.44 -7.65 -36.59
CA LEU C 107 8.28 -8.82 -37.44
C LEU C 107 9.23 -8.70 -38.62
N ARG C 108 9.78 -9.83 -39.04
CA ARG C 108 10.68 -9.88 -40.19
C ARG C 108 10.45 -11.16 -40.95
N ILE C 109 10.28 -11.06 -42.27
CA ILE C 109 9.94 -12.20 -43.11
C ILE C 109 10.97 -12.29 -44.24
N TRP C 110 11.61 -13.44 -44.37
CA TRP C 110 12.61 -13.67 -45.40
C TRP C 110 11.98 -14.36 -46.61
N ASN C 111 12.70 -14.31 -47.74
CA ASN C 111 12.15 -14.83 -48.99
C ASN C 111 11.93 -16.33 -48.93
N ASP C 112 12.69 -17.04 -48.10
CA ASP C 112 12.54 -18.48 -47.96
C ASP C 112 11.46 -18.89 -46.98
N GLY C 113 10.74 -17.93 -46.39
CA GLY C 113 9.65 -18.22 -45.48
C GLY C 113 10.01 -18.16 -44.01
N ARG C 114 11.23 -17.77 -43.67
CA ARG C 114 11.62 -17.66 -42.26
C ARG C 114 10.99 -16.41 -41.65
N VAL C 115 10.37 -16.57 -40.49
CA VAL C 115 9.71 -15.49 -39.77
C VAL C 115 10.42 -15.31 -38.44
N LEU C 116 10.80 -14.07 -38.14
CA LEU C 116 11.34 -13.66 -36.85
C LEU C 116 10.35 -12.70 -36.22
N TYR C 117 10.03 -12.93 -34.94
CA TYR C 117 9.03 -12.15 -34.22
C TYR C 117 9.58 -11.85 -32.83
N THR C 118 9.71 -10.57 -32.48
CA THR C 118 10.29 -10.17 -31.21
C THR C 118 9.36 -9.20 -30.51
N LEU C 119 9.37 -9.26 -29.18
CA LEU C 119 8.57 -8.32 -28.38
C LEU C 119 9.21 -8.12 -27.01
N ARG C 120 8.89 -6.98 -26.41
CA ARG C 120 9.39 -6.59 -25.10
C ARG C 120 8.38 -7.00 -24.03
N LEU C 121 8.87 -7.60 -22.95
CA LEU C 121 8.01 -8.12 -21.90
C LEU C 121 8.57 -7.77 -20.53
N THR C 122 7.65 -7.59 -19.57
CA THR C 122 7.98 -7.45 -18.16
C THR C 122 7.19 -8.50 -17.39
N ILE C 123 7.89 -9.38 -16.69
CA ILE C 123 7.31 -10.58 -16.09
C ILE C 123 7.61 -10.58 -14.60
N ASP C 124 6.59 -10.85 -13.80
CA ASP C 124 6.75 -11.24 -12.40
C ASP C 124 6.68 -12.76 -12.34
N ALA C 125 7.74 -13.38 -11.85
CA ALA C 125 7.86 -14.84 -11.84
C ALA C 125 8.08 -15.31 -10.41
N GLU C 126 7.37 -16.38 -10.04
CA GLU C 126 7.50 -16.92 -8.70
C GLU C 126 8.84 -17.65 -8.54
N CYS C 127 9.44 -17.48 -7.37
CA CYS C 127 10.70 -18.14 -7.02
C CYS C 127 10.62 -18.57 -5.57
N GLN C 128 10.47 -19.87 -5.34
CA GLN C 128 10.40 -20.39 -3.98
C GLN C 128 11.79 -20.39 -3.35
N LEU C 129 11.90 -19.76 -2.19
CA LEU C 129 13.18 -19.52 -1.53
C LEU C 129 13.27 -20.33 -0.25
N GLN C 130 14.36 -21.08 -0.10
CA GLN C 130 14.70 -21.74 1.16
C GLN C 130 15.59 -20.80 1.95
N LEU C 131 15.12 -20.37 3.13
CA LEU C 131 15.76 -19.33 3.92
C LEU C 131 16.40 -19.90 5.18
N HIS C 132 16.84 -21.16 5.15
CA HIS C 132 17.45 -21.77 6.32
C HIS C 132 18.78 -21.10 6.64
N ASN C 133 19.55 -20.72 5.61
CA ASN C 133 20.85 -20.09 5.78
C ASN C 133 20.79 -18.57 5.66
N PHE C 134 19.61 -17.99 5.77
CA PHE C 134 19.48 -16.54 5.70
C PHE C 134 20.27 -15.91 6.84
N PRO C 135 21.01 -14.80 6.59
CA PRO C 135 21.22 -13.99 5.39
C PRO C 135 22.43 -14.41 4.56
N MET C 136 22.78 -15.70 4.63
CA MET C 136 23.89 -16.25 3.86
C MET C 136 23.36 -17.33 2.92
N ASP C 137 22.26 -17.01 2.24
CA ASP C 137 21.54 -17.97 1.39
C ASP C 137 21.76 -17.65 -0.07
N GLU C 138 21.73 -18.71 -0.89
CA GLU C 138 21.86 -18.62 -2.34
C GLU C 138 20.68 -19.33 -2.98
N HIS C 139 20.20 -18.80 -4.10
CA HIS C 139 18.99 -19.30 -4.75
C HIS C 139 19.22 -19.43 -6.25
N SER C 140 18.41 -20.28 -6.87
CA SER C 140 18.41 -20.51 -8.31
C SER C 140 16.97 -20.30 -8.79
N CYS C 141 16.68 -19.08 -9.21
CA CYS C 141 15.30 -18.72 -9.57
C CYS C 141 15.02 -19.09 -11.03
N PRO C 142 13.95 -19.81 -11.34
CA PRO C 142 13.69 -20.19 -12.73
C PRO C 142 12.76 -19.22 -13.47
N LEU C 143 12.81 -19.33 -14.79
CA LEU C 143 11.85 -18.68 -15.69
C LEU C 143 11.54 -19.70 -16.77
N GLU C 144 10.31 -20.21 -16.76
CA GLU C 144 9.90 -21.33 -17.62
C GLU C 144 8.89 -20.84 -18.64
N PHE C 145 8.94 -21.41 -19.85
CA PHE C 145 7.92 -21.12 -20.85
C PHE C 145 7.71 -22.32 -21.75
N SER C 146 6.53 -22.35 -22.36
CA SER C 146 6.14 -23.43 -23.26
C SER C 146 4.89 -22.98 -24.02
N SER C 147 4.47 -23.83 -24.95
CA SER C 147 3.24 -23.59 -25.70
C SER C 147 2.04 -23.99 -24.86
N TYR C 148 0.99 -23.17 -24.91
CA TYR C 148 -0.18 -23.42 -24.07
C TYR C 148 -1.01 -24.59 -24.58
N GLY C 149 -1.23 -24.66 -25.89
CA GLY C 149 -2.17 -25.60 -26.47
C GLY C 149 -1.56 -26.70 -27.32
N TYR C 150 -0.38 -26.46 -27.87
CA TYR C 150 0.22 -27.39 -28.83
C TYR C 150 1.17 -28.34 -28.10
N PRO C 151 0.89 -29.66 -28.05
CA PRO C 151 1.84 -30.57 -27.38
C PRO C 151 3.10 -30.82 -28.21
N ARG C 152 3.99 -31.70 -27.72
CA ARG C 152 5.29 -31.89 -28.34
C ARG C 152 5.18 -32.39 -29.77
N GLU C 153 4.08 -33.07 -30.12
CA GLU C 153 3.90 -33.56 -31.48
C GLU C 153 3.59 -32.44 -32.47
N GLU C 154 3.36 -31.22 -32.00
CA GLU C 154 2.94 -30.14 -32.88
C GLU C 154 3.85 -28.93 -32.84
N ILE C 155 4.39 -28.58 -31.67
CA ILE C 155 5.37 -27.50 -31.55
C ILE C 155 6.52 -27.99 -30.69
N VAL C 156 7.74 -27.70 -31.14
CA VAL C 156 8.97 -27.99 -30.40
C VAL C 156 9.79 -26.71 -30.37
N TYR C 157 10.19 -26.29 -29.18
CA TYR C 157 11.02 -25.11 -29.00
C TYR C 157 12.49 -25.53 -28.88
N GLN C 158 13.39 -24.58 -29.15
CA GLN C 158 14.81 -24.87 -29.17
C GLN C 158 15.62 -23.60 -28.88
N TRP C 159 16.78 -23.78 -28.26
CA TRP C 159 17.67 -22.65 -27.98
C TRP C 159 18.57 -22.37 -29.18
N LYS C 160 18.94 -21.10 -29.32
CA LYS C 160 19.83 -20.66 -30.40
C LYS C 160 21.29 -20.61 -29.95
N ARG C 161 21.79 -21.74 -29.41
CA ARG C 161 23.16 -21.84 -28.92
C ARG C 161 23.42 -20.79 -27.84
N SER C 162 23.97 -19.63 -28.20
CA SER C 162 24.17 -18.53 -27.25
C SER C 162 22.87 -17.73 -27.18
N SER C 163 21.88 -18.35 -26.53
CA SER C 163 20.52 -17.80 -26.56
C SER C 163 20.33 -16.70 -25.53
N VAL C 164 20.44 -17.03 -24.25
CA VAL C 164 20.21 -16.05 -23.20
C VAL C 164 21.44 -15.17 -23.07
N GLU C 165 21.24 -13.86 -23.13
CA GLU C 165 22.34 -12.92 -22.96
C GLU C 165 21.88 -11.73 -22.13
N VAL C 166 22.83 -11.13 -21.41
CA VAL C 166 22.57 -10.05 -20.48
C VAL C 166 23.46 -8.87 -20.84
N GLY C 167 23.02 -7.68 -20.44
CA GLY C 167 23.78 -6.47 -20.70
C GLY C 167 24.69 -6.08 -19.55
N ASP C 168 24.59 -4.83 -19.10
CA ASP C 168 25.38 -4.35 -17.98
C ASP C 168 24.60 -4.63 -16.69
N THR C 169 25.08 -5.61 -15.91
CA THR C 169 24.39 -5.99 -14.69
C THR C 169 24.56 -4.97 -13.57
N ARG C 170 25.51 -4.03 -13.70
CA ARG C 170 25.68 -3.03 -12.66
C ARG C 170 24.50 -2.09 -12.57
N SER C 171 23.79 -1.89 -13.67
CA SER C 171 22.63 -1.01 -13.71
C SER C 171 21.33 -1.69 -13.29
N TRP C 172 21.39 -2.96 -12.88
CA TRP C 172 20.19 -3.69 -12.51
C TRP C 172 19.69 -3.23 -11.14
N ARG C 173 18.45 -3.60 -10.84
CA ARG C 173 17.78 -3.20 -9.61
C ARG C 173 17.94 -4.24 -8.51
N LEU C 174 18.96 -5.09 -8.59
CA LEU C 174 19.27 -6.02 -7.51
C LEU C 174 20.08 -5.28 -6.44
N TYR C 175 19.61 -5.32 -5.19
CA TYR C 175 20.26 -4.67 -4.07
C TYR C 175 20.74 -5.64 -3.00
N GLN C 176 19.88 -6.56 -2.57
CA GLN C 176 20.24 -7.57 -1.60
C GLN C 176 20.92 -8.78 -2.22
N PHE C 177 20.99 -8.87 -3.54
CA PHE C 177 21.51 -10.03 -4.23
C PHE C 177 22.51 -9.60 -5.29
N SER C 178 23.45 -10.50 -5.60
CA SER C 178 24.41 -10.33 -6.68
C SER C 178 24.20 -11.45 -7.68
N PHE C 179 24.20 -11.09 -8.96
CA PHE C 179 23.99 -12.07 -10.03
C PHE C 179 25.26 -12.87 -10.24
N VAL C 180 25.16 -14.19 -10.06
CA VAL C 180 26.31 -15.08 -10.19
C VAL C 180 26.41 -15.55 -11.63
N GLY C 181 25.37 -16.21 -12.12
CA GLY C 181 25.39 -16.71 -13.47
C GLY C 181 24.01 -17.19 -13.88
N LEU C 182 23.95 -17.83 -15.04
CA LEU C 182 22.69 -18.36 -15.54
C LEU C 182 22.96 -19.64 -16.33
N ARG C 183 21.89 -20.43 -16.48
CA ARG C 183 21.96 -21.63 -17.31
CA ARG C 183 21.96 -21.63 -17.31
C ARG C 183 20.58 -21.88 -17.90
N ASN C 184 20.54 -22.70 -18.94
CA ASN C 184 19.31 -23.01 -19.66
C ASN C 184 19.12 -24.52 -19.77
N THR C 185 17.86 -24.93 -19.73
CA THR C 185 17.50 -26.34 -19.84
C THR C 185 16.22 -26.47 -20.66
N THR C 186 16.01 -27.69 -21.17
CA THR C 186 14.79 -28.05 -21.89
C THR C 186 14.35 -29.42 -21.41
N GLU C 187 13.05 -29.65 -21.37
CA GLU C 187 12.52 -30.93 -20.91
C GLU C 187 11.11 -31.10 -21.44
N VAL C 188 10.50 -32.24 -21.12
CA VAL C 188 9.13 -32.57 -21.50
C VAL C 188 8.32 -32.73 -20.22
N VAL C 189 7.20 -32.01 -20.14
CA VAL C 189 6.32 -32.01 -18.98
C VAL C 189 4.99 -32.63 -19.38
N LYS C 190 4.49 -33.53 -18.54
CA LYS C 190 3.27 -34.28 -18.80
C LYS C 190 2.10 -33.66 -18.03
N THR C 191 1.01 -33.38 -18.73
CA THR C 191 -0.20 -32.84 -18.15
C THR C 191 -1.40 -33.63 -18.69
N THR C 192 -2.59 -33.30 -18.20
CA THR C 192 -3.80 -33.95 -18.68
C THR C 192 -4.10 -33.63 -20.14
N SER C 193 -3.55 -32.54 -20.68
CA SER C 193 -3.74 -32.17 -22.07
C SER C 193 -2.72 -32.79 -23.00
N GLY C 194 -1.66 -33.42 -22.48
CA GLY C 194 -0.63 -34.07 -23.26
C GLY C 194 0.74 -33.76 -22.72
N ASP C 195 1.74 -33.96 -23.57
CA ASP C 195 3.15 -33.69 -23.24
C ASP C 195 3.59 -32.44 -23.97
N TYR C 196 4.29 -31.56 -23.24
CA TYR C 196 4.68 -30.25 -23.76
C TYR C 196 6.16 -30.03 -23.54
N VAL C 197 6.81 -29.39 -24.51
CA VAL C 197 8.22 -29.02 -24.40
C VAL C 197 8.32 -27.75 -23.57
N VAL C 198 8.92 -27.86 -22.38
CA VAL C 198 9.07 -26.75 -21.45
C VAL C 198 10.54 -26.38 -21.39
N MET C 199 10.83 -25.09 -21.55
CA MET C 199 12.20 -24.59 -21.57
C MET C 199 12.38 -23.56 -20.47
N SER C 200 13.49 -23.68 -19.73
CA SER C 200 13.71 -22.98 -18.48
C SER C 200 15.05 -22.26 -18.53
N VAL C 201 15.09 -21.09 -17.89
CA VAL C 201 16.33 -20.35 -17.65
C VAL C 201 16.45 -20.16 -16.14
N TYR C 202 17.52 -20.66 -15.56
CA TYR C 202 17.79 -20.53 -14.13
C TYR C 202 18.82 -19.43 -13.93
N PHE C 203 18.50 -18.48 -13.06
CA PHE C 203 19.41 -17.41 -12.66
C PHE C 203 19.87 -17.68 -11.23
N ASP C 204 21.19 -17.70 -11.02
CA ASP C 204 21.76 -17.95 -9.72
C ASP C 204 22.03 -16.62 -9.02
N LEU C 205 21.47 -16.45 -7.83
CA LEU C 205 21.61 -15.24 -7.04
C LEU C 205 22.18 -15.59 -5.67
N SER C 206 23.08 -14.73 -5.19
CA SER C 206 23.70 -14.87 -3.88
C SER C 206 23.45 -13.60 -3.09
N ARG C 207 22.98 -13.75 -1.85
CA ARG C 207 22.60 -12.60 -1.06
C ARG C 207 23.83 -11.82 -0.61
N ARG C 208 23.68 -10.50 -0.55
CA ARG C 208 24.69 -9.60 -0.02
C ARG C 208 24.33 -9.26 1.43
N MET C 209 25.24 -9.55 2.34
CA MET C 209 24.97 -9.48 3.78
C MET C 209 25.28 -8.12 4.38
N GLY C 210 25.71 -7.14 3.58
CA GLY C 210 26.13 -5.86 4.13
C GLY C 210 25.02 -5.13 4.84
N TYR C 211 23.80 -5.16 4.30
CA TYR C 211 22.67 -4.49 4.93
C TYR C 211 22.37 -5.10 6.30
N PHE C 212 22.35 -6.43 6.36
CA PHE C 212 21.97 -7.09 7.61
C PHE C 212 23.07 -6.96 8.67
N THR C 213 24.32 -6.87 8.24
CA THR C 213 25.40 -6.61 9.20
C THR C 213 25.18 -5.29 9.92
N ILE C 214 24.78 -4.26 9.18
CA ILE C 214 24.50 -2.97 9.80
C ILE C 214 23.22 -3.04 10.63
N GLN C 215 22.21 -3.76 10.14
CA GLN C 215 20.89 -3.66 10.75
C GLN C 215 20.76 -4.51 12.02
N THR C 216 21.29 -5.73 12.01
CA THR C 216 21.04 -6.70 13.08
C THR C 216 22.30 -7.11 13.83
N TYR C 217 23.35 -7.54 13.13
CA TYR C 217 24.49 -8.16 13.80
C TYR C 217 25.22 -7.16 14.69
N ILE C 218 25.56 -6.00 14.17
CA ILE C 218 26.35 -5.01 14.90
C ILE C 218 25.57 -4.50 16.11
N PRO C 219 24.30 -4.09 15.98
CA PRO C 219 23.55 -3.68 17.18
C PRO C 219 23.44 -4.75 18.25
N CYS C 220 23.20 -6.01 17.87
CA CYS C 220 23.08 -7.07 18.86
C CYS C 220 24.42 -7.30 19.57
N THR C 221 25.51 -7.30 18.82
CA THR C 221 26.83 -7.46 19.43
C THR C 221 27.14 -6.31 20.37
N LEU C 222 26.76 -5.09 19.97
CA LEU C 222 27.01 -3.93 20.83
C LEU C 222 26.20 -4.02 22.11
N ILE C 223 24.96 -4.50 22.03
CA ILE C 223 24.15 -4.64 23.24
C ILE C 223 24.74 -5.72 24.14
N VAL C 224 25.23 -6.81 23.55
CA VAL C 224 25.87 -7.85 24.35
C VAL C 224 27.10 -7.31 25.06
N VAL C 225 27.90 -6.51 24.35
CA VAL C 225 29.08 -5.90 24.97
C VAL C 225 28.66 -4.93 26.06
N LEU C 226 27.54 -4.24 25.86
CA LEU C 226 27.02 -3.34 26.89
C LEU C 226 26.64 -4.11 28.15
N SER C 227 26.09 -5.32 27.98
CA SER C 227 25.69 -6.10 29.14
C SER C 227 26.88 -6.49 30.02
N TRP C 228 28.08 -6.57 29.45
CA TRP C 228 29.26 -6.94 30.23
C TRP C 228 29.74 -5.82 31.14
N VAL C 229 29.37 -4.57 30.86
CA VAL C 229 29.80 -3.44 31.69
C VAL C 229 29.28 -3.60 33.12
N SER C 230 28.17 -4.34 33.30
CA SER C 230 27.66 -4.60 34.63
C SER C 230 28.68 -5.31 35.51
N PHE C 231 29.54 -6.14 34.92
CA PHE C 231 30.50 -6.90 35.72
C PHE C 231 31.53 -6.00 36.39
N TRP C 232 31.71 -4.77 35.92
CA TRP C 232 32.69 -3.84 36.47
C TRP C 232 32.09 -2.83 37.44
N ILE C 233 30.77 -2.75 37.54
CA ILE C 233 30.12 -1.84 38.49
C ILE C 233 30.13 -2.48 39.88
N ASN C 234 30.14 -1.63 40.90
CA ASN C 234 30.14 -2.11 42.27
C ASN C 234 28.88 -2.92 42.55
N LYS C 235 29.05 -4.04 43.24
CA LYS C 235 27.91 -4.92 43.54
C LYS C 235 26.93 -4.26 44.50
N ASP C 236 27.36 -3.25 45.26
CA ASP C 236 26.45 -2.56 46.18
C ASP C 236 25.44 -1.68 45.44
N ALA C 237 25.76 -1.25 44.22
CA ALA C 237 24.85 -0.42 43.42
C ALA C 237 23.79 -1.32 42.81
N VAL C 238 22.81 -1.68 43.64
CA VAL C 238 21.77 -2.61 43.20
C VAL C 238 20.94 -2.05 42.06
N PRO C 239 20.38 -0.83 42.14
CA PRO C 239 19.57 -0.35 41.01
C PRO C 239 20.33 -0.17 39.70
N ALA C 240 21.62 0.14 39.76
CA ALA C 240 22.37 0.40 38.53
C ALA C 240 22.51 -0.86 37.69
N ARG C 241 22.96 -1.95 38.30
CA ARG C 241 23.16 -3.19 37.55
C ARG C 241 21.84 -3.80 37.13
N THR C 242 20.81 -3.67 37.96
CA THR C 242 19.47 -4.09 37.56
C THR C 242 18.99 -3.31 36.34
N SER C 243 19.23 -2.00 36.32
CA SER C 243 18.85 -1.18 35.18
C SER C 243 19.58 -1.62 33.92
N LEU C 244 20.89 -1.89 34.04
CA LEU C 244 21.65 -2.41 32.91
C LEU C 244 21.03 -3.70 32.38
N GLY C 245 20.72 -4.63 33.29
CA GLY C 245 20.17 -5.91 32.87
C GLY C 245 18.84 -5.76 32.14
N ILE C 246 17.92 -5.00 32.71
CA ILE C 246 16.60 -4.90 32.09
C ILE C 246 16.68 -4.13 30.77
N THR C 247 17.52 -3.10 30.71
CA THR C 247 17.65 -2.36 29.45
C THR C 247 18.20 -3.25 28.35
N THR C 248 19.23 -4.05 28.66
CA THR C 248 19.78 -4.93 27.64
C THR C 248 18.74 -5.98 27.21
N VAL C 249 17.98 -6.51 28.16
CA VAL C 249 16.99 -7.54 27.82
C VAL C 249 15.91 -6.95 26.92
N LEU C 250 15.40 -5.76 27.26
CA LEU C 250 14.35 -5.17 26.43
C LEU C 250 14.87 -4.81 25.05
N THR C 251 16.08 -4.25 24.97
CA THR C 251 16.62 -3.89 23.66
C THR C 251 16.82 -5.13 22.80
N MET C 252 17.27 -6.23 23.40
CA MET C 252 17.42 -7.47 22.64
C MET C 252 16.07 -7.98 22.18
N THR C 253 15.04 -7.88 23.01
CA THR C 253 13.70 -8.29 22.59
C THR C 253 13.22 -7.46 21.40
N THR C 254 13.42 -6.15 21.45
CA THR C 254 13.02 -5.30 20.35
C THR C 254 13.78 -5.63 19.07
N LEU C 255 15.09 -5.85 19.19
CA LEU C 255 15.89 -6.20 18.01
C LEU C 255 15.44 -7.53 17.41
N SER C 256 15.14 -8.50 18.27
CA SER C 256 14.61 -9.78 17.81
C SER C 256 13.30 -9.59 17.06
N THR C 257 12.42 -8.72 17.58
CA THR C 257 11.14 -8.48 16.93
C THR C 257 11.34 -7.88 15.55
N ILE C 258 12.21 -6.86 15.44
CA ILE C 258 12.34 -6.16 14.15
C ILE C 258 13.22 -6.89 13.15
N ALA C 259 14.02 -7.88 13.59
CA ALA C 259 14.86 -8.60 12.64
C ALA C 259 14.04 -9.41 11.63
N ARG C 260 12.84 -9.82 12.00
CA ARG C 260 12.02 -10.69 11.17
C ARG C 260 11.11 -9.93 10.22
N LYS C 261 11.17 -8.60 10.20
CA LYS C 261 10.22 -7.83 9.40
C LYS C 261 10.38 -8.09 7.91
N SER C 262 11.62 -8.18 7.44
CA SER C 262 11.85 -8.34 6.00
C SER C 262 11.45 -9.73 5.53
N LEU C 263 11.65 -10.75 6.35
CA LEU C 263 11.43 -12.12 5.92
C LEU C 263 9.94 -12.42 5.83
N PRO C 264 9.56 -13.50 5.13
CA PRO C 264 8.19 -14.02 5.25
C PRO C 264 8.05 -14.86 6.51
N LYS C 265 6.81 -15.25 6.79
CA LYS C 265 6.48 -15.95 8.03
C LYS C 265 6.77 -17.45 7.92
N VAL C 266 8.05 -17.77 7.71
CA VAL C 266 8.46 -19.16 7.67
C VAL C 266 8.40 -19.77 9.07
N SER C 267 8.32 -21.10 9.11
CA SER C 267 8.13 -21.86 10.34
C SER C 267 9.37 -22.65 10.73
N TYR C 268 10.56 -22.19 10.34
CA TYR C 268 11.80 -22.85 10.68
C TYR C 268 12.82 -21.80 11.12
N VAL C 269 13.91 -22.28 11.70
CA VAL C 269 14.92 -21.41 12.31
C VAL C 269 15.95 -21.06 11.24
N THR C 270 16.14 -19.77 11.01
CA THR C 270 17.18 -19.27 10.12
C THR C 270 18.47 -19.03 10.89
N ALA C 271 19.54 -18.72 10.16
CA ALA C 271 20.83 -18.49 10.81
C ALA C 271 20.81 -17.20 11.64
N MET C 272 20.04 -16.20 11.22
CA MET C 272 19.93 -14.97 12.00
C MET C 272 19.24 -15.23 13.34
N ASP C 273 18.21 -16.08 13.33
CA ASP C 273 17.48 -16.37 14.56
C ASP C 273 18.38 -17.00 15.61
N LEU C 274 19.27 -17.91 15.18
CA LEU C 274 20.19 -18.54 16.12
C LEU C 274 21.11 -17.51 16.76
N PHE C 275 21.64 -16.58 15.96
CA PHE C 275 22.52 -15.54 16.50
C PHE C 275 21.78 -14.67 17.50
N VAL C 276 20.56 -14.26 17.16
CA VAL C 276 19.80 -13.40 18.06
C VAL C 276 19.46 -14.13 19.35
N SER C 277 19.10 -15.41 19.25
CA SER C 277 18.78 -16.20 20.44
C SER C 277 20.00 -16.37 21.33
N VAL C 278 21.17 -16.59 20.74
CA VAL C 278 22.37 -16.74 21.55
C VAL C 278 22.72 -15.44 22.26
N CYS C 279 22.56 -14.31 21.56
CA CYS C 279 22.78 -13.02 22.22
C CYS C 279 21.80 -12.83 23.37
N PHE C 280 20.55 -13.23 23.17
CA PHE C 280 19.57 -13.14 24.25
CA PHE C 280 19.57 -13.14 24.25
C PHE C 280 19.97 -14.00 25.44
N ILE C 281 20.46 -15.21 25.17
CA ILE C 281 20.89 -16.09 26.25
C ILE C 281 22.03 -15.45 27.02
N PHE C 282 22.98 -14.83 26.31
CA PHE C 282 24.13 -14.24 26.99
C PHE C 282 23.73 -13.05 27.86
N VAL C 283 22.85 -12.18 27.36
CA VAL C 283 22.46 -11.03 28.20
C VAL C 283 21.63 -11.50 29.39
N PHE C 284 20.76 -12.50 29.18
CA PHE C 284 19.98 -13.03 30.29
C PHE C 284 20.89 -13.66 31.34
N SER C 285 21.90 -14.41 30.91
CA SER C 285 22.85 -14.99 31.85
C SER C 285 23.63 -13.92 32.58
N ALA C 286 23.95 -12.82 31.89
CA ALA C 286 24.63 -11.71 32.55
C ALA C 286 23.79 -11.13 33.68
N LEU C 287 22.49 -10.98 33.45
CA LEU C 287 21.62 -10.49 34.52
C LEU C 287 21.51 -11.52 35.65
N VAL C 288 21.38 -12.80 35.30
CA VAL C 288 21.23 -13.84 36.32
C VAL C 288 22.48 -13.94 37.18
N GLU C 289 23.64 -13.67 36.59
CA GLU C 289 24.89 -13.69 37.35
C GLU C 289 24.85 -12.68 38.50
N TYR C 290 24.45 -11.45 38.20
CA TYR C 290 24.34 -10.46 39.26
C TYR C 290 23.24 -10.83 40.24
N GLY C 291 22.15 -11.42 39.75
CA GLY C 291 21.09 -11.83 40.67
C GLY C 291 21.58 -12.82 41.71
N THR C 292 22.30 -13.85 41.27
CA THR C 292 22.81 -14.84 42.21
C THR C 292 23.91 -14.25 43.09
N LEU C 293 24.74 -13.37 42.54
CA LEU C 293 25.79 -12.73 43.33
C LEU C 293 25.18 -11.90 44.46
N HIS C 294 24.16 -11.09 44.13
CA HIS C 294 23.50 -10.28 45.14
C HIS C 294 22.82 -11.15 46.19
N TYR C 295 22.14 -12.22 45.75
CA TYR C 295 21.46 -13.08 46.71
C TYR C 295 22.45 -13.74 47.67
N PHE C 296 23.59 -14.21 47.15
CA PHE C 296 24.56 -14.88 48.01
C PHE C 296 25.30 -13.89 48.90
N VAL C 297 25.48 -12.65 48.45
CA VAL C 297 26.20 -11.67 49.25
C VAL C 297 25.33 -11.16 50.39
N SER C 298 24.13 -10.65 50.07
CA SER C 298 23.33 -9.90 51.04
C SER C 298 22.07 -10.65 51.47
N ASN C 299 21.21 -11.03 50.53
CA ASN C 299 19.91 -11.56 50.89
C ASN C 299 20.03 -12.90 51.62
N ARG C 300 20.92 -13.78 51.15
CA ARG C 300 21.17 -15.03 51.85
C ARG C 300 22.03 -14.84 53.10
N LYS C 301 22.95 -13.87 53.06
CA LYS C 301 23.86 -13.64 54.17
C LYS C 301 24.16 -12.15 54.30
N ARG C 382 34.72 -18.51 46.63
CA ARG C 382 34.59 -18.56 45.17
C ARG C 382 33.37 -17.77 44.70
N ILE C 383 32.32 -17.75 45.53
CA ILE C 383 31.09 -17.05 45.15
C ILE C 383 31.34 -15.55 45.10
N ALA C 384 32.18 -15.02 45.98
CA ALA C 384 32.45 -13.59 45.99
C ALA C 384 33.23 -13.15 44.76
N LYS C 385 34.01 -14.04 44.16
CA LYS C 385 34.82 -13.73 42.99
C LYS C 385 34.06 -13.94 41.68
N MET C 386 32.72 -13.96 41.72
CA MET C 386 31.94 -14.25 40.52
C MET C 386 32.14 -13.20 39.45
N ASP C 387 32.24 -11.92 39.85
CA ASP C 387 32.49 -10.87 38.87
C ASP C 387 33.84 -11.06 38.19
N SER C 388 34.87 -11.42 38.97
CA SER C 388 36.19 -11.66 38.39
C SER C 388 36.16 -12.82 37.42
N TYR C 389 35.45 -13.89 37.76
CA TYR C 389 35.33 -15.01 36.84
C TYR C 389 34.57 -14.61 35.58
N ALA C 390 33.48 -13.85 35.73
CA ALA C 390 32.64 -13.50 34.60
C ALA C 390 33.36 -12.59 33.63
N ARG C 391 34.21 -11.69 34.15
CA ARG C 391 34.95 -10.77 33.30
C ARG C 391 35.79 -11.50 32.27
N ILE C 392 36.30 -12.68 32.62
CA ILE C 392 37.04 -13.51 31.67
C ILE C 392 36.10 -14.41 30.88
N PHE C 393 35.12 -15.02 31.55
CA PHE C 393 34.33 -16.07 30.93
C PHE C 393 33.45 -15.53 29.80
N PHE C 394 32.74 -14.42 30.05
CA PHE C 394 31.74 -13.98 29.08
C PHE C 394 32.35 -13.54 27.75
N PRO C 395 33.37 -12.68 27.71
CA PRO C 395 33.96 -12.34 26.40
C PRO C 395 34.56 -13.54 25.69
N THR C 396 35.20 -14.45 26.42
CA THR C 396 35.78 -15.63 25.78
C THR C 396 34.69 -16.51 25.17
N ALA C 397 33.60 -16.72 25.90
CA ALA C 397 32.51 -17.53 25.37
C ALA C 397 31.88 -16.87 24.15
N PHE C 398 31.71 -15.55 24.19
CA PHE C 398 31.15 -14.84 23.04
C PHE C 398 32.05 -14.96 21.82
N CYS C 399 33.36 -14.81 22.01
CA CYS C 399 34.30 -14.95 20.90
C CYS C 399 34.28 -16.37 20.33
N LEU C 400 34.25 -17.37 21.22
CA LEU C 400 34.22 -18.75 20.75
C LEU C 400 32.94 -19.04 19.97
N PHE C 401 31.80 -18.56 20.46
CA PHE C 401 30.56 -18.77 19.74
C PHE C 401 30.59 -18.09 18.37
N ASN C 402 31.11 -16.87 18.30
CA ASN C 402 31.19 -16.19 17.01
C ASN C 402 32.08 -16.94 16.05
N LEU C 403 33.23 -17.43 16.53
CA LEU C 403 34.14 -18.18 15.67
C LEU C 403 33.44 -19.42 15.12
N VAL C 404 32.80 -20.20 16.00
CA VAL C 404 32.14 -21.42 15.56
C VAL C 404 31.02 -21.10 14.58
N TYR C 405 30.20 -20.08 14.90
CA TYR C 405 29.06 -19.73 14.06
C TYR C 405 29.51 -19.32 12.66
N TRP C 406 30.46 -18.38 12.59
CA TRP C 406 30.89 -17.88 11.29
C TRP C 406 31.61 -18.95 10.48
N VAL C 407 32.43 -19.76 11.14
CA VAL C 407 33.13 -20.83 10.42
C VAL C 407 32.12 -21.85 9.89
N SER C 408 31.10 -22.18 10.68
CA SER C 408 30.11 -23.15 10.24
C SER C 408 29.29 -22.61 9.06
N TYR C 409 28.89 -21.34 9.11
CA TYR C 409 27.94 -20.83 8.14
C TYR C 409 28.59 -20.27 6.88
N LEU C 410 29.84 -19.82 6.94
CA LEU C 410 30.49 -19.24 5.77
C LEU C 410 31.26 -20.28 4.96
N TYR C 411 32.15 -21.02 5.62
CA TYR C 411 33.05 -21.94 4.91
C TYR C 411 32.44 -23.33 4.74
N LEU C 412 31.94 -23.91 5.82
CA LEU C 412 31.42 -25.28 5.78
C LEU C 412 29.97 -25.36 5.32
N ASP D 1 -23.46 24.26 -49.51
CA ASP D 1 -22.55 23.72 -48.50
C ASP D 1 -21.11 23.92 -48.92
N ASN D 2 -20.34 24.63 -48.09
CA ASN D 2 -18.93 24.91 -48.37
C ASN D 2 -17.98 23.88 -47.80
N THR D 3 -18.48 22.89 -47.05
CA THR D 3 -17.64 21.88 -46.42
C THR D 3 -17.48 20.62 -47.27
N THR D 4 -18.12 20.55 -48.44
CA THR D 4 -18.01 19.35 -49.26
C THR D 4 -16.62 19.19 -49.85
N VAL D 5 -15.94 20.29 -50.16
CA VAL D 5 -14.61 20.20 -50.74
C VAL D 5 -13.62 19.59 -49.75
N PHE D 6 -13.74 19.96 -48.46
CA PHE D 6 -12.85 19.40 -47.46
C PHE D 6 -13.10 17.91 -47.27
N THR D 7 -14.37 17.50 -47.26
CA THR D 7 -14.68 16.08 -47.19
C THR D 7 -14.14 15.34 -48.40
N ARG D 8 -14.23 15.95 -49.58
CA ARG D 8 -13.66 15.35 -50.79
C ARG D 8 -12.16 15.17 -50.66
N ILE D 9 -11.46 16.18 -50.15
CA ILE D 9 -10.01 16.07 -50.01
C ILE D 9 -9.66 15.00 -48.98
N LEU D 10 -10.37 14.96 -47.86
CA LEU D 10 -10.06 13.97 -46.83
C LEU D 10 -10.34 12.55 -47.33
N ASP D 11 -11.41 12.36 -48.11
CA ASP D 11 -11.75 11.03 -48.59
C ASP D 11 -10.67 10.48 -49.53
N ARG D 12 -10.14 11.32 -50.41
CA ARG D 12 -9.18 10.88 -51.41
C ARG D 12 -7.75 10.83 -50.91
N LEU D 13 -7.49 11.24 -49.66
CA LEU D 13 -6.12 11.28 -49.16
C LEU D 13 -5.53 9.87 -49.06
N LEU D 14 -6.30 8.91 -48.57
CA LEU D 14 -5.82 7.55 -48.32
C LEU D 14 -6.18 6.58 -49.43
N ASP D 15 -6.23 7.04 -50.67
CA ASP D 15 -6.48 6.17 -51.81
C ASP D 15 -5.18 5.49 -52.22
N GLY D 16 -5.15 4.16 -52.11
CA GLY D 16 -3.95 3.42 -52.41
C GLY D 16 -2.85 3.52 -51.39
N TYR D 17 -3.14 4.02 -50.19
CA TYR D 17 -2.14 4.18 -49.15
C TYR D 17 -1.96 2.86 -48.40
N ASP D 18 -0.72 2.42 -48.27
CA ASP D 18 -0.35 1.23 -47.52
C ASP D 18 0.43 1.67 -46.29
N ASN D 19 -0.23 1.58 -45.13
CA ASN D 19 0.39 2.02 -43.88
C ASN D 19 1.36 1.00 -43.31
N ARG D 20 1.47 -0.19 -43.91
CA ARG D 20 2.45 -1.17 -43.46
C ARG D 20 3.87 -0.80 -43.86
N LEU D 21 4.06 0.14 -44.78
CA LEU D 21 5.36 0.51 -45.30
C LEU D 21 5.72 1.93 -44.88
N ARG D 22 6.96 2.11 -44.44
CA ARG D 22 7.41 3.43 -44.04
C ARG D 22 7.52 4.33 -45.27
N PRO D 23 7.41 5.65 -45.11
CA PRO D 23 7.59 6.54 -46.26
C PRO D 23 9.00 6.45 -46.82
N GLY D 24 9.10 6.54 -48.14
CA GLY D 24 10.39 6.46 -48.79
C GLY D 24 11.05 5.10 -48.73
N LEU D 25 10.27 4.03 -48.57
CA LEU D 25 10.82 2.69 -48.50
C LEU D 25 11.52 2.34 -49.81
N GLY D 26 12.74 1.83 -49.70
CA GLY D 26 13.50 1.45 -50.88
C GLY D 26 14.07 2.60 -51.67
N GLU D 27 13.99 3.83 -51.17
CA GLU D 27 14.48 5.03 -51.84
C GLU D 27 15.40 5.86 -50.97
N ARG D 28 15.13 5.96 -49.67
CA ARG D 28 15.93 6.78 -48.78
C ARG D 28 15.69 6.32 -47.35
N VAL D 29 16.29 7.04 -46.41
CA VAL D 29 16.14 6.78 -44.98
C VAL D 29 15.11 7.76 -44.43
N THR D 30 14.16 7.24 -43.65
CA THR D 30 13.14 8.10 -43.06
C THR D 30 13.76 9.00 -41.99
N GLU D 31 13.48 10.29 -42.08
CA GLU D 31 14.04 11.31 -41.20
C GLU D 31 12.95 11.77 -40.25
N VAL D 32 13.18 11.62 -38.95
CA VAL D 32 12.23 12.01 -37.91
C VAL D 32 12.91 13.06 -37.02
N LYS D 33 12.29 14.22 -36.90
CA LYS D 33 12.76 15.29 -36.04
C LYS D 33 11.90 15.33 -34.78
N THR D 34 12.55 15.30 -33.61
CA THR D 34 11.88 15.12 -32.33
C THR D 34 12.17 16.30 -31.43
N ASP D 35 11.19 16.63 -30.58
CA ASP D 35 11.41 17.58 -29.49
C ASP D 35 10.48 17.24 -28.34
N ILE D 36 10.88 17.70 -27.15
CA ILE D 36 10.22 17.37 -25.89
C ILE D 36 9.97 18.66 -25.12
N PHE D 37 8.75 18.80 -24.60
CA PHE D 37 8.40 19.87 -23.66
C PHE D 37 7.98 19.21 -22.35
N VAL D 38 8.86 19.26 -21.36
CA VAL D 38 8.58 18.69 -20.03
C VAL D 38 7.67 19.66 -19.31
N THR D 39 6.40 19.27 -19.10
CA THR D 39 5.48 20.14 -18.39
C THR D 39 5.67 20.07 -16.88
N SER D 40 6.23 18.97 -16.37
CA SER D 40 6.59 18.89 -14.96
C SER D 40 7.54 17.73 -14.72
N PHE D 41 8.61 17.96 -13.96
CA PHE D 41 9.52 16.89 -13.56
C PHE D 41 8.99 16.25 -12.30
N GLY D 42 8.46 15.03 -12.44
CA GLY D 42 7.72 14.39 -11.39
C GLY D 42 8.62 13.99 -10.23
N PRO D 43 8.02 13.39 -9.21
CA PRO D 43 8.80 12.98 -8.05
C PRO D 43 9.77 11.87 -8.37
N VAL D 44 10.83 11.80 -7.58
CA VAL D 44 11.87 10.78 -7.71
C VAL D 44 11.73 9.80 -6.56
N SER D 45 11.69 8.51 -6.88
CA SER D 45 11.53 7.46 -5.89
C SER D 45 12.87 6.77 -5.69
N ASP D 46 13.44 6.93 -4.49
CA ASP D 46 14.71 6.29 -4.19
C ASP D 46 14.56 4.80 -3.96
N HIS D 47 13.43 4.38 -3.37
CA HIS D 47 13.22 2.96 -3.11
C HIS D 47 13.18 2.15 -4.39
N ASP D 48 12.48 2.65 -5.41
CA ASP D 48 12.38 1.98 -6.69
C ASP D 48 13.45 2.41 -7.69
N MET D 49 14.21 3.47 -7.39
CA MET D 49 15.18 4.04 -8.33
C MET D 49 14.49 4.36 -9.66
N GLU D 50 13.42 5.13 -9.55
CA GLU D 50 12.54 5.47 -10.65
C GLU D 50 12.21 6.94 -10.54
N TYR D 51 11.94 7.58 -11.67
CA TYR D 51 11.45 8.95 -11.67
C TYR D 51 10.37 9.10 -12.73
N THR D 52 9.45 10.03 -12.47
CA THR D 52 8.31 10.32 -13.32
C THR D 52 8.49 11.65 -14.00
N ILE D 53 8.00 11.75 -15.23
CA ILE D 53 8.10 12.98 -16.01
C ILE D 53 6.93 13.04 -16.98
N ASP D 54 6.18 14.13 -16.95
CA ASP D 54 5.06 14.33 -17.87
C ASP D 54 5.49 15.29 -18.97
N VAL D 55 5.30 14.87 -20.22
CA VAL D 55 5.89 15.54 -21.37
C VAL D 55 4.89 15.67 -22.50
N PHE D 56 5.10 16.69 -23.32
CA PHE D 56 4.55 16.77 -24.65
C PHE D 56 5.65 16.34 -25.62
N PHE D 57 5.42 15.21 -26.27
CA PHE D 57 6.38 14.59 -27.17
C PHE D 57 5.94 14.89 -28.60
N ARG D 58 6.79 15.59 -29.36
CA ARG D 58 6.48 15.99 -30.71
C ARG D 58 7.46 15.35 -31.68
N GLN D 59 6.93 14.75 -32.75
CA GLN D 59 7.73 14.16 -33.81
C GLN D 59 7.24 14.73 -35.13
N SER D 60 8.15 14.79 -36.11
CA SER D 60 7.83 15.35 -37.41
C SER D 60 8.60 14.61 -38.48
N TRP D 61 7.93 14.33 -39.60
CA TRP D 61 8.59 13.66 -40.72
C TRP D 61 7.89 14.06 -42.01
N LYS D 62 8.28 13.43 -43.11
CA LYS D 62 7.76 13.73 -44.43
C LYS D 62 7.21 12.48 -45.07
N ASP D 63 6.04 12.61 -45.71
CA ASP D 63 5.38 11.51 -46.41
C ASP D 63 4.82 12.08 -47.71
N GLU D 64 5.51 11.81 -48.82
CA GLU D 64 5.10 12.33 -50.12
C GLU D 64 3.76 11.74 -50.57
N ARG D 65 3.39 10.57 -50.06
CA ARG D 65 2.12 9.96 -50.47
C ARG D 65 0.93 10.80 -50.04
N LEU D 66 1.07 11.58 -48.97
CA LEU D 66 -0.03 12.34 -48.38
C LEU D 66 0.00 13.81 -48.79
N LYS D 67 0.51 14.11 -49.98
CA LYS D 67 0.46 15.47 -50.50
C LYS D 67 -0.93 15.80 -51.02
N PHE D 68 -1.29 17.08 -50.96
CA PHE D 68 -2.59 17.53 -51.45
C PHE D 68 -2.48 19.00 -51.86
N LYS D 69 -3.49 19.45 -52.60
CA LYS D 69 -3.58 20.82 -53.06
C LYS D 69 -4.98 21.35 -52.80
N GLY D 70 -5.09 22.62 -52.44
CA GLY D 70 -6.35 23.24 -52.17
C GLY D 70 -6.20 24.56 -51.45
N PRO D 71 -7.32 25.22 -51.14
CA PRO D 71 -7.24 26.50 -50.42
C PRO D 71 -6.60 26.38 -49.05
N MET D 72 -6.82 25.26 -48.36
CA MET D 72 -6.23 25.07 -47.04
C MET D 72 -4.75 24.70 -47.17
N THR D 73 -3.99 25.09 -46.15
CA THR D 73 -2.57 24.78 -46.07
C THR D 73 -2.25 23.64 -45.12
N VAL D 74 -2.99 23.51 -44.03
CA VAL D 74 -2.76 22.49 -43.01
C VAL D 74 -4.08 21.78 -42.73
N LEU D 75 -4.03 20.45 -42.69
CA LEU D 75 -5.19 19.62 -42.40
C LEU D 75 -4.98 18.90 -41.06
N ARG D 76 -5.97 19.01 -40.18
CA ARG D 76 -5.97 18.27 -38.93
C ARG D 76 -6.67 16.93 -39.14
N LEU D 77 -6.10 15.86 -38.58
CA LEU D 77 -6.63 14.52 -38.74
C LEU D 77 -7.13 13.98 -37.40
N ASN D 78 -8.29 13.34 -37.44
CA ASN D 78 -8.86 12.73 -36.24
C ASN D 78 -8.18 11.40 -35.95
N ASN D 79 -8.56 10.81 -34.81
CA ASN D 79 -7.88 9.59 -34.34
C ASN D 79 -8.12 8.43 -35.29
N LEU D 80 -9.32 8.32 -35.87
CA LEU D 80 -9.61 7.21 -36.77
C LEU D 80 -8.73 7.27 -38.01
N MET D 81 -8.53 8.47 -38.56
CA MET D 81 -7.67 8.60 -39.74
C MET D 81 -6.20 8.48 -39.37
N ALA D 82 -5.81 8.94 -38.17
CA ALA D 82 -4.41 8.86 -37.77
C ALA D 82 -3.96 7.41 -37.63
N SER D 83 -4.87 6.51 -37.25
CA SER D 83 -4.53 5.10 -37.13
C SER D 83 -4.34 4.41 -38.47
N LYS D 84 -4.76 5.04 -39.57
CA LYS D 84 -4.60 4.49 -40.91
C LYS D 84 -3.36 5.03 -41.63
N ILE D 85 -2.46 5.70 -40.92
CA ILE D 85 -1.28 6.32 -41.50
C ILE D 85 -0.06 5.83 -40.72
N TRP D 86 1.03 5.60 -41.45
CA TRP D 86 2.28 5.19 -40.81
C TRP D 86 2.78 6.27 -39.86
N THR D 87 3.24 5.85 -38.70
CA THR D 87 3.89 6.72 -37.73
C THR D 87 5.10 5.99 -37.16
N PRO D 88 6.11 6.72 -36.68
CA PRO D 88 7.27 6.03 -36.10
C PRO D 88 6.90 5.27 -34.84
N ASP D 89 7.57 4.13 -34.65
CA ASP D 89 7.32 3.26 -33.50
C ASP D 89 8.31 3.55 -32.37
N THR D 90 8.31 4.81 -31.94
CA THR D 90 9.23 5.23 -30.88
C THR D 90 8.88 4.56 -29.56
N PHE D 91 9.91 4.20 -28.80
CA PHE D 91 9.73 3.65 -27.47
C PHE D 91 10.93 4.06 -26.62
N PHE D 92 10.70 4.07 -25.30
CA PHE D 92 11.70 4.48 -24.34
C PHE D 92 12.46 3.26 -23.84
N HIS D 93 13.78 3.26 -24.00
CA HIS D 93 14.59 2.08 -23.70
C HIS D 93 14.53 1.72 -22.23
N ASN D 94 14.56 2.72 -21.35
CA ASN D 94 14.49 2.53 -19.91
C ASN D 94 13.10 2.83 -19.36
N GLY D 95 12.05 2.53 -20.13
CA GLY D 95 10.70 2.80 -19.68
C GLY D 95 10.18 1.77 -18.69
N LYS D 96 9.23 2.20 -17.86
CA LYS D 96 8.67 1.41 -16.78
C LYS D 96 7.15 1.55 -16.74
N LYS D 97 6.50 1.21 -17.86
CA LYS D 97 5.04 1.29 -17.99
C LYS D 97 4.58 2.74 -17.90
N SER D 98 4.97 3.54 -18.89
CA SER D 98 4.41 4.86 -19.08
C SER D 98 2.92 4.79 -19.37
N VAL D 99 2.27 5.95 -19.41
CA VAL D 99 0.83 6.07 -19.60
C VAL D 99 0.56 7.17 -20.62
N ALA D 100 -0.39 6.91 -21.52
CA ALA D 100 -0.89 7.90 -22.46
C ALA D 100 -2.25 8.38 -21.98
N HIS D 101 -2.40 9.69 -21.81
CA HIS D 101 -3.63 10.24 -21.25
C HIS D 101 -4.76 10.20 -22.28
N ASN D 102 -5.96 9.88 -21.83
CA ASN D 102 -7.13 9.69 -22.72
C ASN D 102 -8.37 10.42 -22.23
N MET D 103 -8.25 11.50 -21.49
CA MET D 103 -9.36 12.26 -20.93
C MET D 103 -9.34 13.67 -21.52
N THR D 104 -10.47 14.17 -22.06
CA THR D 104 -11.73 13.47 -22.32
C THR D 104 -11.62 12.54 -23.54
N MET D 105 -10.67 12.85 -24.42
CA MET D 105 -10.39 12.10 -25.63
C MET D 105 -8.90 11.81 -25.66
N PRO D 106 -8.44 10.95 -26.57
CA PRO D 106 -6.99 10.68 -26.65
C PRO D 106 -6.19 11.95 -26.92
N ASN D 107 -5.35 12.31 -25.96
CA ASN D 107 -4.58 13.54 -26.03
C ASN D 107 -3.42 13.36 -27.00
N LYS D 108 -3.76 13.39 -28.28
CA LYS D 108 -2.77 13.36 -29.34
C LYS D 108 -3.33 14.09 -30.55
N LEU D 109 -2.43 14.53 -31.43
CA LEU D 109 -2.83 15.34 -32.57
C LEU D 109 -1.91 15.05 -33.75
N LEU D 110 -2.51 15.03 -34.94
CA LEU D 110 -1.79 14.81 -36.20
C LEU D 110 -2.19 15.89 -37.20
N ARG D 111 -1.19 16.55 -37.77
CA ARG D 111 -1.37 17.62 -38.74
C ARG D 111 -0.55 17.31 -39.99
N ILE D 112 -1.13 17.62 -41.15
CA ILE D 112 -0.48 17.38 -42.44
C ILE D 112 -0.43 18.70 -43.20
N THR D 113 0.77 19.07 -43.65
CA THR D 113 0.96 20.22 -44.51
C THR D 113 0.81 19.81 -45.97
N GLU D 114 0.55 20.79 -46.83
CA GLU D 114 0.28 20.50 -48.24
C GLU D 114 1.48 19.83 -48.92
N ASP D 115 2.70 20.11 -48.45
CA ASP D 115 3.89 19.52 -49.02
C ASP D 115 4.18 18.11 -48.49
N GLY D 116 3.29 17.55 -47.68
CA GLY D 116 3.48 16.20 -47.17
C GLY D 116 4.22 16.11 -45.86
N THR D 117 4.34 17.20 -45.11
CA THR D 117 5.02 17.20 -43.82
C THR D 117 4.01 16.84 -42.74
N LEU D 118 4.30 15.79 -41.98
CA LEU D 118 3.45 15.31 -40.90
C LEU D 118 4.04 15.76 -39.57
N LEU D 119 3.20 16.35 -38.73
CA LEU D 119 3.54 16.70 -37.35
C LEU D 119 2.62 15.91 -36.43
N TYR D 120 3.20 15.26 -35.42
CA TYR D 120 2.49 14.33 -34.56
C TYR D 120 2.89 14.60 -33.12
N THR D 121 1.95 15.03 -32.29
CA THR D 121 2.21 15.37 -30.90
C THR D 121 1.35 14.50 -29.99
N MET D 122 1.91 14.18 -28.82
CA MET D 122 1.17 13.40 -27.83
C MET D 122 1.60 13.84 -26.44
N ARG D 123 0.73 13.55 -25.46
CA ARG D 123 0.97 13.86 -24.05
C ARG D 123 1.17 12.55 -23.32
N LEU D 124 2.30 12.42 -22.61
CA LEU D 124 2.69 11.18 -21.97
C LEU D 124 3.15 11.43 -20.55
N THR D 125 3.04 10.39 -19.73
CA THR D 125 3.60 10.34 -18.38
C THR D 125 4.56 9.15 -18.35
N VAL D 126 5.85 9.43 -18.42
CA VAL D 126 6.89 8.42 -18.53
C VAL D 126 7.50 8.17 -17.16
N ARG D 127 7.50 6.91 -16.74
CA ARG D 127 8.25 6.45 -15.58
C ARG D 127 9.50 5.73 -16.07
N ALA D 128 10.66 6.17 -15.60
CA ALA D 128 11.93 5.72 -16.15
C ALA D 128 12.92 5.38 -15.04
N GLU D 129 13.84 4.47 -15.38
CA GLU D 129 14.88 4.03 -14.46
C GLU D 129 15.90 5.13 -14.23
N CYS D 130 16.27 5.33 -12.98
CA CYS D 130 17.39 6.20 -12.59
C CYS D 130 18.23 5.45 -11.58
N PRO D 131 19.12 4.55 -12.03
CA PRO D 131 19.98 3.85 -11.08
C PRO D 131 20.87 4.83 -10.32
N MET D 132 21.06 4.55 -9.03
CA MET D 132 21.70 5.48 -8.11
C MET D 132 22.83 4.79 -7.35
N HIS D 133 23.83 5.58 -7.01
CA HIS D 133 24.92 5.17 -6.12
C HIS D 133 24.81 6.03 -4.87
N LEU D 134 24.41 5.41 -3.76
CA LEU D 134 24.09 6.12 -2.53
C LEU D 134 25.25 6.12 -1.53
N GLU D 135 26.48 6.10 -2.01
CA GLU D 135 27.62 6.13 -1.10
C GLU D 135 27.70 7.45 -0.36
N ASP D 136 27.41 8.56 -1.03
CA ASP D 136 27.47 9.90 -0.45
C ASP D 136 26.14 10.36 0.10
N PHE D 137 25.18 9.45 0.30
CA PHE D 137 23.88 9.83 0.84
C PHE D 137 24.06 10.43 2.23
N PRO D 138 23.33 11.51 2.58
CA PRO D 138 22.32 12.30 1.86
C PRO D 138 22.89 13.48 1.07
N MET D 139 24.17 13.44 0.75
CA MET D 139 24.86 14.53 0.04
C MET D 139 25.34 14.05 -1.32
N ASP D 140 24.46 13.33 -2.04
CA ASP D 140 24.77 12.74 -3.32
C ASP D 140 24.03 13.46 -4.44
N ALA D 141 24.52 13.27 -5.67
CA ALA D 141 23.92 13.82 -6.87
C ALA D 141 23.82 12.72 -7.92
N HIS D 142 22.83 12.84 -8.80
CA HIS D 142 22.51 11.81 -9.78
C HIS D 142 22.30 12.44 -11.15
N ALA D 143 22.44 11.61 -12.18
CA ALA D 143 22.19 11.98 -13.57
C ALA D 143 21.20 10.96 -14.13
N CYS D 144 19.91 11.26 -14.01
CA CYS D 144 18.89 10.31 -14.43
C CYS D 144 18.74 10.35 -15.96
N PRO D 145 18.81 9.21 -16.65
CA PRO D 145 18.70 9.25 -18.12
C PRO D 145 17.28 9.06 -18.63
N LEU D 146 17.10 9.45 -19.89
CA LEU D 146 15.88 9.18 -20.64
C LEU D 146 16.32 8.90 -22.07
N LYS D 147 16.22 7.65 -22.49
CA LYS D 147 16.66 7.19 -23.80
C LYS D 147 15.47 6.68 -24.58
N PHE D 148 15.39 7.05 -25.87
CA PHE D 148 14.32 6.56 -26.72
C PHE D 148 14.82 6.35 -28.14
N GLY D 149 14.06 5.54 -28.87
CA GLY D 149 14.41 5.25 -30.26
C GLY D 149 13.39 4.31 -30.86
N SER D 150 13.62 3.97 -32.12
CA SER D 150 12.73 3.07 -32.84
C SER D 150 12.93 1.63 -32.36
N TYR D 151 11.83 0.88 -32.27
CA TYR D 151 11.91 -0.51 -31.84
C TYR D 151 12.30 -1.44 -32.98
N ALA D 152 11.64 -1.30 -34.13
CA ALA D 152 11.73 -2.26 -35.22
C ALA D 152 12.65 -1.83 -36.35
N TYR D 153 12.89 -0.53 -36.53
CA TYR D 153 13.61 -0.01 -37.68
C TYR D 153 15.04 0.34 -37.29
N THR D 154 15.99 -0.22 -38.03
CA THR D 154 17.41 0.03 -37.77
C THR D 154 17.81 1.39 -38.34
N ARG D 155 19.07 1.76 -38.12
CA ARG D 155 19.57 3.05 -38.59
C ARG D 155 19.52 3.18 -40.10
N ALA D 156 19.54 2.07 -40.84
CA ALA D 156 19.44 2.12 -42.29
C ALA D 156 18.04 2.43 -42.78
N GLU D 157 17.04 2.44 -41.90
CA GLU D 157 15.65 2.67 -42.27
C GLU D 157 15.08 3.93 -41.64
N VAL D 158 15.28 4.14 -40.35
CA VAL D 158 14.76 5.30 -39.62
C VAL D 158 15.90 5.89 -38.80
N VAL D 159 16.04 7.21 -38.84
CA VAL D 159 17.01 7.94 -38.04
C VAL D 159 16.31 9.10 -37.35
N TYR D 160 16.74 9.39 -36.13
CA TYR D 160 16.17 10.46 -35.31
C TYR D 160 17.14 11.62 -35.21
N GLU D 161 16.61 12.83 -35.23
CA GLU D 161 17.38 14.04 -35.01
C GLU D 161 16.56 14.99 -34.15
N TRP D 162 17.25 15.96 -33.55
CA TRP D 162 16.59 17.00 -32.77
C TRP D 162 16.15 18.13 -33.69
N THR D 163 14.97 18.68 -33.41
CA THR D 163 14.40 19.71 -34.28
C THR D 163 15.29 20.95 -34.30
N ARG D 164 15.61 21.47 -33.13
CA ARG D 164 16.57 22.55 -32.96
C ARG D 164 17.92 21.91 -32.62
N GLU D 165 18.89 22.72 -32.21
CA GLU D 165 20.12 22.16 -31.67
C GLU D 165 19.79 21.36 -30.40
N PRO D 166 20.60 20.36 -30.06
CA PRO D 166 20.20 19.44 -28.98
C PRO D 166 19.98 20.13 -27.63
N ALA D 167 20.70 21.21 -27.36
CA ALA D 167 20.52 21.89 -26.08
C ALA D 167 19.13 22.51 -25.96
N ARG D 168 18.63 23.11 -27.04
CA ARG D 168 17.36 23.84 -27.01
C ARG D 168 16.17 23.00 -27.47
N SER D 169 16.36 21.71 -27.76
CA SER D 169 15.30 20.85 -28.24
C SER D 169 14.52 20.17 -27.12
N VAL D 170 14.98 20.26 -25.87
CA VAL D 170 14.26 19.77 -24.71
C VAL D 170 14.03 20.96 -23.80
N VAL D 171 12.77 21.33 -23.60
CA VAL D 171 12.41 22.56 -22.89
C VAL D 171 11.64 22.17 -21.64
N VAL D 172 12.11 22.62 -20.48
CA VAL D 172 11.48 22.35 -19.19
C VAL D 172 10.70 23.58 -18.77
N ALA D 173 9.45 23.38 -18.36
CA ALA D 173 8.62 24.49 -17.93
C ALA D 173 9.18 25.11 -16.65
N GLU D 174 9.10 26.43 -16.56
CA GLU D 174 9.69 27.14 -15.42
C GLU D 174 9.00 26.76 -14.12
N ASP D 175 7.67 26.77 -14.11
CA ASP D 175 6.88 26.45 -12.93
C ASP D 175 6.61 24.96 -12.77
N GLY D 176 7.01 24.13 -13.74
CA GLY D 176 6.73 22.72 -13.69
C GLY D 176 7.77 21.91 -12.94
N SER D 177 7.74 21.98 -11.60
CA SER D 177 8.64 21.21 -10.75
C SER D 177 7.81 20.57 -9.64
N ARG D 178 7.87 19.24 -9.56
CA ARG D 178 7.18 18.47 -8.53
C ARG D 178 8.17 17.73 -7.64
N LEU D 179 9.38 18.25 -7.51
CA LEU D 179 10.41 17.64 -6.68
C LEU D 179 10.31 18.19 -5.26
N ASN D 180 10.43 17.29 -4.29
CA ASN D 180 10.39 17.64 -2.87
C ASN D 180 11.77 17.74 -2.26
N GLN D 181 12.63 16.74 -2.48
CA GLN D 181 13.95 16.65 -1.87
C GLN D 181 15.06 16.65 -2.92
N TYR D 182 14.81 17.27 -4.08
CA TYR D 182 15.79 17.33 -5.15
C TYR D 182 15.71 18.69 -5.82
N ASP D 183 16.83 19.08 -6.44
CA ASP D 183 16.92 20.29 -7.25
C ASP D 183 17.37 19.91 -8.65
N LEU D 184 16.63 20.33 -9.66
CA LEU D 184 16.98 20.06 -11.05
C LEU D 184 17.98 21.12 -11.50
N LEU D 185 19.26 20.75 -11.55
CA LEU D 185 20.29 21.71 -11.91
C LEU D 185 20.28 22.01 -13.39
N GLY D 186 20.07 20.99 -14.22
CA GLY D 186 20.09 21.19 -15.65
C GLY D 186 19.94 19.87 -16.38
N GLN D 187 20.15 19.93 -17.70
CA GLN D 187 20.07 18.73 -18.52
C GLN D 187 21.11 18.78 -19.62
N THR D 188 21.47 17.59 -20.10
CA THR D 188 22.33 17.40 -21.27
C THR D 188 21.60 16.53 -22.28
N VAL D 189 21.83 16.81 -23.56
CA VAL D 189 21.11 16.18 -24.66
C VAL D 189 22.12 15.65 -25.66
N ASP D 190 21.89 14.42 -26.12
CA ASP D 190 22.85 13.76 -27.00
C ASP D 190 22.14 12.70 -27.83
N SER D 191 22.85 12.18 -28.82
CA SER D 191 22.37 11.11 -29.68
C SER D 191 23.52 10.15 -29.98
N GLY D 192 23.17 8.92 -30.32
CA GLY D 192 24.17 7.92 -30.59
C GLY D 192 23.57 6.71 -31.26
N ILE D 193 24.36 5.64 -31.30
CA ILE D 193 24.00 4.38 -31.94
C ILE D 193 24.24 3.25 -30.94
N VAL D 194 23.32 2.28 -30.93
CA VAL D 194 23.38 1.13 -30.04
C VAL D 194 23.37 -0.14 -30.89
N GLN D 195 24.26 -1.07 -30.56
CA GLN D 195 24.34 -2.35 -31.24
C GLN D 195 23.40 -3.34 -30.57
N SER D 196 22.95 -4.33 -31.32
CA SER D 196 22.12 -5.39 -30.78
C SER D 196 22.11 -6.54 -31.78
N SER D 197 21.65 -7.71 -31.30
CA SER D 197 21.62 -8.89 -32.15
C SER D 197 20.76 -8.71 -33.39
N THR D 198 19.80 -7.77 -33.37
CA THR D 198 18.97 -7.49 -34.53
C THR D 198 19.58 -6.42 -35.45
N GLY D 199 20.53 -5.64 -34.98
CA GLY D 199 21.18 -4.64 -35.82
C GLY D 199 21.60 -3.43 -35.00
N GLU D 200 21.83 -2.34 -35.71
CA GLU D 200 22.24 -1.06 -35.14
C GLU D 200 21.07 -0.10 -35.16
N TYR D 201 20.80 0.54 -34.02
CA TYR D 201 19.65 1.42 -33.87
C TYR D 201 20.11 2.78 -33.37
N VAL D 202 19.42 3.82 -33.83
CA VAL D 202 19.67 5.18 -33.36
C VAL D 202 18.99 5.38 -32.02
N VAL D 203 19.67 6.05 -31.10
CA VAL D 203 19.18 6.31 -29.76
C VAL D 203 19.34 7.79 -29.46
N MET D 204 18.33 8.37 -28.83
CA MET D 204 18.34 9.78 -28.42
C MET D 204 18.25 9.80 -26.90
N THR D 205 19.21 10.47 -26.26
CA THR D 205 19.39 10.43 -24.82
C THR D 205 19.33 11.83 -24.23
N THR D 206 18.73 11.94 -23.05
CA THR D 206 18.70 13.18 -22.28
C THR D 206 18.96 12.84 -20.82
N HIS D 207 19.98 13.44 -20.24
CA HIS D 207 20.33 13.26 -18.84
C HIS D 207 19.86 14.48 -18.06
N PHE D 208 19.16 14.25 -16.96
CA PHE D 208 18.73 15.30 -16.03
C PHE D 208 19.58 15.21 -14.77
N HIS D 209 20.18 16.32 -14.37
CA HIS D 209 21.10 16.35 -13.24
C HIS D 209 20.35 16.81 -11.99
N LEU D 210 20.34 15.97 -10.96
CA LEU D 210 19.63 16.21 -9.71
C LEU D 210 20.61 16.22 -8.55
N LYS D 211 20.33 17.09 -7.57
CA LYS D 211 21.10 17.18 -6.34
C LYS D 211 20.14 17.12 -5.17
N ARG D 212 20.43 16.24 -4.20
CA ARG D 212 19.53 16.07 -3.07
C ARG D 212 19.63 17.25 -2.12
N LYS D 213 18.49 17.58 -1.52
CA LYS D 213 18.41 18.62 -0.50
C LYS D 213 18.59 17.99 0.88
N ILE D 214 19.56 18.51 1.64
CA ILE D 214 19.93 17.90 2.92
C ILE D 214 19.06 18.36 4.09
N GLY D 215 18.15 19.31 3.86
CA GLY D 215 17.47 19.96 4.98
C GLY D 215 16.63 19.00 5.80
N TYR D 216 15.92 18.08 5.13
CA TYR D 216 15.09 17.12 5.86
C TYR D 216 15.93 16.24 6.78
N PHE D 217 17.06 15.75 6.27
CA PHE D 217 17.84 14.78 7.03
C PHE D 217 18.58 15.44 8.19
N VAL D 218 18.94 16.72 8.06
CA VAL D 218 19.57 17.43 9.16
C VAL D 218 18.64 17.46 10.37
N ILE D 219 17.36 17.77 10.14
CA ILE D 219 16.39 17.78 11.23
C ILE D 219 16.10 16.36 11.69
N GLN D 220 15.99 15.42 10.76
CA GLN D 220 15.49 14.09 11.11
C GLN D 220 16.52 13.28 11.89
N THR D 221 17.77 13.28 11.45
CA THR D 221 18.78 12.36 11.97
C THR D 221 19.96 13.06 12.62
N TYR D 222 20.57 14.04 11.95
CA TYR D 222 21.84 14.59 12.42
C TYR D 222 21.66 15.32 13.76
N LEU D 223 20.67 16.21 13.85
CA LEU D 223 20.49 16.97 15.08
C LEU D 223 20.14 16.10 16.27
N PRO D 224 19.20 15.14 16.18
CA PRO D 224 18.99 14.23 17.31
C PRO D 224 20.25 13.48 17.74
N CYS D 225 21.08 13.05 16.79
CA CYS D 225 22.31 12.37 17.16
C CYS D 225 23.26 13.30 17.90
N ILE D 226 23.38 14.53 17.44
CA ILE D 226 24.26 15.49 18.10
C ILE D 226 23.76 15.79 19.50
N MET D 227 22.45 15.97 19.66
CA MET D 227 21.90 16.22 20.99
C MET D 227 22.09 15.02 21.90
N THR D 228 21.97 13.80 21.37
CA THR D 228 22.22 12.61 22.19
C THR D 228 23.68 12.56 22.64
N VAL D 229 24.61 12.88 21.74
CA VAL D 229 26.03 12.88 22.11
C VAL D 229 26.30 13.93 23.18
N ILE D 230 25.71 15.11 23.03
CA ILE D 230 25.89 16.16 24.03
C ILE D 230 25.28 15.73 25.37
N LEU D 231 24.13 15.06 25.32
CA LEU D 231 23.48 14.61 26.55
C LEU D 231 24.33 13.58 27.27
N SER D 232 24.98 12.68 26.53
CA SER D 232 25.82 11.66 27.16
C SER D 232 26.97 12.29 27.94
N GLN D 233 27.47 13.43 27.49
CA GLN D 233 28.60 14.08 28.16
C GLN D 233 28.20 14.82 29.43
N VAL D 234 26.91 15.15 29.58
CA VAL D 234 26.44 15.84 30.79
C VAL D 234 26.69 14.99 32.03
N SER D 235 26.77 13.67 31.87
CA SER D 235 27.06 12.80 33.00
C SER D 235 28.42 13.07 33.62
N PHE D 236 29.35 13.67 32.87
CA PHE D 236 30.67 13.95 33.44
C PHE D 236 30.61 14.94 34.60
N TRP D 237 29.57 15.77 34.67
CA TRP D 237 29.49 16.85 35.66
C TRP D 237 28.78 16.45 36.94
N LEU D 238 28.28 15.22 37.04
CA LEU D 238 27.63 14.74 38.25
C LEU D 238 28.66 14.08 39.17
N ASN D 239 28.34 14.05 40.46
CA ASN D 239 29.23 13.45 41.43
C ASN D 239 29.33 11.95 41.21
N ARG D 240 30.53 11.41 41.46
CA ARG D 240 30.81 10.02 41.14
C ARG D 240 30.02 9.04 41.99
N GLU D 241 29.46 9.48 43.12
CA GLU D 241 28.69 8.59 43.98
C GLU D 241 27.26 8.37 43.49
N SER D 242 26.79 9.14 42.51
CA SER D 242 25.46 8.96 41.94
C SER D 242 25.52 7.87 40.87
N VAL D 243 25.77 6.64 41.35
CA VAL D 243 25.97 5.52 40.43
C VAL D 243 24.72 5.22 39.61
N PRO D 244 23.51 5.13 40.18
CA PRO D 244 22.34 4.85 39.31
C PRO D 244 22.07 5.91 38.27
N ALA D 245 22.29 7.19 38.60
CA ALA D 245 21.96 8.26 37.66
C ALA D 245 22.87 8.21 36.43
N ARG D 246 24.17 8.05 36.65
CA ARG D 246 25.10 8.02 35.53
C ARG D 246 24.92 6.75 34.69
N THR D 247 24.57 5.63 35.34
CA THR D 247 24.24 4.43 34.59
C THR D 247 23.01 4.66 33.73
N VAL D 248 22.01 5.35 34.26
CA VAL D 248 20.81 5.68 33.49
C VAL D 248 21.19 6.53 32.28
N PHE D 249 22.05 7.53 32.50
CA PHE D 249 22.56 8.35 31.39
C PHE D 249 23.16 7.49 30.30
N GLY D 250 24.08 6.60 30.68
CA GLY D 250 24.77 5.79 29.69
C GLY D 250 23.84 4.87 28.92
N VAL D 251 23.01 4.13 29.64
CA VAL D 251 22.15 3.15 28.97
C VAL D 251 21.11 3.85 28.11
N THR D 252 20.53 4.95 28.59
CA THR D 252 19.52 5.65 27.80
C THR D 252 20.12 6.26 26.55
N THR D 253 21.33 6.83 26.64
CA THR D 253 21.94 7.39 25.44
C THR D 253 22.30 6.30 24.44
N VAL D 254 22.79 5.15 24.92
CA VAL D 254 23.11 4.04 24.01
C VAL D 254 21.84 3.55 23.32
N LEU D 255 20.76 3.38 24.08
CA LEU D 255 19.50 2.93 23.49
C LEU D 255 18.97 3.95 22.48
N THR D 256 19.10 5.24 22.80
CA THR D 256 18.64 6.27 21.88
C THR D 256 19.43 6.22 20.57
N MET D 257 20.75 6.04 20.66
CA MET D 257 21.56 5.94 19.46
C MET D 257 21.18 4.71 18.63
N THR D 258 20.92 3.59 19.30
CA THR D 258 20.49 2.39 18.58
C THR D 258 19.16 2.63 17.86
N THR D 259 18.20 3.26 18.55
CA THR D 259 16.91 3.54 17.93
C THR D 259 17.07 4.49 16.75
N LEU D 260 17.90 5.53 16.90
CA LEU D 260 18.11 6.47 15.80
C LEU D 260 18.75 5.78 14.61
N SER D 261 19.72 4.89 14.85
CA SER D 261 20.34 4.16 13.75
C SER D 261 19.33 3.27 13.04
N ILE D 262 18.47 2.60 13.80
CA ILE D 262 17.47 1.73 13.18
C ILE D 262 16.49 2.55 12.36
N SER D 263 16.05 3.69 12.88
CA SER D 263 15.07 4.50 12.17
C SER D 263 15.67 5.17 10.94
N ALA D 264 16.97 5.47 10.96
CA ALA D 264 17.57 6.24 9.89
C ALA D 264 17.56 5.50 8.57
N ARG D 265 17.77 4.18 8.60
CA ARG D 265 17.88 3.41 7.37
C ARG D 265 16.54 3.15 6.69
N ASN D 266 15.42 3.49 7.34
CA ASN D 266 14.11 3.24 6.75
C ASN D 266 13.86 4.06 5.49
N SER D 267 14.56 5.18 5.33
CA SER D 267 14.32 6.03 4.16
C SER D 267 14.90 5.42 2.89
N LEU D 268 16.09 4.84 2.98
CA LEU D 268 16.80 4.35 1.81
C LEU D 268 16.24 3.00 1.36
N PRO D 269 16.58 2.56 0.14
CA PRO D 269 16.47 1.14 -0.17
C PRO D 269 17.53 0.35 0.59
N LYS D 270 17.33 -0.96 0.66
CA LYS D 270 18.17 -1.83 1.48
C LYS D 270 19.48 -2.15 0.75
N VAL D 271 20.30 -1.10 0.58
CA VAL D 271 21.59 -1.26 -0.06
C VAL D 271 22.56 -1.96 0.89
N ALA D 272 23.56 -2.62 0.32
CA ALA D 272 24.50 -3.45 1.06
C ALA D 272 25.85 -2.76 1.27
N TYR D 273 25.85 -1.45 1.44
CA TYR D 273 27.08 -0.72 1.74
C TYR D 273 26.75 0.47 2.64
N ALA D 274 27.78 1.01 3.27
CA ALA D 274 27.63 2.09 4.22
C ALA D 274 27.59 3.44 3.50
N THR D 275 26.66 4.28 3.92
CA THR D 275 26.52 5.63 3.39
C THR D 275 27.24 6.63 4.30
N ALA D 276 27.23 7.90 3.91
CA ALA D 276 27.88 8.92 4.73
C ALA D 276 27.16 9.10 6.07
N MET D 277 25.84 8.93 6.10
CA MET D 277 25.11 9.03 7.35
C MET D 277 25.47 7.90 8.30
N ASP D 278 25.74 6.71 7.75
CA ASP D 278 26.10 5.56 8.59
C ASP D 278 27.40 5.82 9.35
N TRP D 279 28.38 6.46 8.70
CA TRP D 279 29.63 6.76 9.39
C TRP D 279 29.42 7.76 10.51
N PHE D 280 28.59 8.78 10.28
CA PHE D 280 28.28 9.74 11.32
C PHE D 280 27.62 9.06 12.52
N ILE D 281 26.64 8.18 12.25
CA ILE D 281 25.95 7.48 13.32
C ILE D 281 26.92 6.57 14.06
N ALA D 282 27.83 5.91 13.34
CA ALA D 282 28.80 5.03 13.99
C ALA D 282 29.73 5.81 14.91
N VAL D 283 30.20 6.98 14.46
CA VAL D 283 31.09 7.77 15.30
C VAL D 283 30.34 8.30 16.53
N CYS D 284 29.08 8.69 16.36
CA CYS D 284 28.30 9.14 17.51
C CYS D 284 28.08 8.02 18.51
N TYR D 285 27.80 6.81 18.01
CA TYR D 285 27.69 5.65 18.89
C TYR D 285 29.00 5.39 19.63
N ALA D 286 30.13 5.54 18.93
CA ALA D 286 31.43 5.37 19.57
C ALA D 286 31.61 6.38 20.70
N PHE D 287 31.22 7.64 20.46
CA PHE D 287 31.34 8.66 21.50
C PHE D 287 30.48 8.32 22.71
N VAL D 288 29.23 7.91 22.48
CA VAL D 288 28.32 7.61 23.59
C VAL D 288 28.83 6.41 24.40
N PHE D 289 29.25 5.36 23.70
CA PHE D 289 29.76 4.18 24.39
C PHE D 289 31.04 4.50 25.14
N SER D 290 31.88 5.38 24.58
CA SER D 290 33.08 5.80 25.29
C SER D 290 32.75 6.57 26.55
N ALA D 291 31.69 7.38 26.51
CA ALA D 291 31.27 8.08 27.73
C ALA D 291 30.84 7.09 28.80
N LEU D 292 30.09 6.06 28.42
CA LEU D 292 29.69 5.06 29.39
C LEU D 292 30.90 4.31 29.94
N ILE D 293 31.86 3.98 29.08
CA ILE D 293 33.08 3.31 29.53
C ILE D 293 33.86 4.20 30.49
N GLU D 294 33.87 5.50 30.21
CA GLU D 294 34.52 6.45 31.11
C GLU D 294 33.86 6.43 32.49
N PHE D 295 32.53 6.39 32.52
CA PHE D 295 31.87 6.29 33.82
C PHE D 295 32.23 5.00 34.53
N ALA D 296 32.30 3.89 33.80
CA ALA D 296 32.67 2.62 34.43
C ALA D 296 34.08 2.69 35.01
N THR D 297 35.01 3.30 34.28
CA THR D 297 36.36 3.47 34.79
C THR D 297 36.39 4.33 36.04
N VAL D 298 35.59 5.41 36.05
CA VAL D 298 35.53 6.28 37.22
C VAL D 298 34.97 5.50 38.42
N ASN D 299 33.92 4.71 38.19
CA ASN D 299 33.32 3.95 39.27
C ASN D 299 34.26 2.88 39.81
N TYR D 300 35.17 2.38 38.97
CA TYR D 300 36.10 1.35 39.43
C TYR D 300 36.99 1.87 40.55
N PHE D 301 37.41 3.14 40.48
CA PHE D 301 38.32 3.72 41.45
C PHE D 301 37.62 4.46 42.58
N THR D 302 36.29 4.47 42.62
CA THR D 302 35.58 5.09 43.74
C THR D 302 35.66 4.18 44.96
N LYS D 303 36.02 4.77 46.10
CA LYS D 303 36.25 4.01 47.32
C LYS D 303 35.01 3.96 48.22
N ARG D 304 34.45 5.12 48.55
CA ARG D 304 33.36 5.21 49.51
C ARG D 304 32.02 5.26 48.79
N GLY D 305 31.02 4.61 49.38
CA GLY D 305 29.69 4.56 48.81
C GLY D 305 28.81 5.76 49.10
N TYR D 306 29.26 6.68 49.97
CA TYR D 306 28.49 7.85 50.37
C TYR D 306 29.12 9.11 49.78
N ALA D 307 28.26 10.08 49.49
CA ALA D 307 28.69 11.34 48.92
C ALA D 307 29.06 12.33 50.03
N TRP D 308 29.48 13.52 49.63
CA TRP D 308 29.86 14.55 50.58
C TRP D 308 28.66 14.98 51.41
N ASP D 309 28.83 15.04 52.73
CA ASP D 309 27.71 15.29 53.63
C ASP D 309 27.14 16.69 53.43
N GLY D 310 28.01 17.70 53.24
CA GLY D 310 27.58 19.07 53.06
C GLY D 310 28.26 20.02 54.02
N LYS D 311 28.51 19.56 55.25
CA LYS D 311 29.04 20.41 56.31
C LYS D 311 30.51 20.15 56.62
N SER D 312 31.02 18.97 56.33
CA SER D 312 32.40 18.63 56.66
C SER D 312 33.36 19.38 55.73
N VAL D 313 34.64 19.35 56.10
CA VAL D 313 35.71 20.01 55.35
C VAL D 313 36.68 18.95 54.85
N VAL D 314 37.11 19.09 53.60
CA VAL D 314 37.97 18.11 52.94
C VAL D 314 39.39 18.67 52.93
N PRO D 315 40.35 18.08 53.70
CA PRO D 315 41.73 18.56 53.60
C PRO D 315 42.41 18.15 52.31
N GLU D 316 43.68 18.49 52.17
CA GLU D 316 44.46 18.17 50.99
C GLU D 316 45.23 16.87 51.21
N LYS D 317 45.19 15.99 50.22
CA LYS D 317 45.90 14.71 50.31
C LYS D 317 47.41 14.93 50.29
N LYS D 374 38.81 11.10 61.72
CA LYS D 374 37.48 11.58 61.39
C LYS D 374 37.03 11.04 60.03
N LYS D 375 35.80 11.35 59.65
CA LYS D 375 35.23 10.84 58.40
C LYS D 375 35.94 11.45 57.20
N THR D 376 36.19 10.61 56.20
CA THR D 376 36.82 11.03 54.95
C THR D 376 35.83 10.87 53.79
N PHE D 377 36.14 11.54 52.69
CA PHE D 377 35.27 11.58 51.53
C PHE D 377 36.08 11.37 50.26
N ASN D 378 35.40 10.87 49.22
CA ASN D 378 36.05 10.65 47.94
C ASN D 378 36.42 11.98 47.29
N SER D 379 37.52 11.96 46.55
CA SER D 379 37.93 13.14 45.80
C SER D 379 37.22 13.18 44.45
N VAL D 380 37.16 14.37 43.86
CA VAL D 380 36.62 14.51 42.52
C VAL D 380 37.55 13.81 41.54
N SER D 381 36.98 12.98 40.68
CA SER D 381 37.78 12.14 39.80
C SER D 381 38.58 12.98 38.81
N LYS D 382 39.86 12.66 38.65
CA LYS D 382 40.67 13.30 37.63
C LYS D 382 40.22 12.88 36.24
N ILE D 383 39.66 11.68 36.11
CA ILE D 383 39.17 11.23 34.80
C ILE D 383 38.02 12.11 34.33
N ASP D 384 37.10 12.45 35.26
CA ASP D 384 35.99 13.31 34.91
C ASP D 384 36.46 14.68 34.45
N ARG D 385 37.42 15.27 35.17
CA ARG D 385 37.87 16.62 34.85
C ARG D 385 38.51 16.67 33.47
N LEU D 386 39.31 15.66 33.12
CA LEU D 386 39.91 15.63 31.79
C LEU D 386 38.88 15.31 30.72
N SER D 387 37.93 14.42 31.03
CA SER D 387 36.91 14.04 30.05
C SER D 387 36.05 15.23 29.67
N ARG D 388 35.74 16.09 30.65
CA ARG D 388 34.89 17.26 30.41
C ARG D 388 35.44 18.13 29.29
N ILE D 389 36.76 18.20 29.15
CA ILE D 389 37.38 18.98 28.08
C ILE D 389 37.64 18.12 26.86
N ALA D 390 38.02 16.85 27.05
CA ALA D 390 38.45 16.02 25.94
C ALA D 390 37.28 15.67 25.03
N PHE D 391 36.15 15.24 25.60
CA PHE D 391 35.06 14.75 24.77
C PHE D 391 34.46 15.83 23.87
N PRO D 392 34.06 17.01 24.37
CA PRO D 392 33.48 18.02 23.46
C PRO D 392 34.45 18.48 22.38
N LEU D 393 35.73 18.65 22.73
CA LEU D 393 36.70 19.11 21.74
C LEU D 393 36.88 18.09 20.62
N LEU D 394 37.00 16.81 20.99
CA LEU D 394 37.15 15.78 19.97
C LEU D 394 35.89 15.66 19.11
N PHE D 395 34.72 15.79 19.71
CA PHE D 395 33.49 15.73 18.91
C PHE D 395 33.41 16.91 17.95
N GLY D 396 33.80 18.10 18.40
CA GLY D 396 33.81 19.25 17.52
C GLY D 396 34.79 19.09 16.37
N ILE D 397 35.97 18.55 16.66
CA ILE D 397 36.97 18.30 15.62
C ILE D 397 36.43 17.30 14.60
N PHE D 398 35.78 16.24 15.09
CA PHE D 398 35.20 15.26 14.18
C PHE D 398 34.14 15.89 13.30
N ASN D 399 33.28 16.75 13.88
CA ASN D 399 32.26 17.41 13.08
C ASN D 399 32.88 18.30 12.02
N LEU D 400 33.92 19.06 12.38
CA LEU D 400 34.61 19.90 11.39
C LEU D 400 35.15 19.06 10.25
N VAL D 401 35.85 17.98 10.57
CA VAL D 401 36.44 17.14 9.53
C VAL D 401 35.36 16.52 8.65
N TYR D 402 34.30 16.01 9.26
CA TYR D 402 33.24 15.35 8.49
C TYR D 402 32.55 16.33 7.55
N TRP D 403 32.11 17.48 8.07
CA TRP D 403 31.38 18.41 7.24
C TRP D 403 32.28 19.06 6.18
N ALA D 404 33.55 19.28 6.49
CA ALA D 404 34.47 19.79 5.47
C ALA D 404 34.68 18.75 4.37
N THR D 405 34.79 17.47 4.75
CA THR D 405 35.06 16.43 3.77
C THR D 405 33.89 16.23 2.83
N TYR D 406 32.67 16.16 3.38
CA TYR D 406 31.53 15.76 2.57
C TYR D 406 30.84 16.90 1.84
N LEU D 407 30.80 18.10 2.43
CA LEU D 407 30.11 19.21 1.76
C LEU D 407 30.93 19.78 0.62
N ASN D 408 32.26 19.78 0.73
CA ASN D 408 33.09 20.37 -0.31
C ASN D 408 33.00 19.57 -1.61
N ARG D 409 33.02 18.24 -1.51
CA ARG D 409 32.97 17.41 -2.71
C ARG D 409 31.62 17.54 -3.41
N GLY E 1 -46.00 12.94 -32.15
CA GLY E 1 -44.77 12.48 -31.50
C GLY E 1 -44.55 10.99 -31.63
N ASN E 2 -44.91 10.45 -32.79
CA ASN E 2 -44.73 9.03 -33.03
C ASN E 2 -43.26 8.66 -33.09
N MET E 3 -42.96 7.42 -32.73
CA MET E 3 -41.57 6.95 -32.76
C MET E 3 -41.05 6.92 -34.20
N SER E 4 -41.90 6.55 -35.16
CA SER E 4 -41.46 6.47 -36.54
C SER E 4 -41.01 7.82 -37.07
N PHE E 5 -41.75 8.88 -36.73
CA PHE E 5 -41.34 10.21 -37.15
C PHE E 5 -40.01 10.61 -36.52
N VAL E 6 -39.84 10.30 -35.23
CA VAL E 6 -38.58 10.60 -34.56
C VAL E 6 -37.44 9.79 -35.16
N LYS E 7 -37.71 8.53 -35.50
CA LYS E 7 -36.70 7.70 -36.15
C LYS E 7 -36.29 8.30 -37.48
N GLU E 8 -37.28 8.76 -38.26
CA GLU E 8 -36.98 9.40 -39.55
C GLU E 8 -36.13 10.65 -39.34
N THR E 9 -36.48 11.47 -38.37
CA THR E 9 -35.73 12.70 -38.12
C THR E 9 -34.30 12.39 -37.71
N VAL E 10 -34.11 11.41 -36.82
CA VAL E 10 -32.77 11.09 -36.36
C VAL E 10 -31.93 10.51 -37.49
N ASP E 11 -32.54 9.67 -38.33
CA ASP E 11 -31.80 9.15 -39.49
C ASP E 11 -31.42 10.28 -40.43
N LYS E 12 -32.33 11.23 -40.65
CA LYS E 12 -32.03 12.35 -41.53
C LYS E 12 -30.88 13.20 -40.98
N LEU E 13 -30.86 13.44 -39.67
CA LEU E 13 -29.83 14.29 -39.10
C LEU E 13 -28.43 13.69 -39.27
N LEU E 14 -28.30 12.39 -39.05
CA LEU E 14 -26.99 11.74 -39.09
C LEU E 14 -26.58 11.30 -40.49
N LYS E 15 -27.45 11.42 -41.48
CA LYS E 15 -27.09 11.07 -42.85
C LYS E 15 -26.22 12.17 -43.44
N GLY E 16 -25.04 11.81 -43.93
CA GLY E 16 -24.11 12.77 -44.47
C GLY E 16 -23.36 13.59 -43.45
N TYR E 17 -23.48 13.26 -42.17
CA TYR E 17 -22.77 14.00 -41.13
C TYR E 17 -21.29 13.63 -41.14
N ASP E 18 -20.43 14.64 -41.14
CA ASP E 18 -18.98 14.46 -41.16
C ASP E 18 -18.44 14.73 -39.77
N ILE E 19 -18.01 13.66 -39.08
CA ILE E 19 -17.48 13.79 -37.74
C ILE E 19 -16.14 14.50 -37.71
N ARG E 20 -15.42 14.57 -38.83
CA ARG E 20 -14.08 15.12 -38.86
C ARG E 20 -14.05 16.64 -38.89
N LEU E 21 -15.17 17.30 -39.13
CA LEU E 21 -15.24 18.76 -39.23
C LEU E 21 -16.02 19.33 -38.06
N ARG E 22 -15.53 20.46 -37.53
CA ARG E 22 -16.19 21.11 -36.42
C ARG E 22 -17.48 21.77 -36.91
N PRO E 23 -18.39 22.13 -35.99
CA PRO E 23 -19.72 22.61 -36.41
C PRO E 23 -19.71 23.82 -37.33
N ASP E 24 -18.74 24.71 -37.18
CA ASP E 24 -18.67 25.96 -37.94
C ASP E 24 -17.31 26.08 -38.62
N PHE E 25 -16.96 25.01 -39.37
CA PHE E 25 -15.59 24.80 -39.82
C PHE E 25 -15.06 25.97 -40.65
N GLY E 26 -15.87 26.48 -41.57
CA GLY E 26 -15.47 27.65 -42.33
C GLY E 26 -15.73 28.98 -41.66
N GLY E 27 -16.53 28.99 -40.60
CA GLY E 27 -17.04 30.21 -40.01
C GLY E 27 -16.30 30.65 -38.77
N PRO E 28 -16.93 31.48 -37.93
CA PRO E 28 -16.29 31.93 -36.69
C PRO E 28 -16.07 30.77 -35.73
N PRO E 29 -15.37 31.01 -34.62
CA PRO E 29 -15.16 29.93 -33.65
C PRO E 29 -16.47 29.45 -33.03
N VAL E 30 -16.51 28.17 -32.69
CA VAL E 30 -17.65 27.59 -31.99
C VAL E 30 -17.46 27.81 -30.50
N CYS E 31 -18.48 28.38 -29.86
CA CYS E 31 -18.43 28.68 -28.43
C CYS E 31 -18.93 27.49 -27.64
N VAL E 32 -18.09 27.02 -26.71
CA VAL E 32 -18.42 25.87 -25.85
C VAL E 32 -18.59 26.40 -24.43
N GLY E 33 -19.78 26.18 -23.87
CA GLY E 33 -20.07 26.59 -22.49
C GLY E 33 -20.03 25.40 -21.57
N MET E 34 -19.18 25.49 -20.55
CA MET E 34 -18.93 24.39 -19.63
C MET E 34 -19.52 24.69 -18.27
N ASN E 35 -20.01 23.65 -17.59
CA ASN E 35 -20.35 23.76 -16.19
C ASN E 35 -20.15 22.41 -15.50
N ILE E 36 -20.00 22.47 -14.18
CA ILE E 36 -19.57 21.35 -13.37
C ILE E 36 -20.47 21.25 -12.15
N ASP E 37 -20.83 20.02 -11.78
CA ASP E 37 -21.48 19.72 -10.51
C ASP E 37 -20.54 18.81 -9.72
N ILE E 38 -19.98 19.34 -8.63
CA ILE E 38 -19.00 18.60 -7.84
C ILE E 38 -19.74 17.63 -6.93
N ALA E 39 -19.45 16.34 -7.07
CA ALA E 39 -20.06 15.33 -6.22
C ALA E 39 -19.31 15.14 -4.91
N SER E 40 -17.98 15.18 -4.96
CA SER E 40 -17.18 14.98 -3.74
C SER E 40 -15.72 15.30 -4.06
N ILE E 41 -14.99 15.71 -3.01
CA ILE E 41 -13.54 15.78 -3.01
C ILE E 41 -13.07 14.79 -1.95
N ASP E 42 -12.27 13.81 -2.36
CA ASP E 42 -12.07 12.60 -1.56
C ASP E 42 -10.79 12.63 -0.74
N MET E 43 -9.63 12.76 -1.40
CA MET E 43 -8.33 12.49 -0.76
C MET E 43 -7.35 13.61 -1.09
N VAL E 44 -7.31 14.63 -0.23
CA VAL E 44 -6.28 15.66 -0.32
C VAL E 44 -5.04 15.11 0.36
N SER E 45 -4.02 14.80 -0.42
CA SER E 45 -2.82 14.12 0.05
C SER E 45 -1.62 15.05 -0.02
N GLU E 46 -0.94 15.21 1.12
CA GLU E 46 0.33 15.95 1.13
C GLU E 46 1.48 15.09 0.67
N VAL E 47 1.41 13.77 0.87
CA VAL E 47 2.49 12.88 0.46
C VAL E 47 2.63 12.89 -1.05
N ASN E 48 1.52 12.72 -1.77
CA ASN E 48 1.52 12.70 -3.22
C ASN E 48 1.30 14.07 -3.84
N MET E 49 0.94 15.08 -3.05
CA MET E 49 0.72 16.44 -3.54
C MET E 49 -0.33 16.47 -4.65
N ASP E 50 -1.50 15.92 -4.34
CA ASP E 50 -2.61 15.91 -5.29
C ASP E 50 -3.92 15.77 -4.53
N TYR E 51 -5.01 15.89 -5.26
CA TYR E 51 -6.34 15.71 -4.70
C TYR E 51 -7.24 15.02 -5.72
N THR E 52 -8.19 14.25 -5.22
CA THR E 52 -9.16 13.53 -6.03
C THR E 52 -10.50 14.24 -6.02
N LEU E 53 -11.18 14.25 -7.16
CA LEU E 53 -12.39 15.03 -7.34
C LEU E 53 -13.31 14.31 -8.31
N THR E 54 -14.54 14.06 -7.89
CA THR E 54 -15.58 13.46 -8.72
C THR E 54 -16.60 14.53 -9.11
N MET E 55 -17.02 14.53 -10.36
CA MET E 55 -17.86 15.60 -10.87
C MET E 55 -18.70 15.12 -12.03
N TYR E 56 -19.79 15.85 -12.27
CA TYR E 56 -20.56 15.79 -13.51
C TYR E 56 -20.16 16.99 -14.35
N PHE E 57 -19.57 16.73 -15.50
CA PHE E 57 -18.95 17.74 -16.36
C PHE E 57 -19.77 17.83 -17.64
N GLN E 58 -20.41 18.98 -17.86
CA GLN E 58 -21.32 19.17 -18.99
C GLN E 58 -20.79 20.29 -19.89
N GLN E 59 -20.88 20.04 -21.20
CA GLN E 59 -20.47 20.99 -22.23
C GLN E 59 -21.64 21.21 -23.17
N TYR E 60 -21.88 22.48 -23.52
CA TYR E 60 -22.97 22.89 -24.40
C TYR E 60 -22.39 23.60 -25.61
N TRP E 61 -22.86 23.22 -26.80
CA TRP E 61 -22.43 23.95 -27.99
C TRP E 61 -23.48 23.80 -29.08
N ARG E 62 -23.58 24.82 -29.94
CA ARG E 62 -24.57 24.81 -31.01
C ARG E 62 -23.97 24.22 -32.27
N ASP E 63 -24.69 23.27 -32.87
CA ASP E 63 -24.31 22.64 -34.13
C ASP E 63 -25.49 22.75 -35.08
N LYS E 64 -25.35 23.56 -36.12
CA LYS E 64 -26.44 23.76 -37.06
C LYS E 64 -26.74 22.52 -37.89
N ARG E 65 -25.77 21.60 -38.02
CA ARG E 65 -26.02 20.36 -38.74
C ARG E 65 -27.10 19.52 -38.07
N LEU E 66 -27.25 19.64 -36.75
CA LEU E 66 -28.14 18.79 -35.97
C LEU E 66 -29.47 19.46 -35.65
N ALA E 67 -29.77 20.61 -36.24
CA ALA E 67 -31.05 21.27 -36.00
C ALA E 67 -32.18 20.46 -36.63
N TYR E 68 -33.29 20.36 -35.90
CA TYR E 68 -34.47 19.64 -36.37
C TYR E 68 -35.72 20.43 -35.99
N SER E 69 -36.80 20.15 -36.72
CA SER E 69 -38.08 20.81 -36.52
C SER E 69 -39.20 19.77 -36.47
N GLY E 70 -40.39 20.23 -36.09
CA GLY E 70 -41.54 19.36 -35.98
C GLY E 70 -41.70 18.78 -34.59
N ILE E 71 -40.66 18.14 -34.08
CA ILE E 71 -40.68 17.55 -32.75
C ILE E 71 -40.52 18.68 -31.73
N PRO E 72 -41.44 18.91 -30.81
CA PRO E 72 -41.32 20.04 -29.89
C PRO E 72 -40.58 19.76 -28.60
N LEU E 73 -39.90 18.62 -28.48
CA LEU E 73 -39.24 18.21 -27.24
C LEU E 73 -37.75 17.94 -27.49
N ASN E 74 -36.98 18.05 -26.42
CA ASN E 74 -35.55 17.78 -26.47
C ASN E 74 -35.29 16.27 -26.52
N LEU E 75 -34.43 15.84 -27.43
CA LEU E 75 -34.20 14.43 -27.67
C LEU E 75 -32.97 13.97 -26.89
N THR E 76 -33.19 13.19 -25.85
CA THR E 76 -32.10 12.54 -25.12
C THR E 76 -31.81 11.21 -25.80
N LEU E 77 -30.64 11.12 -26.45
CA LEU E 77 -30.30 9.95 -27.23
C LEU E 77 -29.45 8.99 -26.42
N ASP E 78 -29.35 7.75 -26.91
CA ASP E 78 -28.48 6.77 -26.29
C ASP E 78 -27.05 7.25 -26.33
N ASN E 79 -26.29 6.95 -25.27
CA ASN E 79 -24.96 7.52 -25.11
C ASN E 79 -24.00 7.09 -26.22
N ARG E 80 -24.26 5.96 -26.87
CA ARG E 80 -23.36 5.48 -27.92
C ARG E 80 -23.35 6.40 -29.15
N VAL E 81 -24.34 7.28 -29.29
CA VAL E 81 -24.35 8.23 -30.41
C VAL E 81 -23.25 9.28 -30.28
N ALA E 82 -22.65 9.42 -29.10
CA ALA E 82 -21.55 10.38 -28.92
C ALA E 82 -20.38 10.05 -29.82
N ASP E 83 -20.17 8.76 -30.12
CA ASP E 83 -19.09 8.38 -31.02
C ASP E 83 -19.37 8.77 -32.47
N GLN E 84 -20.62 9.08 -32.81
CA GLN E 84 -21.01 9.46 -34.16
C GLN E 84 -21.13 10.96 -34.36
N LEU E 85 -20.72 11.77 -33.37
CA LEU E 85 -20.84 13.21 -33.42
C LEU E 85 -19.51 13.86 -33.06
N TRP E 86 -19.27 15.04 -33.61
CA TRP E 86 -18.13 15.83 -33.19
C TRP E 86 -18.33 16.31 -31.76
N VAL E 87 -17.26 16.25 -30.97
CA VAL E 87 -17.24 16.80 -29.61
C VAL E 87 -15.94 17.55 -29.41
N PRO E 88 -15.91 18.49 -28.46
CA PRO E 88 -14.66 19.24 -28.24
C PRO E 88 -13.56 18.34 -27.71
N ASP E 89 -12.32 18.70 -28.04
CA ASP E 89 -11.15 17.97 -27.58
C ASP E 89 -10.64 18.50 -26.24
N THR E 90 -11.55 18.56 -25.27
CA THR E 90 -11.22 19.12 -23.97
C THR E 90 -10.37 18.16 -23.16
N TYR E 91 -9.42 18.71 -22.41
CA TYR E 91 -8.61 17.91 -21.52
C TYR E 91 -8.17 18.76 -20.33
N PHE E 92 -7.72 18.07 -19.29
CA PHE E 92 -7.31 18.69 -18.04
C PHE E 92 -5.78 18.72 -17.98
N LEU E 93 -5.22 19.92 -17.83
CA LEU E 93 -3.78 20.09 -17.98
C LEU E 93 -3.02 19.51 -16.80
N ASN E 94 -3.50 19.70 -15.58
CA ASN E 94 -2.84 19.23 -14.37
C ASN E 94 -3.40 17.89 -13.88
N ASP E 95 -3.91 17.08 -14.79
CA ASP E 95 -4.43 15.76 -14.46
C ASP E 95 -3.29 14.74 -14.42
N LYS E 96 -3.30 13.89 -13.39
CA LYS E 96 -2.38 12.77 -13.27
C LYS E 96 -3.05 11.45 -13.63
N LYS E 97 -4.32 11.29 -13.28
CA LYS E 97 -5.05 10.06 -13.57
C LYS E 97 -6.54 10.38 -13.51
N SER E 98 -7.29 9.89 -14.49
CA SER E 98 -8.72 10.15 -14.55
C SER E 98 -9.38 9.08 -15.40
N PHE E 99 -10.69 8.90 -15.19
CA PHE E 99 -11.46 7.97 -16.00
C PHE E 99 -12.94 8.34 -15.90
N VAL E 100 -13.71 7.78 -16.83
CA VAL E 100 -15.17 7.89 -16.84
C VAL E 100 -15.75 6.63 -16.22
N HIS E 101 -16.69 6.80 -15.31
CA HIS E 101 -17.35 5.67 -14.69
C HIS E 101 -18.13 4.88 -15.72
N GLY E 102 -18.14 3.55 -15.59
CA GLY E 102 -18.65 2.66 -16.63
C GLY E 102 -19.60 1.58 -16.17
N VAL E 103 -20.31 1.81 -15.06
CA VAL E 103 -21.30 0.88 -14.52
C VAL E 103 -22.59 1.66 -14.31
N THR E 104 -23.74 1.13 -14.76
CA THR E 104 -23.94 -0.12 -15.50
C THR E 104 -23.46 -0.01 -16.95
N VAL E 105 -23.57 1.19 -17.50
CA VAL E 105 -23.05 1.49 -18.83
C VAL E 105 -22.12 2.70 -18.68
N LYS E 106 -21.55 3.15 -19.80
CA LYS E 106 -20.72 4.34 -19.76
C LYS E 106 -21.57 5.55 -19.35
N ASN E 107 -21.16 6.21 -18.27
CA ASN E 107 -21.94 7.31 -17.71
C ASN E 107 -21.69 8.55 -18.58
N ARG E 108 -22.50 8.65 -19.63
CA ARG E 108 -22.35 9.64 -20.67
C ARG E 108 -23.73 10.02 -21.15
N MET E 109 -23.91 11.31 -21.47
CA MET E 109 -25.20 11.87 -21.83
C MET E 109 -25.07 12.69 -23.11
N ILE E 110 -25.97 12.45 -24.05
CA ILE E 110 -26.10 13.25 -25.27
C ILE E 110 -27.55 13.70 -25.37
N ARG E 111 -27.77 15.00 -25.41
CA ARG E 111 -29.10 15.59 -25.56
C ARG E 111 -29.07 16.64 -26.66
N LEU E 112 -30.00 16.51 -27.60
CA LEU E 112 -30.17 17.47 -28.69
C LEU E 112 -31.40 18.31 -28.44
N HIS E 113 -31.38 19.52 -28.98
CA HIS E 113 -32.46 20.49 -28.87
C HIS E 113 -32.88 20.93 -30.27
N PRO E 114 -34.11 21.46 -30.43
CA PRO E 114 -34.59 21.77 -31.79
C PRO E 114 -33.72 22.77 -32.54
N ASP E 115 -33.08 23.71 -31.84
CA ASP E 115 -32.27 24.72 -32.50
C ASP E 115 -30.86 24.25 -32.84
N GLY E 116 -30.52 23.01 -32.52
CA GLY E 116 -29.21 22.46 -32.81
C GLY E 116 -28.26 22.42 -31.64
N THR E 117 -28.68 22.88 -30.46
CA THR E 117 -27.81 22.82 -29.30
C THR E 117 -27.58 21.38 -28.86
N VAL E 118 -26.34 21.07 -28.53
CA VAL E 118 -25.91 19.75 -28.08
C VAL E 118 -25.39 19.90 -26.66
N LEU E 119 -25.95 19.09 -25.76
CA LEU E 119 -25.47 18.94 -24.40
C LEU E 119 -24.77 17.59 -24.29
N TYR E 120 -23.51 17.62 -23.84
CA TYR E 120 -22.66 16.45 -23.72
C TYR E 120 -22.15 16.38 -22.29
N GLY E 121 -22.55 15.34 -21.57
CA GLY E 121 -22.25 15.21 -20.15
C GLY E 121 -21.46 13.96 -19.85
N LEU E 122 -20.53 14.06 -18.90
CA LEU E 122 -19.70 12.94 -18.48
C LEU E 122 -19.52 12.95 -16.98
N ARG E 123 -19.56 11.78 -16.34
CA ARG E 123 -19.23 11.64 -14.93
C ARG E 123 -17.76 11.25 -14.83
N ILE E 124 -16.93 12.16 -14.32
CA ILE E 124 -15.48 12.03 -14.35
C ILE E 124 -14.96 12.13 -12.93
N THR E 125 -14.06 11.21 -12.56
CA THR E 125 -13.27 11.33 -11.35
C THR E 125 -11.81 11.51 -11.76
N THR E 126 -11.18 12.53 -11.18
CA THR E 126 -9.86 13.00 -11.61
C THR E 126 -8.97 13.21 -10.39
N THR E 127 -7.72 12.74 -10.52
CA THR E 127 -6.66 13.09 -9.57
C THR E 127 -5.84 14.21 -10.20
N ALA E 128 -5.73 15.33 -9.50
CA ALA E 128 -5.09 16.54 -10.02
C ALA E 128 -3.99 16.96 -9.07
N ALA E 129 -2.86 17.38 -9.64
CA ALA E 129 -1.71 17.80 -8.86
C ALA E 129 -2.00 19.12 -8.15
N CYS E 130 -1.48 19.25 -6.93
CA CYS E 130 -1.60 20.48 -6.15
C CYS E 130 -0.36 20.57 -5.27
N MET E 131 0.60 21.39 -5.69
CA MET E 131 1.83 21.58 -4.91
C MET E 131 1.51 22.47 -3.72
N MET E 132 1.77 21.96 -2.52
CA MET E 132 1.38 22.60 -1.27
C MET E 132 2.60 23.15 -0.56
N ASP E 133 2.49 24.41 -0.11
CA ASP E 133 3.51 25.04 0.72
C ASP E 133 3.18 24.75 2.19
N LEU E 134 4.02 23.92 2.83
CA LEU E 134 3.75 23.44 4.18
C LEU E 134 4.59 24.17 5.24
N ARG E 135 4.98 25.41 4.96
CA ARG E 135 5.76 26.16 5.94
C ARG E 135 4.97 26.44 7.21
N ARG E 136 3.68 26.77 7.07
CA ARG E 136 2.81 27.06 8.20
C ARG E 136 1.99 25.85 8.63
N TYR E 137 2.38 24.65 8.19
CA TYR E 137 1.62 23.45 8.52
C TYR E 137 1.66 23.22 10.04
N PRO E 138 0.54 22.85 10.67
CA PRO E 138 -0.82 22.56 10.21
C PRO E 138 -1.76 23.78 10.24
N LEU E 139 -1.19 24.98 10.31
CA LEU E 139 -1.97 26.23 10.30
C LEU E 139 -1.91 26.88 8.92
N ASP E 140 -1.94 26.07 7.87
CA ASP E 140 -1.70 26.50 6.50
C ASP E 140 -3.01 26.56 5.72
N GLU E 141 -2.96 27.30 4.61
CA GLU E 141 -4.04 27.40 3.65
C GLU E 141 -3.50 27.07 2.27
N GLN E 142 -4.23 26.24 1.54
CA GLN E 142 -3.79 25.72 0.25
C GLN E 142 -4.73 26.16 -0.86
N ASN E 143 -4.15 26.43 -2.03
CA ASN E 143 -4.90 26.80 -3.22
C ASN E 143 -4.73 25.69 -4.25
N CYS E 144 -5.81 24.96 -4.55
CA CYS E 144 -5.78 23.83 -5.46
C CYS E 144 -6.67 24.11 -6.65
N THR E 145 -6.16 23.89 -7.86
CA THR E 145 -6.80 24.31 -9.09
C THR E 145 -6.98 23.12 -10.04
N LEU E 146 -7.95 23.29 -10.94
CA LEU E 146 -8.20 22.39 -12.05
C LEU E 146 -8.21 23.24 -13.31
N GLU E 147 -7.33 22.93 -14.25
CA GLU E 147 -7.19 23.66 -15.50
C GLU E 147 -7.83 22.86 -16.63
N ILE E 148 -8.61 23.55 -17.46
CA ILE E 148 -9.33 22.96 -18.57
C ILE E 148 -8.87 23.66 -19.85
N GLU E 149 -8.46 22.89 -20.84
CA GLU E 149 -7.87 23.42 -22.06
C GLU E 149 -8.30 22.57 -23.25
N SER E 150 -8.08 23.13 -24.44
CA SER E 150 -8.31 22.44 -25.70
C SER E 150 -6.97 21.96 -26.25
N TYR E 151 -6.90 20.70 -26.66
CA TYR E 151 -5.62 20.11 -27.03
C TYR E 151 -5.07 20.72 -28.31
N GLY E 152 -5.91 20.82 -29.35
CA GLY E 152 -5.43 21.16 -30.68
C GLY E 152 -5.99 22.46 -31.26
N TYR E 153 -7.14 22.91 -30.78
CA TYR E 153 -7.80 24.07 -31.33
C TYR E 153 -7.35 25.35 -30.63
N THR E 154 -7.12 26.40 -31.41
CA THR E 154 -6.79 27.71 -30.89
C THR E 154 -8.07 28.53 -30.73
N THR E 155 -7.92 29.79 -30.33
CA THR E 155 -9.08 30.65 -30.14
C THR E 155 -9.79 30.96 -31.45
N ASP E 156 -9.13 30.77 -32.60
CA ASP E 156 -9.79 30.96 -33.88
C ASP E 156 -10.82 29.88 -34.18
N ASP E 157 -10.77 28.75 -33.47
CA ASP E 157 -11.65 27.61 -33.72
C ASP E 157 -12.63 27.33 -32.60
N ILE E 158 -12.20 27.42 -31.34
CA ILE E 158 -13.05 27.13 -30.19
C ILE E 158 -12.85 28.22 -29.14
N GLU E 159 -13.95 28.62 -28.51
CA GLU E 159 -13.95 29.53 -27.38
C GLU E 159 -14.59 28.85 -26.18
N PHE E 160 -14.01 29.05 -25.00
CA PHE E 160 -14.54 28.54 -23.75
C PHE E 160 -15.17 29.66 -22.93
N TYR E 161 -16.18 29.31 -22.15
CA TYR E 161 -16.74 30.24 -21.18
C TYR E 161 -17.53 29.45 -20.15
N TRP E 162 -17.66 30.04 -18.96
CA TRP E 162 -18.47 29.47 -17.89
C TRP E 162 -19.91 29.94 -18.09
N ARG E 163 -20.79 29.01 -18.49
CA ARG E 163 -22.18 29.36 -18.69
C ARG E 163 -22.88 29.47 -17.34
N GLY E 164 -23.63 30.55 -17.15
CA GLY E 164 -24.18 30.89 -15.85
C GLY E 164 -23.28 31.73 -14.98
N GLY E 165 -22.09 32.08 -15.46
CA GLY E 165 -21.22 32.96 -14.70
C GLY E 165 -20.73 32.29 -13.43
N ASP E 166 -20.90 33.00 -12.31
CA ASP E 166 -20.42 32.49 -11.02
C ASP E 166 -21.16 31.23 -10.58
N LYS E 167 -22.37 31.00 -11.10
CA LYS E 167 -23.16 29.83 -10.73
C LYS E 167 -22.87 28.62 -11.61
N ALA E 168 -21.82 28.66 -12.43
CA ALA E 168 -21.51 27.53 -13.29
C ALA E 168 -21.15 26.30 -12.48
N VAL E 169 -20.35 26.46 -11.44
CA VAL E 169 -19.92 25.35 -10.59
C VAL E 169 -20.88 25.25 -9.41
N THR E 170 -21.36 24.03 -9.15
CA THR E 170 -22.39 23.78 -8.15
C THR E 170 -21.96 22.62 -7.27
N GLY E 171 -22.40 22.65 -6.01
CA GLY E 171 -22.17 21.59 -5.07
C GLY E 171 -20.96 21.76 -4.17
N VAL E 172 -20.27 22.89 -4.25
CA VAL E 172 -19.09 23.10 -3.41
C VAL E 172 -19.48 23.23 -1.95
N GLU E 173 -20.62 23.88 -1.67
CA GLU E 173 -21.02 24.14 -0.30
C GLU E 173 -21.42 22.88 0.46
N ARG E 174 -21.78 21.81 -0.24
CA ARG E 174 -22.24 20.57 0.39
C ARG E 174 -21.11 19.58 0.65
N ILE E 175 -19.86 19.93 0.35
CA ILE E 175 -18.74 19.02 0.56
C ILE E 175 -18.30 19.10 2.01
N GLU E 176 -18.04 17.94 2.61
CA GLU E 176 -17.55 17.84 3.99
C GLU E 176 -16.24 17.05 3.97
N LEU E 177 -15.13 17.75 4.03
CA LEU E 177 -13.82 17.11 4.17
C LEU E 177 -13.47 16.97 5.65
N PRO E 178 -12.93 15.84 6.11
CA PRO E 178 -12.67 15.70 7.55
C PRO E 178 -11.54 16.58 8.05
N GLN E 179 -10.54 16.86 7.21
CA GLN E 179 -9.36 17.60 7.62
C GLN E 179 -9.33 19.04 7.14
N PHE E 180 -10.12 19.40 6.13
CA PHE E 180 -10.13 20.73 5.54
C PHE E 180 -11.54 21.29 5.54
N SER E 181 -11.62 22.61 5.37
CA SER E 181 -12.87 23.31 5.13
C SER E 181 -12.69 24.21 3.92
N ILE E 182 -13.64 24.17 2.99
CA ILE E 182 -13.55 24.94 1.77
C ILE E 182 -13.97 26.37 2.09
N VAL E 183 -13.02 27.30 2.00
CA VAL E 183 -13.28 28.69 2.32
C VAL E 183 -13.90 29.43 1.14
N GLU E 184 -13.37 29.19 -0.06
CA GLU E 184 -13.82 29.91 -1.24
C GLU E 184 -13.49 29.07 -2.47
N HIS E 185 -14.22 29.34 -3.55
CA HIS E 185 -13.91 28.80 -4.86
C HIS E 185 -14.11 29.89 -5.90
N ARG E 186 -13.30 29.83 -6.96
CA ARG E 186 -13.27 30.85 -8.00
C ARG E 186 -13.22 30.19 -9.37
N LEU E 187 -13.86 30.86 -10.34
CA LEU E 187 -13.82 30.49 -11.75
C LEU E 187 -13.09 31.59 -12.51
N VAL E 188 -12.18 31.18 -13.40
CA VAL E 188 -11.40 32.11 -14.22
C VAL E 188 -11.44 31.63 -15.66
N SER E 189 -11.59 32.57 -16.59
CA SER E 189 -11.54 32.29 -18.02
C SER E 189 -10.52 33.22 -18.65
N ARG E 190 -9.61 32.67 -19.46
CA ARG E 190 -8.57 33.49 -20.07
C ARG E 190 -8.06 32.80 -21.33
N ASN E 191 -7.11 33.44 -21.99
CA ASN E 191 -6.46 32.93 -23.19
C ASN E 191 -4.96 32.91 -22.96
N VAL E 192 -4.37 31.73 -23.07
CA VAL E 192 -2.94 31.55 -22.87
C VAL E 192 -2.26 31.68 -24.22
N VAL E 193 -0.99 32.10 -24.20
CA VAL E 193 -0.17 32.22 -25.41
C VAL E 193 1.02 31.28 -25.22
N PHE E 194 0.85 30.04 -25.66
CA PHE E 194 1.92 29.05 -25.64
C PHE E 194 2.82 29.13 -26.86
N ALA E 195 2.31 29.67 -27.96
CA ALA E 195 3.05 29.78 -29.21
C ALA E 195 2.42 30.93 -30.00
N THR E 196 2.68 30.98 -31.30
CA THR E 196 2.07 32.00 -32.15
C THR E 196 0.59 31.70 -32.33
N GLY E 197 -0.20 31.93 -31.28
CA GLY E 197 -1.62 31.65 -31.30
C GLY E 197 -2.18 31.49 -29.90
N ALA E 198 -3.37 32.04 -29.67
CA ALA E 198 -4.00 32.01 -28.36
C ALA E 198 -4.86 30.77 -28.19
N TYR E 199 -4.79 30.18 -27.00
CA TYR E 199 -5.52 28.96 -26.65
C TYR E 199 -6.48 29.26 -25.50
N PRO E 200 -7.75 28.83 -25.57
CA PRO E 200 -8.65 29.10 -24.45
C PRO E 200 -8.27 28.31 -23.21
N ARG E 201 -8.63 28.84 -22.05
CA ARG E 201 -8.31 28.20 -20.78
C ARG E 201 -9.39 28.57 -19.77
N LEU E 202 -9.85 27.57 -19.02
CA LEU E 202 -10.71 27.77 -17.86
C LEU E 202 -10.01 27.20 -16.63
N SER E 203 -10.27 27.80 -15.48
CA SER E 203 -9.63 27.39 -14.24
C SER E 203 -10.65 27.43 -13.11
N LEU E 204 -10.75 26.32 -12.38
CA LEU E 204 -11.57 26.21 -11.17
C LEU E 204 -10.63 26.04 -9.99
N SER E 205 -10.58 27.04 -9.11
CA SER E 205 -9.69 27.01 -7.96
C SER E 205 -10.51 26.96 -6.68
N PHE E 206 -9.97 26.24 -5.68
CA PHE E 206 -10.51 26.19 -4.33
C PHE E 206 -9.43 26.59 -3.34
N ARG E 207 -9.86 27.24 -2.27
CA ARG E 207 -8.98 27.58 -1.15
C ARG E 207 -9.41 26.77 0.07
N LEU E 208 -8.50 25.92 0.57
CA LEU E 208 -8.77 25.01 1.66
C LEU E 208 -8.01 25.46 2.90
N LYS E 209 -8.71 25.47 4.04
CA LYS E 209 -8.12 25.79 5.33
C LYS E 209 -8.12 24.54 6.21
N ARG E 210 -6.95 24.21 6.74
CA ARG E 210 -6.80 22.99 7.52
C ARG E 210 -7.44 23.13 8.90
N ASN E 211 -8.05 22.05 9.38
CA ASN E 211 -8.62 22.03 10.72
C ASN E 211 -7.55 21.71 11.75
N ILE E 212 -7.51 22.51 12.82
CA ILE E 212 -6.49 22.36 13.86
C ILE E 212 -6.88 21.36 14.94
N GLY E 213 -8.14 20.92 14.98
CA GLY E 213 -8.61 20.12 16.10
C GLY E 213 -7.87 18.81 16.26
N TYR E 214 -7.60 18.13 15.14
CA TYR E 214 -6.90 16.86 15.19
C TYR E 214 -5.49 17.03 15.76
N PHE E 215 -4.78 18.07 15.31
CA PHE E 215 -3.39 18.25 15.73
C PHE E 215 -3.31 18.67 17.19
N ILE E 216 -4.30 19.39 17.69
CA ILE E 216 -4.32 19.77 19.11
C ILE E 216 -4.32 18.53 19.98
N LEU E 217 -5.11 17.53 19.62
CA LEU E 217 -5.13 16.28 20.38
C LEU E 217 -3.90 15.43 20.11
N GLN E 218 -3.37 15.47 18.89
CA GLN E 218 -2.33 14.51 18.51
C GLN E 218 -0.94 14.96 18.97
N THR E 219 -0.60 16.22 18.78
CA THR E 219 0.76 16.72 18.93
C THR E 219 0.91 17.76 20.03
N TYR E 220 0.09 18.82 20.02
CA TYR E 220 0.34 19.96 20.88
C TYR E 220 0.14 19.60 22.36
N MET E 221 -0.99 18.98 22.69
CA MET E 221 -1.28 18.69 24.10
C MET E 221 -0.29 17.70 24.70
N PRO E 222 0.07 16.58 24.04
CA PRO E 222 1.13 15.74 24.62
C PRO E 222 2.45 16.45 24.86
N SER E 223 2.87 17.32 23.94
CA SER E 223 4.13 18.03 24.14
C SER E 223 4.04 19.01 25.30
N ILE E 224 2.92 19.73 25.41
CA ILE E 224 2.73 20.65 26.53
C ILE E 224 2.73 19.89 27.85
N LEU E 225 2.06 18.75 27.88
CA LEU E 225 1.96 17.98 29.12
C LEU E 225 3.30 17.37 29.50
N ILE E 226 4.10 16.95 28.52
CA ILE E 226 5.44 16.46 28.81
C ILE E 226 6.31 17.59 29.33
N THR E 227 6.17 18.79 28.76
CA THR E 227 6.94 19.93 29.25
C THR E 227 6.56 20.26 30.68
N ILE E 228 5.27 20.21 31.00
CA ILE E 228 4.83 20.46 32.38
C ILE E 228 5.36 19.36 33.30
N LEU E 229 5.46 18.13 32.82
CA LEU E 229 5.95 17.03 33.64
C LEU E 229 7.38 17.28 34.10
N SER E 230 8.20 17.92 33.28
CA SER E 230 9.61 18.14 33.64
C SER E 230 9.74 19.07 34.84
N TRP E 231 8.86 20.06 34.95
CA TRP E 231 8.97 21.04 36.03
C TRP E 231 8.82 20.41 37.41
N VAL E 232 8.22 19.21 37.49
CA VAL E 232 8.11 18.51 38.77
C VAL E 232 9.49 18.24 39.36
N SER E 233 10.52 18.17 38.51
CA SER E 233 11.88 17.98 39.02
C SER E 233 12.29 19.11 39.95
N PHE E 234 11.81 20.34 39.73
CA PHE E 234 12.25 21.46 40.53
C PHE E 234 11.77 21.39 41.97
N TRP E 235 10.75 20.58 42.26
CA TRP E 235 10.20 20.48 43.61
C TRP E 235 10.81 19.35 44.43
N ILE E 236 11.81 18.64 43.90
CA ILE E 236 12.46 17.52 44.58
C ILE E 236 13.81 18.00 45.08
N ASN E 237 14.27 17.42 46.18
CA ASN E 237 15.53 17.84 46.79
C ASN E 237 16.71 17.55 45.86
N TYR E 238 17.75 18.38 45.99
CA TYR E 238 18.91 18.27 45.10
C TYR E 238 19.61 16.93 45.25
N ASP E 239 19.62 16.36 46.45
CA ASP E 239 20.39 15.14 46.70
C ASP E 239 19.72 13.90 46.11
N ALA E 240 18.46 13.96 45.71
CA ALA E 240 17.78 12.84 45.08
C ALA E 240 18.13 12.83 43.60
N SER E 241 19.37 12.39 43.31
CA SER E 241 19.87 12.45 41.95
C SER E 241 19.15 11.46 41.04
N ALA E 242 18.82 10.27 41.55
CA ALA E 242 18.20 9.25 40.71
C ALA E 242 16.84 9.71 40.21
N ALA E 243 16.03 10.28 41.10
CA ALA E 243 14.67 10.68 40.72
C ALA E 243 14.69 11.81 39.69
N ARG E 244 15.44 12.86 39.97
CA ARG E 244 15.46 14.02 39.08
C ARG E 244 16.08 13.67 37.73
N VAL E 245 17.16 12.89 37.74
CA VAL E 245 17.78 12.49 36.48
C VAL E 245 16.83 11.59 35.68
N ALA E 246 16.14 10.68 36.35
CA ALA E 246 15.18 9.83 35.65
C ALA E 246 14.09 10.67 35.01
N LEU E 247 13.55 11.64 35.76
CA LEU E 247 12.51 12.52 35.24
C LEU E 247 13.00 13.28 34.00
N GLY E 248 14.17 13.92 34.10
CA GLY E 248 14.67 14.70 32.99
C GLY E 248 14.99 13.85 31.77
N ILE E 249 15.65 12.72 31.97
CA ILE E 249 16.00 11.84 30.86
C ILE E 249 14.75 11.33 30.18
N THR E 250 13.75 10.93 30.96
CA THR E 250 12.50 10.45 30.38
C THR E 250 11.84 11.54 29.54
N THR E 251 11.79 12.76 30.06
CA THR E 251 11.13 13.84 29.34
C THR E 251 11.85 14.15 28.02
N VAL E 252 13.18 14.27 28.05
CA VAL E 252 13.89 14.62 26.83
C VAL E 252 13.79 13.50 25.80
N LEU E 253 13.89 12.24 26.23
CA LEU E 253 13.80 11.14 25.28
C LEU E 253 12.40 11.04 24.69
N THR E 254 11.37 11.28 25.50
CA THR E 254 10.01 11.24 24.97
C THR E 254 9.79 12.36 23.95
N MET E 255 10.32 13.56 24.23
CA MET E 255 10.19 14.63 23.26
C MET E 255 10.90 14.28 21.95
N THR E 256 12.09 13.69 22.04
CA THR E 256 12.80 13.28 20.85
C THR E 256 12.02 12.24 20.06
N THR E 257 11.43 11.26 20.75
CA THR E 257 10.67 10.23 20.07
C THR E 257 9.44 10.81 19.38
N ILE E 258 8.75 11.74 20.05
CA ILE E 258 7.57 12.36 19.44
C ILE E 258 7.97 13.12 18.18
N ASN E 259 9.05 13.91 18.28
CA ASN E 259 9.50 14.69 17.12
C ASN E 259 9.88 13.78 15.96
N THR E 260 10.61 12.70 16.24
CA THR E 260 11.01 11.79 15.18
C THR E 260 9.80 11.08 14.57
N HIS E 261 8.86 10.64 15.40
CA HIS E 261 7.73 9.87 14.91
C HIS E 261 6.78 10.72 14.07
N LEU E 262 6.60 11.99 14.43
CA LEU E 262 5.60 12.81 13.74
C LEU E 262 5.96 13.03 12.27
N ARG E 263 7.23 13.27 11.97
CA ARG E 263 7.62 13.75 10.64
C ARG E 263 7.67 12.66 9.58
N GLU E 264 7.50 11.39 9.94
CA GLU E 264 7.63 10.31 8.98
C GLU E 264 6.40 10.15 8.08
N THR E 265 5.28 10.77 8.42
CA THR E 265 4.04 10.62 7.66
C THR E 265 3.81 11.79 6.70
N LEU E 266 4.88 12.38 6.19
CA LEU E 266 4.80 13.57 5.34
C LEU E 266 5.94 13.51 4.34
N PRO E 267 5.85 14.27 3.25
CA PRO E 267 6.96 14.25 2.28
C PRO E 267 8.22 14.86 2.87
N LYS E 268 9.36 14.43 2.32
CA LYS E 268 10.67 14.84 2.84
C LYS E 268 11.03 16.25 2.36
N ILE E 269 10.24 17.21 2.80
CA ILE E 269 10.45 18.61 2.45
C ILE E 269 11.68 19.11 3.20
N PRO E 270 12.48 20.03 2.63
CA PRO E 270 13.74 20.41 3.27
C PRO E 270 13.64 21.52 4.31
N TYR E 271 12.50 22.20 4.43
CA TYR E 271 12.38 23.37 5.27
C TYR E 271 11.65 23.04 6.56
N VAL E 272 11.64 24.00 7.48
CA VAL E 272 11.09 23.83 8.82
C VAL E 272 9.63 24.27 8.83
N LYS E 273 8.77 23.41 9.36
CA LYS E 273 7.35 23.69 9.48
C LYS E 273 7.04 24.34 10.82
N ALA E 274 5.78 24.76 10.98
CA ALA E 274 5.37 25.40 12.23
C ALA E 274 5.34 24.39 13.38
N ILE E 275 4.91 23.16 13.11
CA ILE E 275 4.89 22.14 14.15
C ILE E 275 6.31 21.81 14.60
N ASP E 276 7.26 21.84 13.67
CA ASP E 276 8.65 21.57 14.02
C ASP E 276 9.18 22.63 14.98
N MET E 277 8.79 23.89 14.77
CA MET E 277 9.22 24.96 15.68
C MET E 277 8.71 24.70 17.10
N TYR E 278 7.44 24.33 17.23
CA TYR E 278 6.88 24.07 18.55
C TYR E 278 7.56 22.89 19.22
N LEU E 279 7.78 21.81 18.48
CA LEU E 279 8.42 20.64 19.06
C LEU E 279 9.86 20.95 19.47
N MET E 280 10.58 21.73 18.65
CA MET E 280 11.94 22.10 19.00
C MET E 280 11.97 22.98 20.24
N GLY E 281 11.01 23.90 20.37
CA GLY E 281 10.94 24.71 21.57
C GLY E 281 10.68 23.88 22.81
N CYS E 282 9.75 22.92 22.72
CA CYS E 282 9.50 22.05 23.85
C CYS E 282 10.72 21.22 24.21
N PHE E 283 11.43 20.72 23.20
CA PHE E 283 12.66 19.97 23.45
C PHE E 283 13.69 20.82 24.16
N VAL E 284 13.87 22.07 23.71
CA VAL E 284 14.82 22.96 24.36
C VAL E 284 14.43 23.20 25.80
N PHE E 285 13.12 23.33 26.07
CA PHE E 285 12.67 23.55 27.45
C PHE E 285 13.01 22.37 28.35
N VAL E 286 12.70 21.14 27.89
CA VAL E 286 12.99 19.99 28.75
C VAL E 286 14.50 19.78 28.90
N PHE E 287 15.26 20.06 27.84
CA PHE E 287 16.71 19.94 27.92
C PHE E 287 17.29 20.92 28.93
N LEU E 288 16.80 22.16 28.92
CA LEU E 288 17.24 23.13 29.91
C LEU E 288 16.81 22.73 31.31
N ALA E 289 15.64 22.10 31.44
CA ALA E 289 15.22 21.62 32.76
C ALA E 289 16.18 20.58 33.31
N LEU E 290 16.64 19.66 32.45
CA LEU E 290 17.62 18.68 32.92
C LEU E 290 18.97 19.32 33.22
N LEU E 291 19.42 20.24 32.36
CA LEU E 291 20.67 20.93 32.61
C LEU E 291 20.62 21.77 33.88
N GLU E 292 19.43 22.20 34.29
CA GLU E 292 19.29 22.92 35.56
C GLU E 292 19.73 22.05 36.72
N TYR E 293 19.23 20.80 36.78
CA TYR E 293 19.66 19.94 37.87
C TYR E 293 21.12 19.56 37.72
N ALA E 294 21.60 19.38 36.49
CA ALA E 294 23.03 19.10 36.31
C ALA E 294 23.88 20.23 36.90
N PHE E 295 23.48 21.46 36.63
CA PHE E 295 24.20 22.62 37.18
C PHE E 295 24.11 22.66 38.69
N VAL E 296 22.94 22.38 39.25
CA VAL E 296 22.77 22.42 40.71
C VAL E 296 23.66 21.37 41.37
N ASN E 297 23.64 20.15 40.84
CA ASN E 297 24.46 19.07 41.38
C ASN E 297 25.94 19.40 41.28
N TYR E 298 26.36 19.93 40.13
CA TYR E 298 27.76 20.31 39.98
C TYR E 298 28.15 21.40 40.97
N ILE E 299 27.30 22.41 41.13
CA ILE E 299 27.59 23.51 42.05
C ILE E 299 27.79 22.97 43.46
N PHE E 300 26.83 22.16 43.93
CA PHE E 300 26.95 21.59 45.27
C PHE E 300 28.21 20.73 45.39
N PHE E 301 28.27 19.62 44.66
CA PHE E 301 29.31 18.61 44.86
C PHE E 301 30.64 18.96 44.21
N GLY E 302 30.83 20.18 43.69
CA GLY E 302 32.11 20.59 43.16
C GLY E 302 32.51 22.01 43.54
N ARG E 303 31.69 22.70 44.34
CA ARG E 303 32.09 23.99 44.90
C ARG E 303 31.74 24.12 46.38
N GLY E 304 31.12 23.12 47.01
CA GLY E 304 30.91 23.14 48.42
C GLY E 304 32.19 22.91 49.22
N PRO E 305 32.92 21.84 48.91
CA PRO E 305 34.21 21.62 49.61
C PRO E 305 35.19 22.76 49.44
N GLN E 306 35.26 23.36 48.25
CA GLN E 306 36.19 24.45 48.03
C GLN E 306 35.76 25.71 48.77
N ARG E 307 34.47 26.04 48.72
CA ARG E 307 33.99 27.23 49.41
C ARG E 307 34.12 27.07 50.92
N GLN E 308 33.80 25.89 51.44
CA GLN E 308 33.96 25.65 52.88
C GLN E 308 35.43 25.75 53.28
N LYS E 309 36.33 25.20 52.46
CA LYS E 309 37.76 25.32 52.74
C LYS E 309 38.21 26.77 52.70
N LYS E 310 37.71 27.54 51.73
CA LYS E 310 38.10 28.94 51.62
C LYS E 310 37.63 29.74 52.82
N LEU E 311 36.41 29.48 53.29
CA LEU E 311 35.88 30.19 54.45
C LEU E 311 36.56 29.72 55.73
N ILE E 408 18.41 37.40 38.70
CA ILE E 408 18.94 36.04 38.78
C ILE E 408 19.10 35.64 40.25
N PRO E 409 19.16 34.32 40.52
CA PRO E 409 19.28 33.88 41.92
C PRO E 409 20.73 33.87 42.40
N ASP E 410 20.93 33.58 43.68
CA ASP E 410 22.27 33.47 44.23
C ASP E 410 22.87 32.14 43.79
N LEU E 411 23.98 32.21 43.04
CA LEU E 411 24.57 31.01 42.48
C LEU E 411 25.15 30.08 43.54
N THR E 412 25.41 30.58 44.75
CA THR E 412 25.96 29.73 45.80
C THR E 412 24.91 28.83 46.43
N ASP E 413 23.64 29.27 46.46
CA ASP E 413 22.58 28.53 47.13
C ASP E 413 21.85 27.66 46.11
N VAL E 414 21.84 26.35 46.36
CA VAL E 414 21.14 25.44 45.46
C VAL E 414 19.64 25.63 45.54
N ASN E 415 19.12 25.91 46.73
CA ASN E 415 17.68 26.08 46.89
C ASN E 415 17.18 27.32 46.17
N ALA E 416 17.97 28.39 46.18
CA ALA E 416 17.59 29.60 45.48
C ALA E 416 17.46 29.35 43.98
N ILE E 417 18.39 28.58 43.41
CA ILE E 417 18.32 28.25 41.99
C ILE E 417 17.05 27.45 41.70
N ASP E 418 16.71 26.50 42.57
CA ASP E 418 15.51 25.71 42.36
C ASP E 418 14.26 26.58 42.39
N ARG E 419 14.16 27.46 43.39
CA ARG E 419 12.98 28.33 43.49
C ARG E 419 12.88 29.27 42.29
N TRP E 420 14.03 29.80 41.86
CA TRP E 420 14.05 30.66 40.68
C TRP E 420 13.56 29.90 39.45
N SER E 421 13.98 28.64 39.31
CA SER E 421 13.50 27.81 38.21
C SER E 421 12.00 27.60 38.31
N ARG E 422 11.49 27.34 39.53
CA ARG E 422 10.06 27.15 39.73
C ARG E 422 9.27 28.35 39.24
N ILE E 423 9.75 29.55 39.56
CA ILE E 423 9.05 30.75 39.12
C ILE E 423 9.20 30.95 37.61
N VAL E 424 10.40 30.72 37.08
CA VAL E 424 10.74 31.24 35.76
C VAL E 424 10.33 30.31 34.63
N PHE E 425 10.44 28.99 34.80
CA PHE E 425 10.15 28.08 33.70
C PHE E 425 8.71 28.17 33.21
N PRO E 426 7.69 28.11 34.08
CA PRO E 426 6.32 28.31 33.58
C PRO E 426 6.09 29.65 32.91
N PHE E 427 6.68 30.72 33.46
CA PHE E 427 6.49 32.04 32.88
C PHE E 427 7.08 32.11 31.46
N THR E 428 8.30 31.59 31.30
CA THR E 428 8.94 31.61 29.99
C THR E 428 8.19 30.72 29.01
N PHE E 429 7.70 29.56 29.46
CA PHE E 429 6.93 28.71 28.57
C PHE E 429 5.64 29.37 28.13
N SER E 430 4.96 30.06 29.04
CA SER E 430 3.73 30.77 28.68
C SER E 430 4.03 31.89 27.69
N LEU E 431 5.13 32.62 27.91
CA LEU E 431 5.50 33.68 26.97
C LEU E 431 5.80 33.10 25.60
N PHE E 432 6.52 31.97 25.55
CA PHE E 432 6.81 31.33 24.26
C PHE E 432 5.53 30.90 23.57
N ASN E 433 4.57 30.33 24.33
CA ASN E 433 3.31 29.93 23.73
C ASN E 433 2.56 31.14 23.18
N LEU E 434 2.55 32.24 23.92
CA LEU E 434 1.88 33.45 23.45
C LEU E 434 2.49 33.94 22.15
N VAL E 435 3.82 34.03 22.10
CA VAL E 435 4.48 34.53 20.90
C VAL E 435 4.25 33.58 19.73
N TYR E 436 4.25 32.27 19.98
CA TYR E 436 4.04 31.31 18.92
C TYR E 436 2.63 31.40 18.35
N TRP E 437 1.62 31.39 19.22
CA TRP E 437 0.25 31.34 18.74
C TRP E 437 -0.19 32.68 18.15
N LEU E 438 0.35 33.79 18.64
CA LEU E 438 0.03 35.07 18.03
C LEU E 438 0.62 35.19 16.63
N TYR E 439 1.79 34.60 16.40
CA TYR E 439 2.46 34.75 15.11
C TYR E 439 1.75 33.97 14.01
N TYR E 440 1.36 32.72 14.29
CA TYR E 440 0.81 31.85 13.26
C TYR E 440 -0.71 32.00 13.11
N VAL E 441 -1.43 32.16 14.22
CA VAL E 441 -2.88 32.31 14.16
C VAL E 441 -3.22 33.74 13.78
#